data_8J80
#
_entry.id   8J80
#
_cell.length_a   1.00
_cell.length_b   1.00
_cell.length_c   1.00
_cell.angle_alpha   90.00
_cell.angle_beta   90.00
_cell.angle_gamma   90.00
#
_symmetry.space_group_name_H-M   'P 1'
#
loop_
_entity.id
_entity.type
_entity.pdbx_description
1 polymer 'Zinc transporter 7'
2 polymer 'Light chain of YN7114-08 Fab'
3 polymer 'Heavy chain of YN7114-08 Fab'
4 non-polymer 'ZINC ION'
#
loop_
_entity_poly.entity_id
_entity_poly.type
_entity_poly.pdbx_seq_one_letter_code
_entity_poly.pdbx_strand_id
1 'polypeptide(L)'
;MGGVAMPGAEDDVVMLPLSIKDDEYKPPKFNLFGKISGWFRSILSDKTSRNLFFFLCLNLSFAFVELLYGIWSNCLGLIS
DSFHMFFDSTAILAGLAASVISKWRDNDAFSYGYVRAEVLAGFVNGLFLIFTAFFIFSEGVERALAPPDVHHERLLLVSI
LGFVVNLIGIFVFKHGGHGHSHGSGHGHSHSLFNGALDQAHGHVDHCHSHEVKHGAAHSHDHAHGHGHFHSHDGPSLKET
TGPSRQILQGVFLHILADTLGSIGVIASAIMMQNFGLMIADPICSILIAILIVVSVIPLLRESVGILMQRTPPLLENSLP
QCYQRVQQLQGVYSLQEQHFWTLCSDVYVGTLKLIVAPDADARWILSQTHNIFTQAGVRQLYVQIDFAAM
;
A,B
2 'polypeptide(L)'
;DIVLTQSPASLAVSLRRRATISCRASESVDGYGHSFMHWYQQKSGQPPKLLIYRASNLESGVPARFSGSGSRTDFTLTID
PVEADDAATYYCQQSNEDPYTFGSGTKLEIKRADAAPTVSIFPPSSEQLTSGGASVVCFLNNFYPKDINVKWKIDGSERQ
NGVLNSWTDQDSKDSTYSMSSTLTLTKDEYERHNSYTCEATHKTSTSPIVKSFNRNEC
;
C,D
3 'polypeptide(L)'
;EVQLQESGPGLVAPSQSLSITCTVSGFSLTNYAVHWVRQSPGKGLEWLGVIWSNGRTDYNAAFISRLSISKDNSKSQVFF
KMNSLQADDTAIYYCARKLAYEGAMDYWGQGTSVTVSSAKTTPPSVYPLAPGSAAQTNSMVTLGCLVKGYFPEPVTVTWN
SGSLSSGVHTFPAVLQSDLYTLSSSVTVPSSTWPSETVTCNVAHPASSTKVDKKIVPRDCGCKPCICTVPEVSS
;
E,F
#
loop_
_chem_comp.id
_chem_comp.type
_chem_comp.name
_chem_comp.formula
ZN non-polymer 'ZINC ION' 'Zn 2'
#
# COMPACT_ATOMS: atom_id res chain seq x y z
N ILE A 36 17.51 38.74 -25.91
CA ILE A 36 18.63 38.48 -26.81
C ILE A 36 19.93 38.97 -26.19
N SER A 37 19.83 40.04 -25.39
CA SER A 37 21.01 40.54 -24.70
C SER A 37 21.53 39.52 -23.70
N GLY A 38 20.63 38.85 -22.97
CA GLY A 38 21.03 37.80 -22.06
C GLY A 38 21.39 36.49 -22.72
N TRP A 39 21.10 36.35 -24.02
CA TRP A 39 21.41 35.11 -24.72
C TRP A 39 22.91 34.91 -24.86
N PHE A 40 23.66 36.00 -25.05
CA PHE A 40 25.10 35.90 -25.22
C PHE A 40 25.80 35.57 -23.91
N ARG A 41 25.24 36.02 -22.79
CA ARG A 41 25.87 35.76 -21.49
C ARG A 41 25.83 34.27 -21.15
N SER A 42 24.79 33.57 -21.57
CA SER A 42 24.73 32.13 -21.34
C SER A 42 25.75 31.38 -22.21
N ILE A 43 26.01 31.90 -23.41
CA ILE A 43 26.92 31.23 -24.34
C ILE A 43 28.34 31.25 -23.77
N LEU A 44 28.81 32.42 -23.33
CA LEU A 44 30.17 32.54 -22.80
C LEU A 44 30.30 32.02 -21.37
N SER A 45 29.20 31.67 -20.72
CA SER A 45 29.29 31.12 -19.37
C SER A 45 29.78 29.67 -19.41
N ASP A 46 29.06 28.82 -20.15
CA ASP A 46 29.47 27.43 -20.27
C ASP A 46 30.72 27.31 -21.14
N LYS A 47 31.58 26.36 -20.79
CA LYS A 47 32.84 26.19 -21.51
C LYS A 47 32.60 25.74 -22.95
N THR A 48 31.80 24.69 -23.13
CA THR A 48 31.62 24.11 -24.46
C THR A 48 30.91 25.08 -25.41
N SER A 49 29.88 25.77 -24.92
CA SER A 49 29.19 26.74 -25.75
C SER A 49 30.10 27.90 -26.14
N ARG A 50 30.92 28.37 -25.20
CA ARG A 50 31.86 29.44 -25.53
C ARG A 50 32.90 28.98 -26.55
N ASN A 51 33.40 27.76 -26.41
CA ASN A 51 34.36 27.23 -27.38
C ASN A 51 33.74 27.12 -28.76
N LEU A 52 32.49 26.62 -28.84
CA LEU A 52 31.79 26.55 -30.11
C LEU A 52 31.61 27.93 -30.72
N PHE A 53 31.23 28.90 -29.89
CA PHE A 53 31.00 30.26 -30.39
C PHE A 53 32.30 30.88 -30.90
N PHE A 54 33.40 30.68 -30.19
CA PHE A 54 34.68 31.23 -30.63
C PHE A 54 35.16 30.59 -31.92
N PHE A 55 34.99 29.26 -32.04
CA PHE A 55 35.37 28.60 -33.29
C PHE A 55 34.50 29.06 -34.45
N LEU A 56 33.20 29.24 -34.20
CA LEU A 56 32.31 29.77 -35.24
C LEU A 56 32.72 31.17 -35.66
N CYS A 57 33.09 32.02 -34.69
CA CYS A 57 33.53 33.37 -35.02
C CYS A 57 34.81 33.35 -35.84
N LEU A 58 35.74 32.45 -35.51
CA LEU A 58 36.96 32.32 -36.30
C LEU A 58 36.64 31.86 -37.72
N ASN A 59 35.71 30.91 -37.86
CA ASN A 59 35.29 30.47 -39.18
C ASN A 59 34.68 31.61 -39.98
N LEU A 60 33.87 32.45 -39.33
CA LEU A 60 33.25 33.58 -40.02
C LEU A 60 34.27 34.64 -40.40
N SER A 61 35.30 34.85 -39.56
CA SER A 61 36.37 35.76 -39.93
C SER A 61 37.11 35.26 -41.17
N PHE A 62 37.40 33.96 -41.21
CA PHE A 62 38.00 33.38 -42.41
C PHE A 62 37.06 33.51 -43.61
N ALA A 63 35.74 33.43 -43.37
CA ALA A 63 34.78 33.62 -44.45
C ALA A 63 34.84 35.03 -45.02
N PHE A 64 34.96 36.03 -44.16
CA PHE A 64 35.12 37.41 -44.65
C PHE A 64 36.42 37.58 -45.44
N VAL A 65 37.51 36.99 -44.93
CA VAL A 65 38.78 37.08 -45.64
C VAL A 65 38.66 36.47 -47.02
N GLU A 66 38.04 35.29 -47.12
CA GLU A 66 37.88 34.68 -48.44
C GLU A 66 36.94 35.51 -49.29
N LEU A 67 35.91 36.11 -48.68
CA LEU A 67 34.94 36.86 -49.47
C LEU A 67 35.62 38.01 -50.20
N LEU A 68 36.52 38.72 -49.51
CA LEU A 68 37.37 39.68 -50.20
C LEU A 68 38.24 39.00 -51.26
N TYR A 69 38.89 37.90 -50.86
CA TYR A 69 39.88 37.24 -51.73
C TYR A 69 39.24 36.71 -53.01
N GLY A 70 37.94 36.45 -52.97
CA GLY A 70 37.19 35.86 -54.06
C GLY A 70 36.43 36.87 -54.90
N ILE A 71 35.94 37.95 -54.28
CA ILE A 71 35.47 39.08 -55.08
C ILE A 71 36.63 39.85 -55.68
N TRP A 72 37.87 39.42 -55.43
CA TRP A 72 39.02 39.89 -56.19
C TRP A 72 39.31 39.04 -57.43
N SER A 73 38.26 38.47 -58.04
CA SER A 73 38.30 37.81 -59.36
C SER A 73 39.01 36.45 -59.31
N ASN A 74 38.78 35.67 -58.26
CA ASN A 74 39.17 34.27 -58.21
C ASN A 74 37.99 33.39 -57.81
N CYS A 75 36.82 33.68 -58.38
CA CYS A 75 35.57 33.13 -57.85
C CYS A 75 35.48 31.61 -58.03
N LEU A 76 35.97 31.11 -59.17
CA LEU A 76 35.65 29.78 -59.70
C LEU A 76 35.80 28.63 -58.69
N GLY A 77 36.83 28.66 -57.87
CA GLY A 77 36.98 27.63 -56.85
C GLY A 77 36.86 28.17 -55.45
N LEU A 78 37.30 29.42 -55.27
CA LEU A 78 37.29 30.04 -53.96
C LEU A 78 35.88 30.15 -53.40
N ILE A 79 34.92 30.58 -54.23
CA ILE A 79 33.58 30.85 -53.72
C ILE A 79 32.90 29.54 -53.33
N SER A 80 33.13 28.46 -54.10
CA SER A 80 32.62 27.15 -53.70
C SER A 80 33.25 26.68 -52.41
N ASP A 81 34.55 26.91 -52.24
CA ASP A 81 35.22 26.57 -50.98
C ASP A 81 34.60 27.35 -49.82
N SER A 82 34.29 28.63 -50.05
CA SER A 82 33.68 29.45 -49.01
C SER A 82 32.31 28.94 -48.65
N PHE A 83 31.55 28.47 -49.63
CA PHE A 83 30.19 28.04 -49.32
C PHE A 83 30.19 26.68 -48.63
N HIS A 84 31.14 25.81 -48.97
CA HIS A 84 31.32 24.58 -48.21
C HIS A 84 31.76 24.87 -46.77
N MET A 85 32.62 25.86 -46.57
CA MET A 85 33.05 26.14 -45.21
C MET A 85 32.03 27.04 -44.47
N PHE A 86 31.15 27.69 -45.21
CA PHE A 86 29.95 28.27 -44.60
C PHE A 86 29.05 27.16 -44.11
N PHE A 87 29.01 26.04 -44.83
CA PHE A 87 28.28 24.87 -44.37
C PHE A 87 28.92 24.30 -43.12
N ASP A 88 30.25 24.35 -43.07
CA ASP A 88 31.01 24.00 -41.87
C ASP A 88 30.56 24.86 -40.70
N SER A 89 30.48 26.17 -40.93
CA SER A 89 29.97 27.08 -39.90
C SER A 89 28.52 26.77 -39.55
N THR A 90 27.73 26.30 -40.51
CA THR A 90 26.35 25.91 -40.23
C THR A 90 26.31 24.72 -39.26
N ALA A 91 27.18 23.74 -39.47
CA ALA A 91 27.27 22.62 -38.53
C ALA A 91 27.70 23.08 -37.15
N ILE A 92 28.68 24.00 -37.10
CA ILE A 92 29.10 24.55 -35.81
C ILE A 92 27.95 25.29 -35.13
N LEU A 93 27.17 26.03 -35.92
CA LEU A 93 26.01 26.74 -35.37
C LEU A 93 24.97 25.77 -34.84
N ALA A 94 24.77 24.65 -35.54
CA ALA A 94 23.84 23.64 -35.05
C ALA A 94 24.30 23.07 -33.72
N GLY A 95 25.60 22.78 -33.59
CA GLY A 95 26.12 22.30 -32.31
C GLY A 95 25.97 23.32 -31.20
N LEU A 96 26.26 24.59 -31.50
CA LEU A 96 26.15 25.65 -30.50
C LEU A 96 24.70 25.84 -30.06
N ALA A 97 23.77 25.82 -31.03
CA ALA A 97 22.36 25.95 -30.70
C ALA A 97 21.88 24.78 -29.85
N ALA A 98 22.33 23.56 -30.17
CA ALA A 98 21.96 22.41 -29.36
C ALA A 98 22.48 22.55 -27.94
N SER A 99 23.72 23.02 -27.78
CA SER A 99 24.28 23.23 -26.45
C SER A 99 23.49 24.26 -25.66
N VAL A 100 23.08 25.35 -26.31
CA VAL A 100 22.31 26.38 -25.61
C VAL A 100 20.93 25.84 -25.24
N ILE A 101 20.29 25.13 -26.15
CA ILE A 101 18.91 24.69 -25.95
C ILE A 101 18.83 23.58 -24.89
N SER A 102 19.86 22.72 -24.80
CA SER A 102 19.82 21.63 -23.83
C SER A 102 19.70 22.10 -22.39
N LYS A 103 20.13 23.33 -22.09
CA LYS A 103 20.07 23.86 -20.73
C LYS A 103 18.73 24.52 -20.41
N TRP A 104 17.79 24.53 -21.35
CA TRP A 104 16.51 25.18 -21.12
C TRP A 104 15.70 24.44 -20.06
N ARG A 105 14.84 25.18 -19.38
CA ARG A 105 14.04 24.62 -18.30
C ARG A 105 12.91 23.77 -18.87
N ASP A 106 12.58 22.68 -18.18
CA ASP A 106 11.52 21.81 -18.64
C ASP A 106 10.16 22.47 -18.45
N ASN A 107 9.21 22.12 -19.31
CA ASN A 107 7.89 22.73 -19.27
C ASN A 107 6.80 21.68 -19.43
N ASP A 108 5.57 22.11 -19.66
CA ASP A 108 4.46 21.17 -19.81
C ASP A 108 4.63 20.32 -21.08
N ALA A 109 5.03 20.95 -22.18
CA ALA A 109 5.21 20.23 -23.43
C ALA A 109 6.49 19.40 -23.42
N PHE A 110 7.54 19.91 -22.80
CA PHE A 110 8.84 19.24 -22.74
C PHE A 110 9.13 18.90 -21.29
N SER A 111 8.62 17.73 -20.87
CA SER A 111 8.71 17.33 -19.47
C SER A 111 10.12 16.89 -19.09
N TYR A 112 10.85 16.30 -20.03
CA TYR A 112 12.20 15.87 -19.77
C TYR A 112 13.21 16.97 -20.07
N GLY A 113 12.75 18.17 -20.34
CA GLY A 113 13.60 19.27 -20.71
C GLY A 113 13.83 19.32 -22.20
N TYR A 114 14.98 19.84 -22.61
CA TYR A 114 15.38 19.89 -24.00
C TYR A 114 16.71 19.18 -24.22
N VAL A 115 17.01 18.21 -23.36
CA VAL A 115 18.32 17.56 -23.36
C VAL A 115 18.52 16.66 -24.57
N ARG A 116 17.44 16.22 -25.21
CA ARG A 116 17.57 15.36 -26.38
C ARG A 116 18.20 16.08 -27.55
N ALA A 117 18.20 17.43 -27.52
CA ALA A 117 18.93 18.21 -28.52
C ALA A 117 20.42 17.92 -28.48
N GLU A 118 20.93 17.47 -27.34
CA GLU A 118 22.31 16.99 -27.29
C GLU A 118 22.48 15.75 -28.15
N VAL A 119 21.52 14.83 -28.08
CA VAL A 119 21.61 13.60 -28.86
C VAL A 119 21.34 13.89 -30.33
N LEU A 120 20.28 14.65 -30.61
CA LEU A 120 19.87 14.91 -31.99
C LEU A 120 20.98 15.58 -32.78
N ALA A 121 21.65 16.57 -32.18
CA ALA A 121 22.80 17.19 -32.81
C ALA A 121 23.85 16.14 -33.19
N GLY A 122 24.21 15.28 -32.23
CA GLY A 122 25.15 14.22 -32.54
C GLY A 122 24.66 13.31 -33.65
N PHE A 123 23.35 13.12 -33.73
CA PHE A 123 22.81 12.40 -34.87
C PHE A 123 23.01 13.19 -36.15
N VAL A 124 22.55 14.44 -36.17
CA VAL A 124 22.51 15.21 -37.41
C VAL A 124 23.91 15.52 -37.90
N ASN A 125 24.84 15.79 -36.97
CA ASN A 125 26.23 16.00 -37.34
C ASN A 125 26.83 14.73 -37.94
N GLY A 126 26.46 13.57 -37.40
CA GLY A 126 27.01 12.33 -37.94
C GLY A 126 26.53 12.04 -39.33
N LEU A 127 25.21 12.04 -39.52
CA LEU A 127 24.62 11.77 -40.83
C LEU A 127 25.13 12.74 -41.87
N PHE A 128 25.22 14.03 -41.52
CA PHE A 128 25.74 15.01 -42.47
C PHE A 128 27.14 14.65 -42.92
N LEU A 129 27.98 14.18 -42.00
CA LEU A 129 29.32 13.77 -42.38
C LEU A 129 29.27 12.65 -43.41
N ILE A 130 28.38 11.67 -43.21
CA ILE A 130 28.18 10.63 -44.21
C ILE A 130 27.84 11.26 -45.55
N PHE A 131 26.94 12.25 -45.53
CA PHE A 131 26.61 13.01 -46.73
C PHE A 131 27.86 13.59 -47.36
N THR A 132 28.68 14.30 -46.58
CA THR A 132 29.88 14.90 -47.16
C THR A 132 30.83 13.82 -47.67
N ALA A 133 30.81 12.64 -47.06
CA ALA A 133 31.66 11.57 -47.55
C ALA A 133 31.31 11.23 -48.99
N PHE A 134 30.01 11.16 -49.30
CA PHE A 134 29.59 10.93 -50.68
C PHE A 134 30.07 12.06 -51.57
N PHE A 135 30.05 13.30 -51.05
CA PHE A 135 30.55 14.42 -51.84
C PHE A 135 32.03 14.28 -52.13
N ILE A 136 32.78 13.63 -51.23
CA ILE A 136 34.19 13.39 -51.54
C ILE A 136 34.33 12.17 -52.44
N PHE A 137 33.35 11.27 -52.43
CA PHE A 137 33.42 10.09 -53.27
C PHE A 137 33.08 10.41 -54.71
N SER A 138 31.87 10.93 -54.95
CA SER A 138 31.41 11.19 -56.32
C SER A 138 32.31 12.19 -57.02
N GLU A 139 32.54 13.35 -56.40
CA GLU A 139 33.47 14.32 -56.97
C GLU A 139 34.84 13.70 -57.19
N GLY A 140 35.22 12.73 -56.34
CA GLY A 140 36.49 12.04 -56.54
C GLY A 140 36.57 11.38 -57.90
N VAL A 141 35.52 10.64 -58.30
CA VAL A 141 35.60 10.01 -59.61
C VAL A 141 35.44 11.05 -60.71
N GLU A 142 34.90 12.23 -60.37
CA GLU A 142 34.89 13.34 -61.31
C GLU A 142 36.31 13.73 -61.69
N ARG A 143 37.27 13.50 -60.80
CA ARG A 143 38.67 13.73 -61.08
C ARG A 143 39.42 12.44 -61.44
N ALA A 144 38.73 11.29 -61.44
CA ALA A 144 39.43 10.03 -61.66
C ALA A 144 39.40 9.56 -63.10
N LEU A 145 38.19 9.31 -63.61
CA LEU A 145 38.04 8.81 -65.00
C LEU A 145 38.07 10.00 -65.97
N ALA A 146 37.79 11.21 -65.48
CA ALA A 146 37.74 12.40 -66.35
C ALA A 146 39.14 13.02 -66.44
N PRO A 147 39.78 13.04 -67.63
CA PRO A 147 41.10 13.68 -67.80
C PRO A 147 41.17 15.17 -67.42
N PRO A 148 40.19 16.05 -67.73
CA PRO A 148 40.32 17.48 -67.44
C PRO A 148 40.71 17.71 -65.97
N ASP A 149 41.79 18.46 -65.74
CA ASP A 149 42.25 18.77 -64.37
C ASP A 149 42.19 20.28 -64.15
N VAL A 150 41.23 20.95 -64.80
CA VAL A 150 41.10 22.43 -64.67
C VAL A 150 41.10 22.72 -63.17
N HIS A 151 41.93 23.68 -62.74
CA HIS A 151 42.06 23.93 -61.28
C HIS A 151 42.68 25.31 -61.05
N HIS A 152 42.05 26.10 -60.19
CA HIS A 152 42.60 27.39 -59.83
C HIS A 152 42.58 27.54 -58.31
N GLU A 153 43.08 26.52 -57.61
CA GLU A 153 43.39 26.68 -56.19
C GLU A 153 44.34 27.86 -56.02
N ARG A 154 44.08 28.66 -54.98
CA ARG A 154 44.72 29.97 -54.92
C ARG A 154 46.17 29.85 -54.47
N LEU A 155 46.98 29.16 -55.28
CA LEU A 155 48.42 29.00 -55.08
C LEU A 155 48.73 28.39 -53.71
N LEU A 156 48.04 27.29 -53.43
CA LEU A 156 48.10 26.53 -52.18
C LEU A 156 48.22 27.41 -50.95
N LEU A 157 47.44 28.49 -50.90
CA LEU A 157 47.46 29.43 -49.78
C LEU A 157 46.23 29.29 -48.88
N VAL A 158 45.03 29.24 -49.47
CA VAL A 158 43.83 29.08 -48.66
C VAL A 158 43.78 27.71 -48.01
N SER A 159 44.32 26.69 -48.67
CA SER A 159 44.32 25.34 -48.09
C SER A 159 45.17 25.27 -46.84
N ILE A 160 46.35 25.91 -46.86
CA ILE A 160 47.23 25.88 -45.69
C ILE A 160 46.59 26.61 -44.51
N LEU A 161 45.99 27.77 -44.76
CA LEU A 161 45.32 28.51 -43.69
C LEU A 161 44.11 27.73 -43.17
N GLY A 162 43.36 27.09 -44.05
CA GLY A 162 42.26 26.26 -43.61
C GLY A 162 42.72 25.09 -42.76
N PHE A 163 43.86 24.48 -43.12
CA PHE A 163 44.40 23.42 -42.28
C PHE A 163 44.91 23.94 -40.95
N VAL A 164 45.44 25.16 -40.92
CA VAL A 164 45.81 25.76 -39.64
C VAL A 164 44.57 25.94 -38.76
N VAL A 165 43.48 26.43 -39.36
CA VAL A 165 42.21 26.55 -38.66
C VAL A 165 41.75 25.19 -38.14
N ASN A 166 41.91 24.15 -38.95
CA ASN A 166 41.53 22.81 -38.55
C ASN A 166 42.38 22.31 -37.39
N LEU A 167 43.67 22.66 -37.38
CA LEU A 167 44.52 22.29 -36.25
C LEU A 167 44.07 22.98 -34.96
N ILE A 168 43.72 24.27 -35.04
CA ILE A 168 43.17 24.94 -33.85
C ILE A 168 41.89 24.25 -33.41
N GLY A 169 41.03 23.87 -34.37
CA GLY A 169 39.78 23.23 -34.02
C GLY A 169 39.97 21.88 -33.34
N ILE A 170 40.89 21.07 -33.84
CA ILE A 170 41.14 19.76 -33.24
C ILE A 170 41.88 19.91 -31.92
N PHE A 171 42.61 21.02 -31.72
CA PHE A 171 43.26 21.26 -30.44
C PHE A 171 42.25 21.69 -29.38
N VAL A 172 41.28 22.53 -29.76
CA VAL A 172 40.32 23.04 -28.79
C VAL A 172 39.38 21.93 -28.31
N PHE A 173 38.93 21.07 -29.22
CA PHE A 173 37.92 20.06 -28.90
C PHE A 173 38.55 18.68 -28.73
N LYS A 174 39.71 18.60 -28.09
CA LYS A 174 40.38 17.30 -27.91
C LYS A 174 39.55 16.36 -27.04
N HIS A 175 38.73 16.91 -26.13
CA HIS A 175 37.86 16.08 -25.31
C HIS A 175 36.66 15.54 -26.08
N GLY A 176 36.43 16.01 -27.30
CA GLY A 176 35.32 15.50 -28.08
C GLY A 176 35.48 14.03 -28.45
N GLY A 177 36.69 13.63 -28.81
CA GLY A 177 36.95 12.26 -29.18
C GLY A 177 37.94 11.56 -28.27
N PRO A 243 24.33 18.58 -20.60
CA PRO A 243 24.66 17.49 -21.53
C PRO A 243 25.36 18.01 -22.78
N SER A 244 26.65 17.70 -22.92
CA SER A 244 27.45 18.15 -24.06
C SER A 244 28.36 17.04 -24.55
N ARG A 245 27.83 15.81 -24.64
CA ARG A 245 28.66 14.66 -25.01
C ARG A 245 28.62 14.40 -26.51
N GLN A 246 27.43 14.14 -27.05
CA GLN A 246 27.31 13.87 -28.48
C GLN A 246 27.48 15.13 -29.32
N ILE A 247 27.31 16.31 -28.73
CA ILE A 247 27.63 17.55 -29.43
C ILE A 247 29.14 17.65 -29.66
N LEU A 248 29.91 17.41 -28.60
CA LEU A 248 31.37 17.49 -28.71
C LEU A 248 31.92 16.39 -29.60
N GLN A 249 31.35 15.19 -29.51
CA GLN A 249 31.77 14.09 -30.37
C GLN A 249 31.56 14.44 -31.84
N GLY A 250 30.37 14.93 -32.18
CA GLY A 250 30.08 15.26 -33.56
C GLY A 250 30.92 16.42 -34.07
N VAL A 251 31.12 17.44 -33.23
CA VAL A 251 31.95 18.58 -33.63
C VAL A 251 33.39 18.15 -33.87
N PHE A 252 33.93 17.31 -32.97
CA PHE A 252 35.29 16.82 -33.15
C PHE A 252 35.42 15.97 -34.41
N LEU A 253 34.44 15.11 -34.66
CA LEU A 253 34.50 14.27 -35.87
C LEU A 253 34.42 15.11 -37.13
N HIS A 254 33.59 16.16 -37.11
CA HIS A 254 33.50 17.05 -38.26
C HIS A 254 34.82 17.78 -38.49
N ILE A 255 35.46 18.25 -37.41
CA ILE A 255 36.74 18.92 -37.54
C ILE A 255 37.79 17.96 -38.07
N LEU A 256 37.77 16.71 -37.61
CA LEU A 256 38.71 15.71 -38.09
C LEU A 256 38.50 15.38 -39.56
N ALA A 257 37.23 15.33 -39.99
CA ALA A 257 36.94 15.14 -41.40
C ALA A 257 37.48 16.29 -42.24
N ASP A 258 37.34 17.51 -41.73
CA ASP A 258 37.94 18.67 -42.37
C ASP A 258 39.45 18.54 -42.47
N THR A 259 40.10 18.09 -41.40
CA THR A 259 41.54 17.92 -41.40
C THR A 259 41.96 16.87 -42.42
N LEU A 260 41.21 15.78 -42.52
CA LEU A 260 41.49 14.76 -43.52
C LEU A 260 41.34 15.31 -44.93
N GLY A 261 40.31 16.13 -45.16
CA GLY A 261 40.15 16.75 -46.47
C GLY A 261 41.29 17.68 -46.82
N SER A 262 41.76 18.46 -45.84
CA SER A 262 42.92 19.32 -46.06
C SER A 262 44.17 18.50 -46.37
N ILE A 263 44.37 17.39 -45.64
CA ILE A 263 45.48 16.49 -45.94
C ILE A 263 45.36 15.98 -47.37
N GLY A 264 44.16 15.62 -47.79
CA GLY A 264 43.99 15.10 -49.14
C GLY A 264 44.34 16.10 -50.21
N VAL A 265 43.84 17.33 -50.08
CA VAL A 265 44.09 18.32 -51.12
C VAL A 265 45.56 18.74 -51.12
N ILE A 266 46.17 18.90 -49.94
CA ILE A 266 47.57 19.29 -49.87
C ILE A 266 48.45 18.18 -50.43
N ALA A 267 48.15 16.92 -50.09
CA ALA A 267 48.92 15.80 -50.62
C ALA A 267 48.81 15.70 -52.13
N SER A 268 47.60 15.89 -52.67
CA SER A 268 47.44 15.87 -54.13
C SER A 268 48.21 17.00 -54.79
N ALA A 269 48.19 18.19 -54.19
CA ALA A 269 48.91 19.32 -54.74
C ALA A 269 50.41 19.07 -54.74
N ILE A 270 50.93 18.46 -53.67
CA ILE A 270 52.35 18.17 -53.64
C ILE A 270 52.69 16.99 -54.55
N MET A 271 51.71 16.15 -54.85
CA MET A 271 51.94 15.04 -55.77
C MET A 271 52.08 15.54 -57.21
N MET A 272 51.13 16.37 -57.64
CA MET A 272 51.13 16.82 -59.07
C MET A 272 52.28 17.80 -59.31
N GLN A 273 52.71 18.53 -58.27
CA GLN A 273 53.77 19.51 -58.44
C GLN A 273 55.14 18.84 -58.58
N ASN A 274 55.51 18.01 -57.60
CA ASN A 274 56.85 17.44 -57.57
C ASN A 274 56.91 16.10 -58.27
N PHE A 275 56.12 15.13 -57.79
CA PHE A 275 56.14 13.79 -58.38
C PHE A 275 55.53 13.81 -59.78
N GLY A 276 54.54 14.66 -60.00
CA GLY A 276 53.94 14.84 -61.29
C GLY A 276 52.87 13.84 -61.67
N LEU A 277 52.58 12.85 -60.83
CA LEU A 277 51.52 11.90 -61.13
C LEU A 277 50.16 12.48 -60.73
N MET A 278 49.12 12.01 -61.42
CA MET A 278 47.77 12.49 -61.20
C MET A 278 46.86 11.50 -60.50
N ILE A 279 47.23 10.21 -60.45
CA ILE A 279 46.34 9.18 -59.91
C ILE A 279 46.23 9.23 -58.39
N ALA A 280 47.08 10.00 -57.71
CA ALA A 280 47.04 10.02 -56.25
C ALA A 280 45.81 10.77 -55.74
N ASP A 281 45.38 11.81 -56.43
CA ASP A 281 44.27 12.64 -55.94
C ASP A 281 42.96 11.86 -55.80
N PRO A 282 42.48 11.10 -56.79
CA PRO A 282 41.27 10.30 -56.54
C PRO A 282 41.44 9.27 -55.44
N ILE A 283 42.64 8.68 -55.34
CA ILE A 283 42.91 7.71 -54.29
C ILE A 283 42.84 8.36 -52.92
N CYS A 284 43.43 9.56 -52.79
CA CYS A 284 43.36 10.27 -51.52
C CYS A 284 41.92 10.65 -51.18
N SER A 285 41.14 11.06 -52.19
CA SER A 285 39.76 11.44 -51.94
C SER A 285 38.93 10.25 -51.46
N ILE A 286 39.07 9.10 -52.11
CA ILE A 286 38.27 7.94 -51.71
C ILE A 286 38.72 7.42 -50.35
N LEU A 287 40.03 7.47 -50.08
CA LEU A 287 40.51 7.05 -48.76
C LEU A 287 40.00 7.97 -47.67
N ILE A 288 39.95 9.28 -47.93
CA ILE A 288 39.41 10.22 -46.96
C ILE A 288 37.93 9.95 -46.72
N ALA A 289 37.18 9.64 -47.77
CA ALA A 289 35.77 9.31 -47.58
C ALA A 289 35.59 8.05 -46.72
N ILE A 290 36.42 7.03 -46.97
CA ILE A 290 36.35 5.81 -46.18
C ILE A 290 36.67 6.09 -44.71
N LEU A 291 37.72 6.89 -44.45
CA LEU A 291 38.09 7.20 -43.08
C LEU A 291 37.00 8.01 -42.39
N ILE A 292 36.36 8.93 -43.12
CA ILE A 292 35.27 9.72 -42.55
C ILE A 292 34.13 8.82 -42.12
N VAL A 293 33.71 7.89 -42.99
CA VAL A 293 32.60 7.00 -42.66
C VAL A 293 32.96 6.12 -41.48
N VAL A 294 34.19 5.57 -41.48
CA VAL A 294 34.61 4.68 -40.40
C VAL A 294 34.62 5.40 -39.07
N SER A 295 35.10 6.65 -39.05
CA SER A 295 35.12 7.41 -37.80
C SER A 295 33.71 7.75 -37.36
N VAL A 296 32.80 7.99 -38.30
CA VAL A 296 31.44 8.42 -37.95
C VAL A 296 30.63 7.27 -37.36
N ILE A 297 30.92 6.02 -37.79
CA ILE A 297 30.04 4.89 -37.45
C ILE A 297 29.71 4.77 -35.95
N PRO A 298 30.68 4.82 -35.01
CA PRO A 298 30.31 4.61 -33.59
C PRO A 298 29.36 5.65 -33.02
N LEU A 299 29.55 6.92 -33.35
CA LEU A 299 28.65 7.95 -32.86
C LEU A 299 27.24 7.74 -33.39
N LEU A 300 27.12 7.37 -34.66
CA LEU A 300 25.82 7.08 -35.24
C LEU A 300 25.16 5.90 -34.58
N ARG A 301 25.94 4.93 -34.17
CA ARG A 301 25.40 3.71 -33.52
C ARG A 301 24.86 4.07 -32.14
N GLU A 302 25.59 4.88 -31.40
CA GLU A 302 25.11 5.29 -30.09
C GLU A 302 23.87 6.19 -30.19
N SER A 303 23.88 7.14 -31.14
CA SER A 303 22.76 8.04 -31.30
C SER A 303 21.50 7.31 -31.74
N VAL A 304 21.63 6.38 -32.68
CA VAL A 304 20.48 5.60 -33.13
C VAL A 304 19.94 4.77 -31.97
N GLY A 305 20.84 4.14 -31.20
CA GLY A 305 20.38 3.35 -30.07
C GLY A 305 19.62 4.17 -29.04
N ILE A 306 20.10 5.38 -28.76
CA ILE A 306 19.41 6.25 -27.80
C ILE A 306 18.05 6.66 -28.35
N LEU A 307 18.00 7.07 -29.62
CA LEU A 307 16.74 7.52 -30.19
C LEU A 307 15.75 6.38 -30.45
N MET A 308 16.23 5.14 -30.50
CA MET A 308 15.36 3.99 -30.70
C MET A 308 14.83 3.42 -29.40
N GLN A 309 15.03 4.12 -28.28
CA GLN A 309 14.55 3.75 -26.95
C GLN A 309 15.17 2.45 -26.46
N ARG A 310 16.38 2.15 -26.93
CA ARG A 310 17.10 0.94 -26.58
C ARG A 310 17.58 1.00 -25.13
N THR A 311 17.80 -0.18 -24.56
CA THR A 311 18.42 -0.27 -23.26
C THR A 311 19.83 0.32 -23.32
N PRO A 312 20.21 1.13 -22.34
CA PRO A 312 21.59 1.68 -22.32
C PRO A 312 22.62 0.58 -22.31
N PRO A 313 23.65 0.68 -23.16
CA PRO A 313 24.67 -0.38 -23.20
C PRO A 313 25.44 -0.55 -21.91
N LEU A 314 25.72 0.55 -21.20
CA LEU A 314 26.44 0.48 -19.94
C LEU A 314 25.54 0.09 -18.78
N LEU A 315 24.27 -0.18 -19.06
CA LEU A 315 23.31 -0.65 -18.08
C LEU A 315 22.79 -2.05 -18.39
N GLU A 316 23.00 -2.55 -19.60
CA GLU A 316 22.41 -3.82 -20.02
C GLU A 316 23.01 -4.99 -19.25
N ASN A 317 24.32 -4.95 -18.98
CA ASN A 317 24.98 -6.07 -18.33
C ASN A 317 24.68 -6.17 -16.85
N SER A 318 24.26 -5.09 -16.21
CA SER A 318 23.93 -5.14 -14.79
C SER A 318 22.43 -5.31 -14.53
N LEU A 319 21.60 -5.19 -15.56
CA LEU A 319 20.15 -5.33 -15.36
C LEU A 319 19.71 -6.72 -14.87
N PRO A 320 20.19 -7.85 -15.39
CA PRO A 320 19.71 -9.14 -14.86
C PRO A 320 20.02 -9.35 -13.39
N GLN A 321 21.19 -8.92 -12.92
CA GLN A 321 21.50 -9.03 -11.49
C GLN A 321 20.56 -8.16 -10.67
N CYS A 322 20.23 -6.98 -11.16
CA CYS A 322 19.26 -6.13 -10.50
C CYS A 322 17.89 -6.79 -10.44
N TYR A 323 17.51 -7.48 -11.52
CA TYR A 323 16.25 -8.20 -11.56
C TYR A 323 16.21 -9.31 -10.52
N GLN A 324 17.29 -10.08 -10.40
CA GLN A 324 17.34 -11.13 -9.39
C GLN A 324 17.31 -10.55 -7.98
N ARG A 325 17.99 -9.41 -7.77
CA ARG A 325 17.99 -8.78 -6.46
C ARG A 325 16.61 -8.27 -6.07
N VAL A 326 15.88 -7.71 -7.03
CA VAL A 326 14.53 -7.26 -6.76
C VAL A 326 13.60 -8.45 -6.53
N GLN A 327 13.83 -9.54 -7.27
CA GLN A 327 13.05 -10.76 -7.09
C GLN A 327 13.29 -11.40 -5.73
N GLN A 328 14.48 -11.24 -5.17
CA GLN A 328 14.81 -11.78 -3.86
C GLN A 328 14.14 -11.04 -2.70
N LEU A 329 13.51 -9.90 -2.96
CA LEU A 329 12.91 -9.13 -1.88
C LEU A 329 11.69 -9.85 -1.32
N GLN A 330 11.58 -9.87 0.01
CA GLN A 330 10.51 -10.57 0.73
C GLN A 330 9.15 -10.06 0.30
N GLY A 331 8.34 -10.95 -0.27
CA GLY A 331 6.99 -10.59 -0.66
C GLY A 331 6.83 -10.17 -2.09
N VAL A 332 7.88 -10.16 -2.88
CA VAL A 332 7.79 -9.90 -4.30
C VAL A 332 7.50 -11.22 -5.01
N TYR A 333 6.43 -11.24 -5.81
CA TYR A 333 6.02 -12.41 -6.56
C TYR A 333 6.67 -12.46 -7.93
N SER A 334 6.61 -11.35 -8.69
CA SER A 334 7.17 -11.36 -10.04
C SER A 334 7.46 -9.94 -10.50
N LEU A 335 8.27 -9.88 -11.56
CA LEU A 335 8.63 -8.64 -12.25
C LEU A 335 8.04 -8.66 -13.65
N GLN A 336 7.60 -7.51 -14.14
CA GLN A 336 7.11 -7.43 -15.50
C GLN A 336 7.23 -6.01 -16.01
N GLU A 337 7.16 -5.90 -17.35
CA GLU A 337 7.11 -4.61 -18.06
C GLU A 337 8.32 -3.73 -17.73
N GLN A 338 9.49 -4.35 -17.62
CA GLN A 338 10.72 -3.63 -17.38
C GLN A 338 11.15 -2.88 -18.63
N HIS A 339 11.49 -1.60 -18.46
CA HIS A 339 11.85 -0.74 -19.58
C HIS A 339 12.90 0.26 -19.12
N PHE A 340 14.07 0.24 -19.75
CA PHE A 340 15.14 1.17 -19.42
C PHE A 340 15.64 1.82 -20.71
N TRP A 341 15.81 3.13 -20.67
CA TRP A 341 16.28 3.85 -21.84
C TRP A 341 17.17 5.01 -21.40
N THR A 342 17.85 5.57 -22.38
CA THR A 342 18.73 6.72 -22.21
C THR A 342 17.98 7.99 -22.56
N LEU A 343 17.96 8.95 -21.63
CA LEU A 343 17.40 10.26 -21.93
C LEU A 343 18.42 11.13 -22.65
N CYS A 344 19.51 11.45 -21.97
CA CYS A 344 20.69 12.04 -22.58
C CYS A 344 21.87 11.25 -22.07
N SER A 345 23.10 11.70 -22.33
CA SER A 345 24.27 10.95 -21.87
C SER A 345 24.27 10.82 -20.36
N ASP A 346 24.44 9.58 -19.89
CA ASP A 346 24.53 9.17 -18.49
C ASP A 346 23.22 9.26 -17.73
N VAL A 347 22.11 9.62 -18.37
CA VAL A 347 20.83 9.80 -17.69
C VAL A 347 19.88 8.71 -18.17
N TYR A 348 19.55 7.79 -17.28
CA TYR A 348 18.77 6.61 -17.60
C TYR A 348 17.42 6.64 -16.90
N VAL A 349 16.37 6.37 -17.66
CA VAL A 349 15.00 6.31 -17.16
C VAL A 349 14.58 4.84 -17.15
N GLY A 350 14.07 4.40 -16.01
CA GLY A 350 13.59 3.03 -15.89
C GLY A 350 12.19 2.98 -15.32
N THR A 351 11.44 1.98 -15.78
CA THR A 351 10.08 1.72 -15.33
C THR A 351 9.88 0.22 -15.20
N LEU A 352 9.19 -0.19 -14.14
CA LEU A 352 8.90 -1.60 -13.94
C LEU A 352 7.65 -1.75 -13.10
N LYS A 353 7.00 -2.90 -13.26
CA LYS A 353 5.86 -3.27 -12.44
C LYS A 353 6.19 -4.50 -11.63
N LEU A 354 5.97 -4.41 -10.33
CA LEU A 354 6.14 -5.51 -9.39
C LEU A 354 4.78 -6.06 -9.03
N ILE A 355 4.66 -7.38 -9.02
CA ILE A 355 3.56 -8.05 -8.34
C ILE A 355 4.08 -8.47 -6.97
N VAL A 356 3.31 -8.19 -5.93
CA VAL A 356 3.72 -8.51 -4.57
C VAL A 356 2.61 -9.28 -3.88
N ALA A 357 2.93 -9.80 -2.70
CA ALA A 357 1.94 -10.47 -1.87
C ALA A 357 0.82 -9.51 -1.48
N PRO A 358 -0.36 -10.04 -1.18
CA PRO A 358 -1.47 -9.17 -0.78
C PRO A 358 -1.24 -8.34 0.48
N ASP A 359 -0.31 -8.74 1.36
CA ASP A 359 -0.07 -8.03 2.61
C ASP A 359 1.38 -7.57 2.74
N ALA A 360 2.07 -7.39 1.62
CA ALA A 360 3.50 -7.09 1.64
C ALA A 360 3.78 -5.66 2.06
N ASP A 361 4.97 -5.45 2.61
CA ASP A 361 5.48 -4.14 2.99
C ASP A 361 5.87 -3.36 1.73
N ALA A 362 4.92 -2.63 1.17
CA ALA A 362 5.17 -1.93 -0.10
C ALA A 362 6.14 -0.77 0.07
N ARG A 363 6.10 -0.09 1.23
CA ARG A 363 7.07 0.97 1.51
C ARG A 363 8.49 0.44 1.45
N TRP A 364 8.72 -0.69 2.12
CA TRP A 364 10.07 -1.24 2.17
C TRP A 364 10.50 -1.79 0.81
N ILE A 365 9.58 -2.44 0.10
CA ILE A 365 9.89 -2.97 -1.23
C ILE A 365 10.24 -1.85 -2.19
N LEU A 366 9.51 -0.73 -2.09
CA LEU A 366 9.81 0.43 -2.93
C LEU A 366 11.17 1.01 -2.62
N SER A 367 11.49 1.17 -1.33
CA SER A 367 12.79 1.72 -0.97
C SER A 367 13.93 0.80 -1.42
N GLN A 368 13.73 -0.51 -1.31
CA GLN A 368 14.77 -1.45 -1.72
C GLN A 368 14.95 -1.49 -3.22
N THR A 369 13.87 -1.46 -3.99
CA THR A 369 13.97 -1.44 -5.44
C THR A 369 14.67 -0.16 -5.91
N HIS A 370 14.35 0.96 -5.29
CA HIS A 370 15.00 2.21 -5.67
C HIS A 370 16.47 2.21 -5.31
N ASN A 371 16.84 1.60 -4.18
CA ASN A 371 18.25 1.43 -3.86
C ASN A 371 18.95 0.55 -4.89
N ILE A 372 18.33 -0.57 -5.27
CA ILE A 372 18.93 -1.52 -6.20
C ILE A 372 19.22 -0.85 -7.53
N PHE A 373 18.27 -0.07 -8.05
CA PHE A 373 18.51 0.57 -9.33
C PHE A 373 19.27 1.88 -9.25
N THR A 374 19.35 2.51 -8.07
CA THR A 374 20.24 3.64 -7.92
C THR A 374 21.70 3.19 -7.90
N GLN A 375 21.97 2.04 -7.29
CA GLN A 375 23.31 1.47 -7.34
C GLN A 375 23.70 1.09 -8.77
N ALA A 376 22.73 0.69 -9.58
CA ALA A 376 23.03 0.28 -10.95
C ALA A 376 23.35 1.47 -11.84
N GLY A 377 22.87 2.66 -11.50
CA GLY A 377 23.16 3.83 -12.30
C GLY A 377 21.95 4.49 -12.91
N VAL A 378 20.77 3.99 -12.58
CA VAL A 378 19.53 4.58 -13.06
C VAL A 378 19.20 5.78 -12.19
N ARG A 379 18.89 6.91 -12.84
CA ARG A 379 18.61 8.14 -12.11
C ARG A 379 17.12 8.36 -11.88
N GLN A 380 16.30 8.04 -12.87
CA GLN A 380 14.86 8.26 -12.81
C GLN A 380 14.15 6.93 -12.92
N LEU A 381 13.46 6.54 -11.85
CA LEU A 381 12.87 5.21 -11.76
C LEU A 381 11.41 5.29 -11.36
N TYR A 382 10.58 4.44 -11.97
CA TYR A 382 9.17 4.32 -11.64
C TYR A 382 8.86 2.86 -11.36
N VAL A 383 8.41 2.58 -10.14
CA VAL A 383 8.08 1.24 -9.70
C VAL A 383 6.60 1.22 -9.36
N GLN A 384 5.82 0.46 -10.13
CA GLN A 384 4.40 0.29 -9.86
C GLN A 384 4.19 -1.03 -9.13
N ILE A 385 3.59 -0.96 -7.95
CA ILE A 385 3.39 -2.13 -7.11
C ILE A 385 1.93 -2.55 -7.22
N ASP A 386 1.71 -3.81 -7.60
CA ASP A 386 0.38 -4.40 -7.70
C ASP A 386 0.27 -5.50 -6.67
N PHE A 387 -0.75 -5.43 -5.82
CA PHE A 387 -0.97 -6.46 -4.81
C PHE A 387 -1.70 -7.64 -5.44
N ALA A 388 -1.22 -8.85 -5.16
CA ALA A 388 -1.84 -10.04 -5.70
C ALA A 388 -3.09 -10.40 -4.90
N ALA A 389 -3.94 -11.23 -5.51
CA ALA A 389 -5.07 -11.78 -4.77
C ALA A 389 -4.61 -12.80 -3.73
N MET A 390 -3.67 -13.66 -4.10
CA MET A 390 -3.12 -14.66 -3.20
C MET A 390 -1.67 -14.94 -3.54
N ASP B 1 24.66 -9.46 8.81
CA ASP B 1 23.34 -8.95 9.11
C ASP B 1 23.43 -7.66 9.93
N ILE B 2 22.26 -7.08 10.23
CA ILE B 2 22.22 -5.87 11.04
C ILE B 2 22.16 -6.25 12.50
N VAL B 3 23.00 -5.61 13.33
CA VAL B 3 23.11 -5.91 14.75
C VAL B 3 22.52 -4.74 15.52
N LEU B 4 21.59 -5.03 16.42
CA LEU B 4 20.93 -4.02 17.23
C LEU B 4 21.41 -4.14 18.68
N THR B 5 21.84 -3.01 19.24
CA THR B 5 22.34 -2.94 20.60
C THR B 5 21.39 -2.10 21.44
N GLN B 6 20.93 -2.67 22.54
CA GLN B 6 19.99 -1.99 23.44
C GLN B 6 20.71 -1.54 24.70
N SER B 7 20.60 -0.25 25.01
CA SER B 7 21.23 0.32 26.18
C SER B 7 20.20 1.13 26.96
N PRO B 8 20.12 0.97 28.28
CA PRO B 8 20.89 0.04 29.12
C PRO B 8 20.30 -1.36 29.08
N ALA B 9 21.08 -2.38 29.45
CA ALA B 9 20.55 -3.74 29.49
C ALA B 9 19.47 -3.90 30.54
N SER B 10 19.51 -3.08 31.58
CA SER B 10 18.47 -3.03 32.60
C SER B 10 18.32 -1.59 33.08
N LEU B 11 17.08 -1.18 33.31
CA LEU B 11 16.81 0.17 33.78
C LEU B 11 15.70 0.11 34.83
N ALA B 12 15.91 0.82 35.93
CA ALA B 12 14.96 0.85 37.03
C ALA B 12 14.29 2.22 37.10
N VAL B 13 12.97 2.23 37.08
CA VAL B 13 12.20 3.46 37.11
C VAL B 13 11.08 3.32 38.13
N SER B 14 10.65 4.45 38.68
CA SER B 14 9.57 4.47 39.65
C SER B 14 8.23 4.81 38.99
N LEU B 15 7.17 4.78 39.79
CA LEU B 15 5.83 4.92 39.26
C LEU B 15 5.58 6.34 38.80
N ARG B 16 4.69 6.48 37.81
CA ARG B 16 4.31 7.79 37.23
C ARG B 16 5.53 8.56 36.73
N ARG B 17 6.48 7.86 36.14
CA ARG B 17 7.68 8.46 35.59
C ARG B 17 7.84 8.06 34.13
N ARG B 18 8.96 8.46 33.53
CA ARG B 18 9.26 8.21 32.14
C ARG B 18 10.43 7.24 32.03
N ALA B 19 10.23 6.17 31.28
CA ALA B 19 11.28 5.18 31.01
C ALA B 19 11.71 5.31 29.56
N THR B 20 13.01 5.42 29.33
CA THR B 20 13.59 5.59 28.00
C THR B 20 14.48 4.40 27.69
N ILE B 21 14.21 3.73 26.59
CA ILE B 21 14.99 2.58 26.12
C ILE B 21 15.56 2.94 24.76
N SER B 22 16.87 2.76 24.59
CA SER B 22 17.57 3.17 23.40
C SER B 22 18.07 1.95 22.64
N CYS B 23 17.78 1.91 21.34
CA CYS B 23 18.30 0.90 20.44
C CYS B 23 19.19 1.58 19.41
N ARG B 24 20.30 0.93 19.08
CA ARG B 24 21.27 1.46 18.12
C ARG B 24 21.59 0.39 17.09
N ALA B 25 21.63 0.80 15.83
CA ALA B 25 21.87 -0.11 14.71
C ALA B 25 23.26 0.11 14.14
N SER B 26 23.88 -0.98 13.67
CA SER B 26 25.18 -0.86 13.02
C SER B 26 25.10 -0.05 11.74
N GLU B 27 24.03 -0.23 10.98
CA GLU B 27 23.80 0.52 9.75
C GLU B 27 22.39 1.07 9.74
N SER B 28 22.16 2.04 8.85
CA SER B 28 20.85 2.66 8.74
C SER B 28 19.80 1.64 8.31
N VAL B 29 18.65 1.69 8.99
CA VAL B 29 17.55 0.77 8.72
C VAL B 29 16.40 1.55 8.10
N ASP B 30 16.74 2.58 7.34
CA ASP B 30 15.78 3.52 6.81
C ASP B 30 15.70 3.45 5.30
N GLY B 31 14.53 3.72 4.76
CA GLY B 31 14.38 3.98 3.35
C GLY B 31 13.29 4.98 3.02
N TYR B 32 13.67 6.07 2.34
CA TYR B 32 12.74 7.00 1.71
C TYR B 32 11.70 7.57 2.68
N GLY B 33 12.16 7.95 3.86
CA GLY B 33 11.29 8.54 4.86
C GLY B 33 10.76 7.58 5.90
N HIS B 34 11.02 6.28 5.78
CA HIS B 34 10.51 5.29 6.72
C HIS B 34 11.66 4.54 7.35
N SER B 35 11.62 4.42 8.68
CA SER B 35 12.54 3.60 9.45
C SER B 35 11.81 2.31 9.78
N PHE B 36 12.33 1.18 9.28
CA PHE B 36 11.67 -0.11 9.41
C PHE B 36 12.16 -0.79 10.69
N MET B 37 11.76 -0.20 11.81
CA MET B 37 12.17 -0.61 13.14
C MET B 37 10.94 -0.72 14.03
N HIS B 38 10.85 -1.81 14.79
CA HIS B 38 9.64 -2.16 15.50
C HIS B 38 9.96 -2.57 16.94
N TRP B 39 9.18 -2.06 17.88
CA TRP B 39 9.37 -2.30 19.30
C TRP B 39 8.35 -3.30 19.81
N TYR B 40 8.84 -4.35 20.48
CA TYR B 40 8.01 -5.39 21.07
C TYR B 40 8.18 -5.40 22.59
N GLN B 41 7.14 -5.86 23.27
CA GLN B 41 7.15 -6.04 24.73
C GLN B 41 6.80 -7.49 25.04
N GLN B 42 7.67 -8.16 25.80
CA GLN B 42 7.46 -9.55 26.20
C GLN B 42 7.40 -9.60 27.72
N LYS B 43 6.22 -9.95 28.24
CA LYS B 43 6.06 -10.18 29.67
C LYS B 43 6.53 -11.60 30.01
N SER B 44 6.60 -11.88 31.31
CA SER B 44 7.09 -13.18 31.76
C SER B 44 6.11 -14.28 31.38
N GLY B 45 6.63 -15.33 30.75
CA GLY B 45 5.80 -16.44 30.34
C GLY B 45 4.81 -16.11 29.25
N GLN B 46 5.11 -15.11 28.43
CA GLN B 46 4.21 -14.66 27.38
C GLN B 46 4.96 -14.48 26.07
N PRO B 47 4.28 -14.61 24.94
CA PRO B 47 4.88 -14.26 23.66
C PRO B 47 5.10 -12.76 23.57
N PRO B 48 6.04 -12.31 22.74
CA PRO B 48 6.24 -10.87 22.58
C PRO B 48 5.00 -10.19 22.01
N LYS B 49 4.78 -8.96 22.43
CA LYS B 49 3.61 -8.19 22.03
C LYS B 49 4.08 -6.95 21.29
N LEU B 50 3.55 -6.75 20.09
CA LEU B 50 3.97 -5.63 19.25
C LEU B 50 3.44 -4.32 19.81
N LEU B 51 4.35 -3.41 20.13
CA LEU B 51 4.00 -2.08 20.62
C LEU B 51 4.10 -1.02 19.54
N ILE B 52 5.24 -0.93 18.88
CA ILE B 52 5.50 0.09 17.87
C ILE B 52 5.93 -0.60 16.58
N TYR B 53 5.39 -0.14 15.46
CA TYR B 53 5.88 -0.55 14.15
C TYR B 53 6.35 0.68 13.39
N ARG B 54 7.43 0.51 12.62
CA ARG B 54 8.06 1.58 11.86
C ARG B 54 8.47 2.76 12.75
N ALA B 55 8.85 2.45 13.99
CA ALA B 55 9.61 3.32 14.90
C ALA B 55 8.84 4.51 15.46
N SER B 56 7.65 4.79 14.95
CA SER B 56 6.87 5.89 15.51
C SER B 56 5.38 5.65 15.52
N ASN B 57 4.90 4.48 15.11
CA ASN B 57 3.47 4.24 14.95
C ASN B 57 2.98 3.37 16.10
N LEU B 58 1.97 3.85 16.80
CA LEU B 58 1.39 3.12 17.91
C LEU B 58 0.53 1.99 17.37
N GLU B 59 0.70 0.79 17.92
CA GLU B 59 -0.11 -0.34 17.48
C GLU B 59 -1.55 -0.15 17.91
N SER B 60 -2.46 -0.74 17.14
CA SER B 60 -3.89 -0.60 17.42
C SER B 60 -4.24 -1.41 18.66
N GLY B 61 -4.63 -0.73 19.72
CA GLY B 61 -5.04 -1.37 20.95
C GLY B 61 -4.03 -1.32 22.09
N VAL B 62 -2.90 -0.63 21.91
CA VAL B 62 -1.93 -0.50 22.98
C VAL B 62 -2.11 0.85 23.65
N PRO B 63 -1.75 1.00 24.93
CA PRO B 63 -2.01 2.26 25.62
C PRO B 63 -1.19 3.41 25.05
N ALA B 64 -1.74 4.62 25.17
CA ALA B 64 -1.14 5.81 24.60
C ALA B 64 0.13 6.25 25.32
N ARG B 65 0.45 5.67 26.47
CA ARG B 65 1.66 6.06 27.18
C ARG B 65 2.93 5.61 26.46
N PHE B 66 2.82 4.64 25.56
CA PHE B 66 3.98 4.20 24.79
C PHE B 66 4.19 5.11 23.59
N SER B 67 5.44 5.46 23.33
CA SER B 67 5.77 6.27 22.17
C SER B 67 7.12 5.82 21.63
N GLY B 68 7.30 6.02 20.33
CA GLY B 68 8.57 5.72 19.68
C GLY B 68 9.09 6.94 18.97
N SER B 69 10.40 6.99 18.80
CA SER B 69 11.04 8.11 18.10
C SER B 69 12.40 7.64 17.60
N GLY B 70 13.00 8.47 16.76
CA GLY B 70 14.32 8.21 16.23
C GLY B 70 14.28 7.95 14.73
N SER B 71 15.48 7.85 14.17
CA SER B 71 15.65 7.60 12.74
C SER B 71 17.06 7.08 12.50
N ARG B 72 17.30 6.63 11.27
CA ARG B 72 18.60 6.16 10.82
C ARG B 72 19.11 5.00 11.67
N THR B 73 19.93 5.32 12.69
CA THR B 73 20.55 4.30 13.52
C THR B 73 20.12 4.34 14.98
N ASP B 74 19.62 5.46 15.47
CA ASP B 74 19.30 5.63 16.89
C ASP B 74 17.79 5.71 17.06
N PHE B 75 17.25 4.87 17.94
CA PHE B 75 15.81 4.83 18.18
C PHE B 75 15.54 4.78 19.67
N THR B 76 14.39 5.31 20.06
CA THR B 76 14.03 5.47 21.46
C THR B 76 12.58 5.06 21.67
N LEU B 77 12.35 4.19 22.65
CA LEU B 77 11.01 3.88 23.15
C LEU B 77 10.83 4.57 24.50
N THR B 78 9.73 5.30 24.64
CA THR B 78 9.47 6.07 25.85
C THR B 78 8.11 5.69 26.43
N ILE B 79 8.11 5.30 27.70
CA ILE B 79 6.90 4.98 28.44
C ILE B 79 6.67 6.09 29.45
N ASP B 80 5.53 6.78 29.33
CA ASP B 80 5.25 7.92 30.18
C ASP B 80 3.75 8.16 30.28
N PRO B 81 3.15 8.02 31.46
CA PRO B 81 3.74 7.63 32.74
C PRO B 81 3.92 6.12 32.86
N VAL B 82 4.87 5.67 33.66
CA VAL B 82 5.14 4.25 33.82
C VAL B 82 4.11 3.65 34.79
N GLU B 83 3.47 2.58 34.38
CA GLU B 83 2.54 1.85 35.22
C GLU B 83 3.18 0.56 35.72
N ALA B 84 2.49 -0.10 36.64
CA ALA B 84 2.99 -1.35 37.20
C ALA B 84 2.87 -2.51 36.22
N ASP B 85 2.03 -2.37 35.19
CA ASP B 85 1.84 -3.42 34.20
C ASP B 85 2.96 -3.49 33.18
N ASP B 86 3.88 -2.52 33.19
CA ASP B 86 4.92 -2.42 32.18
C ASP B 86 6.17 -3.21 32.53
N ALA B 87 6.15 -3.99 33.61
CA ALA B 87 7.30 -4.81 33.99
C ALA B 87 7.45 -5.93 32.98
N ALA B 88 8.35 -5.76 32.02
CA ALA B 88 8.56 -6.72 30.95
C ALA B 88 9.92 -6.46 30.31
N THR B 89 10.21 -7.22 29.27
CA THR B 89 11.44 -7.04 28.49
C THR B 89 11.07 -6.44 27.14
N TYR B 90 11.74 -5.36 26.77
CA TYR B 90 11.43 -4.61 25.55
C TYR B 90 12.54 -4.85 24.53
N TYR B 91 12.13 -5.20 23.30
CA TYR B 91 13.07 -5.52 22.24
C TYR B 91 12.84 -4.63 21.03
N CYS B 92 13.91 -4.38 20.30
CA CYS B 92 13.85 -3.70 19.01
C CYS B 92 14.16 -4.71 17.91
N GLN B 93 13.43 -4.62 16.80
CA GLN B 93 13.59 -5.51 15.66
C GLN B 93 13.65 -4.69 14.39
N GLN B 94 14.62 -4.96 13.54
CA GLN B 94 14.73 -4.30 12.26
C GLN B 94 14.11 -5.16 11.17
N SER B 95 13.51 -4.51 10.17
CA SER B 95 13.04 -5.21 8.99
C SER B 95 13.55 -4.58 7.71
N ASN B 96 14.64 -3.81 7.78
CA ASN B 96 15.19 -3.16 6.59
C ASN B 96 15.98 -4.12 5.73
N GLU B 97 16.55 -5.16 6.30
CA GLU B 97 17.42 -6.07 5.60
C GLU B 97 17.04 -7.50 5.97
N ASP B 98 17.10 -8.39 4.98
CA ASP B 98 17.01 -9.81 5.25
C ASP B 98 18.36 -10.31 5.77
N PRO B 99 18.39 -11.07 6.86
CA PRO B 99 17.26 -11.55 7.67
C PRO B 99 16.78 -10.58 8.70
N TYR B 100 15.57 -10.79 9.20
CA TYR B 100 15.08 -10.03 10.33
C TYR B 100 15.92 -10.32 11.57
N THR B 101 16.29 -9.27 12.31
CA THR B 101 17.05 -9.44 13.54
C THR B 101 16.42 -8.64 14.68
N PHE B 102 16.58 -9.15 15.89
CA PHE B 102 16.02 -8.56 17.09
C PHE B 102 17.12 -7.97 17.95
N GLY B 103 16.71 -7.07 18.85
CA GLY B 103 17.64 -6.51 19.82
C GLY B 103 17.93 -7.46 20.96
N SER B 104 18.88 -7.06 21.80
CA SER B 104 19.30 -7.89 22.92
C SER B 104 18.26 -7.96 24.03
N GLY B 105 17.35 -7.00 24.09
CA GLY B 105 16.37 -6.96 25.15
C GLY B 105 16.78 -6.03 26.27
N THR B 106 15.78 -5.44 26.93
CA THR B 106 16.02 -4.54 28.06
C THR B 106 14.92 -4.74 29.07
N LYS B 107 15.30 -5.11 30.29
CA LYS B 107 14.33 -5.38 31.34
C LYS B 107 13.93 -4.08 32.03
N LEU B 108 12.64 -3.92 32.27
CA LEU B 108 12.11 -2.75 32.96
C LEU B 108 11.87 -3.11 34.43
N GLU B 109 12.55 -2.40 35.32
CA GLU B 109 12.43 -2.61 36.75
C GLU B 109 11.56 -1.51 37.33
N ILE B 110 10.43 -1.90 37.93
CA ILE B 110 9.45 -0.96 38.44
C ILE B 110 9.76 -0.69 39.90
N LYS B 111 10.33 0.48 40.19
CA LYS B 111 10.77 0.80 41.54
C LYS B 111 9.58 1.17 42.42
N ARG B 112 9.53 0.57 43.61
CA ARG B 112 8.48 0.83 44.59
C ARG B 112 9.11 0.87 45.98
N ALA B 113 8.26 1.03 46.99
CA ALA B 113 8.74 1.01 48.36
C ALA B 113 9.17 -0.39 48.77
N ASP B 114 10.16 -0.46 49.66
CA ASP B 114 10.65 -1.74 50.13
C ASP B 114 9.59 -2.46 50.95
N ALA B 115 9.49 -3.77 50.77
CA ALA B 115 8.51 -4.59 51.44
C ALA B 115 9.20 -5.72 52.18
N ALA B 116 8.82 -5.93 53.44
CA ALA B 116 9.38 -7.03 54.21
C ALA B 116 8.83 -8.36 53.70
N PRO B 117 9.67 -9.37 53.52
CA PRO B 117 9.20 -10.65 52.99
C PRO B 117 8.27 -11.37 53.95
N THR B 118 7.32 -12.10 53.37
CA THR B 118 6.49 -13.04 54.12
C THR B 118 7.12 -14.41 53.98
N VAL B 119 7.67 -14.94 55.08
CA VAL B 119 8.47 -16.15 55.07
C VAL B 119 7.66 -17.28 55.67
N SER B 120 7.61 -18.41 54.96
CA SER B 120 6.94 -19.61 55.44
C SER B 120 7.83 -20.82 55.18
N ILE B 121 7.83 -21.75 56.12
CA ILE B 121 8.63 -22.97 56.01
C ILE B 121 7.70 -24.17 55.93
N PHE B 122 8.04 -25.11 55.06
CA PHE B 122 7.21 -26.29 54.80
C PHE B 122 8.11 -27.53 54.92
N PRO B 123 7.78 -28.46 55.80
CA PRO B 123 8.58 -29.67 55.95
C PRO B 123 8.28 -30.67 54.85
N PRO B 124 9.11 -31.70 54.69
CA PRO B 124 8.78 -32.75 53.71
C PRO B 124 7.47 -33.43 54.04
N SER B 125 6.72 -33.78 53.00
CA SER B 125 5.40 -34.37 53.14
C SER B 125 5.51 -35.88 53.28
N SER B 126 4.40 -36.49 53.74
CA SER B 126 4.38 -37.93 54.01
C SER B 126 4.71 -38.74 52.77
N GLU B 127 4.13 -38.37 51.63
CA GLU B 127 4.49 -39.04 50.38
C GLU B 127 5.96 -38.87 50.07
N GLN B 128 6.54 -37.72 50.44
CA GLN B 128 7.96 -37.50 50.19
C GLN B 128 8.82 -38.40 51.09
N LEU B 129 8.44 -38.57 52.36
CA LEU B 129 9.18 -39.53 53.18
C LEU B 129 8.99 -40.97 52.70
N THR B 130 7.84 -41.29 52.10
CA THR B 130 7.68 -42.63 51.55
C THR B 130 8.55 -42.82 50.31
N SER B 131 8.78 -41.75 49.54
CA SER B 131 9.56 -41.88 48.31
C SER B 131 11.02 -42.18 48.62
N GLY B 132 11.64 -41.42 49.51
CA GLY B 132 13.03 -41.65 49.84
C GLY B 132 13.86 -40.40 50.05
N GLY B 133 13.31 -39.24 49.70
CA GLY B 133 13.97 -37.97 49.90
C GLY B 133 13.28 -37.13 50.96
N ALA B 134 13.83 -35.94 51.19
CA ALA B 134 13.23 -35.01 52.14
C ALA B 134 13.66 -33.60 51.78
N SER B 135 12.74 -32.77 51.33
CA SER B 135 13.03 -31.40 50.94
C SER B 135 12.25 -30.43 51.81
N VAL B 136 12.95 -29.51 52.45
CA VAL B 136 12.34 -28.43 53.23
C VAL B 136 12.29 -27.20 52.35
N VAL B 137 11.12 -26.56 52.29
CA VAL B 137 10.88 -25.47 51.35
C VAL B 137 10.64 -24.18 52.13
N CYS B 138 11.34 -23.12 51.74
CA CYS B 138 11.14 -21.79 52.31
C CYS B 138 10.59 -20.88 51.21
N PHE B 139 9.39 -20.35 51.44
CA PHE B 139 8.72 -19.45 50.52
C PHE B 139 8.80 -18.04 51.08
N LEU B 140 9.36 -17.12 50.30
CA LEU B 140 9.51 -15.72 50.69
C LEU B 140 8.71 -14.92 49.66
N ASN B 141 7.54 -14.45 50.06
CA ASN B 141 6.61 -13.81 49.14
C ASN B 141 6.44 -12.33 49.45
N ASN B 142 6.26 -11.55 48.38
CA ASN B 142 5.91 -10.12 48.48
C ASN B 142 6.98 -9.33 49.23
N PHE B 143 8.18 -9.30 48.64
CA PHE B 143 9.27 -8.49 49.16
C PHE B 143 9.88 -7.66 48.03
N TYR B 144 10.56 -6.59 48.43
CA TYR B 144 11.24 -5.69 47.51
C TYR B 144 12.41 -5.07 48.27
N PRO B 145 13.58 -4.92 47.63
CA PRO B 145 13.94 -5.27 46.24
C PRO B 145 14.18 -6.76 46.02
N LYS B 146 14.71 -7.12 44.84
CA LYS B 146 14.93 -8.51 44.51
C LYS B 146 16.05 -9.13 45.35
N ASP B 147 17.06 -8.35 45.70
CA ASP B 147 18.21 -8.88 46.41
C ASP B 147 17.82 -9.30 47.82
N ILE B 148 18.15 -10.53 48.19
CA ILE B 148 17.83 -11.09 49.50
C ILE B 148 18.78 -12.24 49.76
N ASN B 149 18.94 -12.58 51.04
CA ASN B 149 19.81 -13.67 51.45
C ASN B 149 19.00 -14.72 52.20
N VAL B 150 19.21 -15.99 51.86
CA VAL B 150 18.52 -17.10 52.51
C VAL B 150 19.56 -18.01 53.11
N LYS B 151 19.40 -18.33 54.39
CA LYS B 151 20.32 -19.22 55.10
C LYS B 151 19.55 -20.30 55.84
N TRP B 152 20.04 -21.53 55.74
CA TRP B 152 19.43 -22.68 56.39
C TRP B 152 20.31 -23.13 57.55
N LYS B 153 19.72 -23.29 58.73
CA LYS B 153 20.41 -23.84 59.88
C LYS B 153 19.80 -25.20 60.20
N ILE B 154 20.64 -26.23 60.21
CA ILE B 154 20.24 -27.60 60.52
C ILE B 154 20.74 -27.92 61.92
N ASP B 155 19.83 -27.84 62.90
CA ASP B 155 20.18 -27.93 64.32
C ASP B 155 21.24 -26.91 64.71
N GLY B 156 21.11 -25.71 64.16
CA GLY B 156 22.00 -24.62 64.51
C GLY B 156 23.32 -24.59 63.77
N SER B 157 23.53 -25.47 62.80
CA SER B 157 24.76 -25.50 62.03
C SER B 157 24.49 -25.04 60.60
N GLU B 158 25.54 -24.50 59.96
CA GLU B 158 25.38 -23.89 58.64
C GLU B 158 25.28 -24.95 57.55
N ARG B 159 24.44 -24.68 56.55
CA ARG B 159 24.22 -25.56 55.42
C ARG B 159 24.24 -24.75 54.14
N GLN B 160 25.10 -25.13 53.19
CA GLN B 160 25.19 -24.41 51.92
C GLN B 160 25.39 -25.31 50.72
N ASN B 161 25.21 -26.63 50.86
CA ASN B 161 25.48 -27.57 49.78
C ASN B 161 24.23 -27.94 48.99
N GLY B 162 23.17 -28.35 49.67
CA GLY B 162 21.96 -28.78 48.99
C GLY B 162 20.87 -27.72 48.96
N VAL B 163 21.27 -26.47 48.70
CA VAL B 163 20.35 -25.34 48.69
C VAL B 163 20.13 -24.91 47.24
N LEU B 164 18.87 -24.85 46.83
CA LEU B 164 18.50 -24.45 45.47
C LEU B 164 17.56 -23.26 45.55
N ASN B 165 17.91 -22.17 44.85
CA ASN B 165 17.18 -20.92 44.93
C ASN B 165 16.45 -20.65 43.63
N SER B 166 15.24 -20.09 43.73
CA SER B 166 14.45 -19.73 42.57
C SER B 166 13.79 -18.37 42.80
N TRP B 167 14.02 -17.44 41.88
CA TRP B 167 13.39 -16.13 41.92
C TRP B 167 12.32 -16.03 40.83
N THR B 168 11.15 -15.54 41.21
CA THR B 168 10.17 -15.18 40.20
C THR B 168 10.47 -13.79 39.64
N ASP B 169 9.87 -13.49 38.50
CA ASP B 169 10.00 -12.16 37.94
C ASP B 169 9.17 -11.16 38.76
N GLN B 170 9.44 -9.88 38.54
CA GLN B 170 8.73 -8.83 39.26
C GLN B 170 7.24 -8.90 38.96
N ASP B 171 6.43 -8.78 40.01
CA ASP B 171 4.99 -8.90 39.87
C ASP B 171 4.42 -7.74 39.05
N SER B 172 3.38 -8.04 38.27
CA SER B 172 2.77 -7.05 37.40
C SER B 172 1.71 -6.20 38.09
N LYS B 173 1.26 -6.58 39.29
CA LYS B 173 0.23 -5.83 39.99
C LYS B 173 0.76 -5.03 41.17
N ASP B 174 1.67 -5.58 41.96
CA ASP B 174 2.21 -4.87 43.11
C ASP B 174 3.74 -4.79 43.10
N SER B 175 4.38 -5.21 42.01
CA SER B 175 5.82 -5.05 41.79
C SER B 175 6.66 -5.70 42.89
N THR B 176 6.23 -6.86 43.38
CA THR B 176 6.94 -7.57 44.42
C THR B 176 7.64 -8.79 43.84
N TYR B 177 8.30 -9.55 44.72
CA TYR B 177 9.10 -10.69 44.32
C TYR B 177 8.79 -11.90 45.19
N SER B 178 9.08 -13.08 44.65
CA SER B 178 8.93 -14.33 45.38
C SER B 178 10.21 -15.15 45.25
N MET B 179 10.51 -15.92 46.29
CA MET B 179 11.83 -16.50 46.48
C MET B 179 11.63 -17.88 47.10
N SER B 180 11.90 -18.94 46.33
CA SER B 180 11.68 -20.31 46.80
C SER B 180 13.04 -20.98 47.00
N SER B 181 13.34 -21.33 48.24
CA SER B 181 14.58 -21.99 48.60
C SER B 181 14.29 -23.42 49.04
N THR B 182 14.83 -24.38 48.31
CA THR B 182 14.61 -25.79 48.60
C THR B 182 15.91 -26.40 49.13
N LEU B 183 15.82 -27.04 50.29
CA LEU B 183 16.93 -27.80 50.87
C LEU B 183 16.54 -29.27 50.81
N THR B 184 17.14 -29.99 49.85
CA THR B 184 16.84 -31.39 49.65
C THR B 184 17.93 -32.25 50.30
N LEU B 185 17.52 -33.38 50.87
CA LEU B 185 18.39 -34.25 51.63
C LEU B 185 17.92 -35.69 51.49
N THR B 186 18.83 -36.61 51.81
CA THR B 186 18.50 -38.02 51.82
C THR B 186 17.76 -38.36 53.11
N LYS B 187 17.59 -39.65 53.39
CA LYS B 187 16.72 -40.06 54.49
C LYS B 187 17.45 -40.04 55.83
N ASP B 188 18.63 -40.64 55.90
CA ASP B 188 19.37 -40.67 57.16
C ASP B 188 19.74 -39.26 57.61
N GLU B 189 20.14 -38.39 56.67
CA GLU B 189 20.50 -37.03 57.02
C GLU B 189 19.31 -36.27 57.60
N TYR B 190 18.13 -36.43 56.99
CA TYR B 190 16.93 -35.79 57.53
C TYR B 190 16.54 -36.35 58.88
N GLU B 191 16.67 -37.68 59.07
CA GLU B 191 16.27 -38.29 60.32
C GLU B 191 17.26 -38.05 61.45
N ARG B 192 18.49 -37.68 61.15
CA ARG B 192 19.49 -37.45 62.19
C ARG B 192 19.32 -36.11 62.89
N HIS B 193 18.56 -35.18 62.31
CA HIS B 193 18.39 -33.85 62.88
C HIS B 193 16.93 -33.60 63.20
N ASN B 194 16.70 -32.65 64.11
CA ASN B 194 15.36 -32.33 64.60
C ASN B 194 14.91 -30.93 64.22
N SER B 195 15.68 -29.90 64.54
CA SER B 195 15.26 -28.52 64.37
C SER B 195 15.84 -27.96 63.07
N TYR B 196 14.96 -27.52 62.18
CA TYR B 196 15.35 -26.90 60.91
C TYR B 196 14.83 -25.47 60.90
N THR B 197 15.72 -24.51 60.60
CA THR B 197 15.33 -23.11 60.55
C THR B 197 15.77 -22.50 59.22
N CYS B 198 14.94 -21.62 58.69
CA CYS B 198 15.24 -20.86 57.49
C CYS B 198 15.15 -19.38 57.82
N GLU B 199 16.24 -18.64 57.57
CA GLU B 199 16.30 -17.24 57.91
C GLU B 199 16.57 -16.41 56.65
N ALA B 200 15.97 -15.22 56.62
CA ALA B 200 16.05 -14.33 55.48
C ALA B 200 16.64 -12.99 55.91
N THR B 201 17.71 -12.58 55.24
CA THR B 201 18.32 -11.27 55.43
C THR B 201 17.90 -10.37 54.29
N HIS B 202 17.24 -9.27 54.62
CA HIS B 202 16.69 -8.34 53.64
C HIS B 202 17.06 -6.92 54.02
N LYS B 203 17.01 -6.03 53.03
CA LYS B 203 17.37 -4.63 53.26
C LYS B 203 16.32 -3.87 54.05
N THR B 204 15.12 -4.44 54.23
CA THR B 204 14.07 -3.75 54.98
C THR B 204 14.43 -3.64 56.46
N SER B 205 14.90 -4.75 57.06
CA SER B 205 15.25 -4.77 58.47
C SER B 205 16.58 -5.49 58.65
N THR B 206 17.39 -4.98 59.59
CA THR B 206 18.69 -5.60 59.85
C THR B 206 18.53 -6.99 60.45
N SER B 207 17.54 -7.18 61.31
CA SER B 207 17.31 -8.48 61.92
C SER B 207 16.70 -9.44 60.91
N PRO B 208 17.32 -10.59 60.65
CA PRO B 208 16.74 -11.55 59.70
C PRO B 208 15.43 -12.13 60.22
N ILE B 209 14.54 -12.45 59.29
CA ILE B 209 13.26 -13.08 59.62
C ILE B 209 13.47 -14.58 59.58
N VAL B 210 13.22 -15.26 60.70
CA VAL B 210 13.54 -16.67 60.85
C VAL B 210 12.24 -17.45 61.07
N LYS B 211 12.07 -18.53 60.33
CA LYS B 211 10.96 -19.45 60.52
C LYS B 211 11.53 -20.83 60.84
N SER B 212 11.02 -21.46 61.89
CA SER B 212 11.61 -22.64 62.48
C SER B 212 10.58 -23.75 62.58
N PHE B 213 11.06 -25.00 62.57
CA PHE B 213 10.21 -26.11 62.93
C PHE B 213 11.07 -27.24 63.48
N ASN B 214 10.43 -28.17 64.19
CA ASN B 214 11.11 -29.27 64.86
C ASN B 214 10.71 -30.60 64.26
N ARG B 215 11.55 -31.61 64.51
CA ARG B 215 11.37 -32.96 63.96
C ARG B 215 11.31 -32.94 62.44
N GLU C 1 -10.16 -12.42 17.95
CA GLU C 1 -10.40 -13.85 17.76
C GLU C 1 -9.24 -14.47 16.99
N VAL C 2 -8.34 -13.61 16.50
CA VAL C 2 -7.16 -14.08 15.80
C VAL C 2 -6.24 -14.81 16.78
N GLN C 3 -5.90 -16.05 16.46
CA GLN C 3 -5.05 -16.82 17.35
C GLN C 3 -4.30 -17.88 16.55
N LEU C 4 -3.17 -18.30 17.13
CA LEU C 4 -2.30 -19.30 16.52
C LEU C 4 -1.86 -20.28 17.61
N GLN C 5 -1.97 -21.57 17.34
CA GLN C 5 -1.57 -22.61 18.29
C GLN C 5 -0.59 -23.56 17.62
N GLU C 6 0.53 -23.81 18.29
CA GLU C 6 1.56 -24.73 17.79
C GLU C 6 1.51 -26.04 18.54
N SER C 7 1.55 -27.14 17.80
CA SER C 7 1.67 -28.48 18.36
C SER C 7 2.97 -29.07 17.86
N GLY C 8 3.84 -29.46 18.80
CA GLY C 8 5.12 -30.03 18.46
C GLY C 8 5.69 -30.85 19.61
N PRO C 9 6.72 -31.64 19.33
CA PRO C 9 7.32 -32.46 20.39
C PRO C 9 8.15 -31.60 21.34
N GLY C 10 7.88 -31.74 22.63
CA GLY C 10 8.68 -31.02 23.62
C GLY C 10 10.11 -31.53 23.68
N LEU C 11 10.30 -32.83 23.52
CA LEU C 11 11.62 -33.44 23.58
C LEU C 11 11.99 -33.99 22.21
N VAL C 12 13.16 -33.60 21.71
CA VAL C 12 13.67 -34.04 20.43
C VAL C 12 15.07 -34.60 20.64
N ALA C 13 15.31 -35.80 20.12
CA ALA C 13 16.64 -36.38 20.21
C ALA C 13 17.61 -35.64 19.30
N PRO C 14 18.88 -35.52 19.69
CA PRO C 14 19.85 -34.82 18.86
C PRO C 14 20.06 -35.53 17.53
N SER C 15 20.39 -34.73 16.50
CA SER C 15 20.61 -35.12 15.11
C SER C 15 19.34 -35.60 14.42
N GLN C 16 18.19 -35.58 15.08
CA GLN C 16 16.92 -35.93 14.46
C GLN C 16 16.26 -34.66 13.93
N SER C 17 14.99 -34.76 13.56
CA SER C 17 14.24 -33.65 12.96
C SER C 17 13.12 -33.21 13.88
N LEU C 18 12.79 -31.93 13.79
CA LEU C 18 11.72 -31.32 14.59
C LEU C 18 10.62 -30.83 13.66
N SER C 19 9.38 -31.20 13.98
CA SER C 19 8.22 -30.82 13.17
C SER C 19 7.18 -30.17 14.08
N ILE C 20 6.79 -28.95 13.74
CA ILE C 20 5.77 -28.20 14.48
C ILE C 20 4.64 -27.85 13.53
N THR C 21 3.41 -28.00 13.99
CA THR C 21 2.24 -27.64 13.21
C THR C 21 1.52 -26.48 13.89
N CYS C 22 1.47 -25.34 13.21
CA CYS C 22 0.80 -24.14 13.70
C CYS C 22 -0.55 -24.03 13.01
N THR C 23 -1.62 -24.17 13.78
CA THR C 23 -2.98 -23.98 13.30
C THR C 23 -3.44 -22.58 13.66
N VAL C 24 -4.01 -21.87 12.69
CA VAL C 24 -4.41 -20.49 12.89
C VAL C 24 -5.93 -20.39 12.76
N SER C 25 -6.49 -19.38 13.43
CA SER C 25 -7.91 -19.08 13.29
C SER C 25 -8.11 -17.59 13.41
N GLY C 26 -9.16 -17.10 12.78
CA GLY C 26 -9.44 -15.69 12.71
C GLY C 26 -8.90 -14.99 11.48
N PHE C 27 -8.07 -15.67 10.69
CA PHE C 27 -7.54 -15.09 9.46
C PHE C 27 -7.15 -16.21 8.52
N SER C 28 -7.05 -15.86 7.24
CA SER C 28 -6.75 -16.81 6.17
C SER C 28 -5.29 -16.73 5.77
N LEU C 29 -4.71 -17.88 5.44
CA LEU C 29 -3.37 -17.94 4.89
C LEU C 29 -3.34 -17.56 3.41
N THR C 30 -4.49 -17.27 2.82
CA THR C 30 -4.57 -16.78 1.45
C THR C 30 -4.25 -15.30 1.33
N ASN C 31 -4.30 -14.52 2.42
CA ASN C 31 -3.87 -13.14 2.32
C ASN C 31 -2.95 -12.69 3.44
N TYR C 32 -2.39 -13.63 4.21
CA TYR C 32 -1.52 -13.29 5.32
C TYR C 32 -0.29 -14.20 5.30
N ALA C 33 0.87 -13.59 5.51
CA ALA C 33 2.11 -14.32 5.69
C ALA C 33 2.26 -14.76 7.13
N VAL C 34 3.04 -15.83 7.33
CA VAL C 34 3.29 -16.37 8.66
C VAL C 34 4.80 -16.51 8.85
N HIS C 35 5.30 -15.95 9.95
CA HIS C 35 6.71 -16.02 10.31
C HIS C 35 6.93 -17.11 11.37
N TRP C 36 8.15 -17.65 11.36
CA TRP C 36 8.61 -18.59 12.38
C TRP C 36 9.84 -17.96 13.05
N VAL C 37 9.77 -17.83 14.37
CA VAL C 37 10.80 -17.15 15.16
C VAL C 37 11.02 -17.94 16.45
N ARG C 38 12.27 -18.15 16.82
CA ARG C 38 12.61 -18.86 18.04
C ARG C 38 13.32 -17.94 19.03
N GLN C 39 13.15 -18.24 20.32
CA GLN C 39 13.76 -17.47 21.39
C GLN C 39 14.41 -18.42 22.39
N SER C 40 15.66 -18.15 22.71
CA SER C 40 16.41 -18.93 23.70
C SER C 40 17.09 -17.97 24.66
N PRO C 41 17.35 -18.42 25.90
CA PRO C 41 18.11 -17.58 26.84
C PRO C 41 19.53 -17.29 26.39
N GLY C 42 20.09 -18.11 25.50
CA GLY C 42 21.45 -17.89 25.02
C GLY C 42 21.60 -16.71 24.08
N LYS C 43 20.86 -16.73 22.97
CA LYS C 43 21.01 -15.74 21.92
C LYS C 43 19.81 -14.81 21.76
N GLY C 44 18.81 -14.92 22.62
CA GLY C 44 17.65 -14.06 22.52
C GLY C 44 16.70 -14.51 21.42
N LEU C 45 16.06 -13.53 20.79
CA LEU C 45 15.13 -13.82 19.71
C LEU C 45 15.87 -13.93 18.38
N GLU C 46 15.46 -14.91 17.57
CA GLU C 46 16.05 -15.14 16.26
C GLU C 46 14.96 -15.41 15.24
N TRP C 47 15.00 -14.67 14.14
CA TRP C 47 14.06 -14.88 13.05
C TRP C 47 14.49 -16.08 12.22
N LEU C 48 13.60 -17.05 12.06
CA LEU C 48 13.89 -18.23 11.26
C LEU C 48 13.40 -18.09 9.83
N GLY C 49 12.13 -17.74 9.64
CA GLY C 49 11.67 -17.66 8.26
C GLY C 49 10.27 -17.10 8.15
N VAL C 50 9.81 -17.04 6.90
CA VAL C 50 8.47 -16.57 6.58
C VAL C 50 7.94 -17.38 5.41
N ILE C 51 6.64 -17.64 5.42
CA ILE C 51 5.92 -18.20 4.28
C ILE C 51 4.82 -17.22 3.87
N TRP C 52 4.67 -17.03 2.56
CA TRP C 52 3.77 -16.07 1.98
C TRP C 52 2.52 -16.76 1.48
N SER C 53 1.53 -15.95 1.12
CA SER C 53 0.21 -16.47 0.82
C SER C 53 0.16 -17.30 -0.44
N ASN C 54 1.13 -17.17 -1.33
CA ASN C 54 1.18 -17.95 -2.55
C ASN C 54 2.01 -19.21 -2.41
N GLY C 55 2.75 -19.35 -1.31
CA GLY C 55 3.66 -20.46 -1.13
C GLY C 55 5.12 -20.10 -1.18
N ARG C 56 5.46 -18.84 -1.47
CA ARG C 56 6.84 -18.40 -1.42
C ARG C 56 7.35 -18.46 0.02
N THR C 57 8.59 -18.91 0.19
CA THR C 57 9.22 -19.03 1.49
C THR C 57 10.55 -18.31 1.50
N ASP C 58 10.84 -17.61 2.59
CA ASP C 58 12.11 -16.90 2.76
C ASP C 58 12.71 -17.29 4.09
N TYR C 59 13.93 -17.82 4.06
CA TYR C 59 14.56 -18.35 5.26
C TYR C 59 15.70 -17.44 5.71
N ASN C 60 16.17 -17.70 6.93
CA ASN C 60 17.42 -17.15 7.39
C ASN C 60 18.57 -17.87 6.71
N ALA C 61 19.63 -17.12 6.38
CA ALA C 61 20.78 -17.72 5.72
C ALA C 61 21.53 -18.69 6.61
N ALA C 62 21.36 -18.57 7.93
CA ALA C 62 21.98 -19.50 8.87
C ALA C 62 21.23 -20.83 8.96
N PHE C 63 19.97 -20.88 8.53
CA PHE C 63 19.16 -22.09 8.60
C PHE C 63 18.66 -22.54 7.24
N ILE C 64 19.23 -22.02 6.15
CA ILE C 64 18.70 -22.28 4.82
C ILE C 64 18.85 -23.76 4.47
N SER C 65 19.94 -24.38 4.90
CA SER C 65 20.25 -25.75 4.52
C SER C 65 19.49 -26.81 5.30
N ARG C 66 18.76 -26.42 6.35
CA ARG C 66 18.11 -27.41 7.20
C ARG C 66 16.69 -27.05 7.60
N LEU C 67 16.07 -26.04 6.98
CA LEU C 67 14.75 -25.60 7.36
C LEU C 67 13.79 -25.69 6.17
N SER C 68 12.55 -26.06 6.46
CA SER C 68 11.51 -26.13 5.44
C SER C 68 10.18 -25.73 6.06
N ILE C 69 9.52 -24.75 5.43
CA ILE C 69 8.20 -24.30 5.87
C ILE C 69 7.21 -24.59 4.75
N SER C 70 6.11 -25.23 5.11
CA SER C 70 5.04 -25.55 4.17
C SER C 70 3.72 -25.13 4.79
N LYS C 71 2.64 -25.22 4.01
CA LYS C 71 1.35 -24.79 4.53
C LYS C 71 0.22 -25.44 3.75
N ASP C 72 -0.97 -25.39 4.35
CA ASP C 72 -2.20 -25.82 3.70
C ASP C 72 -3.28 -24.80 4.02
N ASN C 73 -3.82 -24.16 2.98
CA ASN C 73 -4.80 -23.11 3.17
C ASN C 73 -6.16 -23.66 3.60
N SER C 74 -6.62 -24.72 2.95
CA SER C 74 -7.96 -25.24 3.21
C SER C 74 -8.10 -25.71 4.65
N LYS C 75 -7.11 -26.45 5.13
CA LYS C 75 -7.07 -26.89 6.52
C LYS C 75 -6.35 -25.90 7.42
N SER C 76 -5.74 -24.86 6.83
CA SER C 76 -5.28 -23.66 7.53
C SER C 76 -4.22 -24.00 8.59
N GLN C 77 -3.16 -24.68 8.16
CA GLN C 77 -2.05 -24.95 9.07
C GLN C 77 -0.72 -24.79 8.36
N VAL C 78 0.30 -24.49 9.16
CA VAL C 78 1.66 -24.25 8.67
C VAL C 78 2.59 -25.26 9.32
N PHE C 79 3.45 -25.87 8.52
CA PHE C 79 4.34 -26.93 8.97
C PHE C 79 5.77 -26.41 8.97
N PHE C 80 6.39 -26.45 10.15
CA PHE C 80 7.78 -26.09 10.36
C PHE C 80 8.57 -27.38 10.50
N LYS C 81 9.63 -27.53 9.71
CA LYS C 81 10.41 -28.77 9.72
C LYS C 81 11.89 -28.42 9.69
N MET C 82 12.59 -28.74 10.77
CA MET C 82 14.02 -28.50 10.86
C MET C 82 14.76 -29.83 10.97
N ASN C 83 15.93 -29.90 10.36
CA ASN C 83 16.75 -31.11 10.36
C ASN C 83 18.06 -30.85 11.09
N SER C 84 18.68 -31.95 11.52
CA SER C 84 19.98 -31.93 12.22
C SER C 84 19.91 -31.09 13.49
N LEU C 85 19.05 -31.51 14.41
CA LEU C 85 18.85 -30.77 15.65
C LEU C 85 20.03 -30.97 16.58
N GLN C 86 20.63 -29.87 17.01
CA GLN C 86 21.75 -29.85 17.94
C GLN C 86 21.31 -29.24 19.28
N ALA C 87 22.23 -29.26 20.24
CA ALA C 87 21.91 -28.81 21.59
C ALA C 87 21.61 -27.32 21.68
N ASP C 88 22.14 -26.52 20.75
CA ASP C 88 21.89 -25.08 20.76
C ASP C 88 20.51 -24.71 20.24
N ASP C 89 19.75 -25.67 19.73
CA ASP C 89 18.44 -25.40 19.17
C ASP C 89 17.31 -25.54 20.19
N THR C 90 17.63 -25.80 21.45
CA THR C 90 16.62 -25.82 22.51
C THR C 90 16.11 -24.41 22.74
N ALA C 91 14.85 -24.16 22.40
CA ALA C 91 14.31 -22.80 22.45
C ALA C 91 12.79 -22.87 22.40
N ILE C 92 12.16 -21.73 22.68
CA ILE C 92 10.72 -21.59 22.52
C ILE C 92 10.46 -21.12 21.10
N TYR C 93 9.66 -21.87 20.35
CA TYR C 93 9.37 -21.58 18.95
C TYR C 93 7.99 -20.96 18.84
N TYR C 94 7.89 -19.96 17.96
CA TYR C 94 6.68 -19.18 17.77
C TYR C 94 6.34 -19.13 16.29
N CYS C 95 5.08 -19.38 15.96
CA CYS C 95 4.50 -18.98 14.69
C CYS C 95 3.77 -17.67 14.92
N ALA C 96 3.99 -16.71 14.02
CA ALA C 96 3.50 -15.35 14.19
C ALA C 96 2.80 -14.88 12.92
N ARG C 97 1.63 -14.30 13.08
CA ARG C 97 1.00 -13.60 11.97
C ARG C 97 1.69 -12.26 11.77
N LYS C 98 2.13 -12.04 10.52
CA LYS C 98 2.77 -10.82 10.11
C LYS C 98 1.80 -9.66 10.15
N LEU C 99 2.29 -8.50 10.58
CA LEU C 99 1.51 -7.29 10.46
C LEU C 99 1.38 -6.93 8.99
N ALA C 100 0.15 -6.68 8.55
CA ALA C 100 -0.10 -6.40 7.15
C ALA C 100 0.62 -5.14 6.72
N TYR C 101 1.28 -5.20 5.57
CA TYR C 101 1.97 -4.09 4.93
C TYR C 101 3.14 -3.57 5.74
N GLU C 102 3.59 -4.32 6.73
CA GLU C 102 4.70 -3.92 7.59
C GLU C 102 5.63 -5.11 7.75
N GLY C 103 6.82 -4.83 8.26
CA GLY C 103 7.80 -5.85 8.55
C GLY C 103 7.82 -6.24 10.01
N ALA C 104 6.71 -5.99 10.70
CA ALA C 104 6.54 -6.41 12.08
C ALA C 104 5.73 -7.71 12.14
N MET C 105 5.74 -8.32 13.32
CA MET C 105 4.90 -9.48 13.63
C MET C 105 3.81 -9.01 14.57
N ASP C 106 2.56 -9.01 14.08
CA ASP C 106 1.50 -8.40 14.87
C ASP C 106 0.82 -9.39 15.81
N TYR C 107 0.84 -10.68 15.52
CA TYR C 107 0.23 -11.65 16.41
C TYR C 107 1.15 -12.84 16.60
N TRP C 108 1.13 -13.42 17.80
CA TRP C 108 2.03 -14.51 18.14
C TRP C 108 1.23 -15.66 18.75
N GLY C 109 1.74 -16.88 18.55
CA GLY C 109 1.23 -18.01 19.29
C GLY C 109 1.83 -18.07 20.68
N GLN C 110 1.31 -18.98 21.50
CA GLN C 110 1.83 -19.10 22.87
C GLN C 110 3.25 -19.66 22.89
N GLY C 111 3.70 -20.28 21.81
CA GLY C 111 5.07 -20.75 21.73
C GLY C 111 5.27 -22.08 22.41
N THR C 112 6.01 -22.98 21.76
CA THR C 112 6.28 -24.31 22.31
C THR C 112 7.76 -24.45 22.60
N SER C 113 8.09 -24.91 23.80
CA SER C 113 9.47 -25.11 24.19
C SER C 113 9.95 -26.46 23.66
N VAL C 114 11.02 -26.43 22.87
CA VAL C 114 11.62 -27.64 22.30
C VAL C 114 12.99 -27.80 22.93
N THR C 115 13.22 -28.97 23.53
CA THR C 115 14.49 -29.31 24.16
C THR C 115 15.16 -30.41 23.36
N VAL C 116 16.41 -30.20 22.99
CA VAL C 116 17.19 -31.16 22.23
C VAL C 116 18.17 -31.83 23.20
N SER C 117 17.83 -33.04 23.63
CA SER C 117 18.67 -33.77 24.57
C SER C 117 18.41 -35.26 24.40
N SER C 118 19.36 -36.07 24.85
CA SER C 118 19.29 -37.52 24.73
C SER C 118 18.63 -38.17 25.93
N ALA C 119 18.17 -37.41 26.91
CA ALA C 119 17.54 -37.97 28.09
C ALA C 119 16.15 -38.50 27.75
N LYS C 120 15.56 -39.19 28.72
CA LYS C 120 14.25 -39.80 28.58
C LYS C 120 13.23 -39.03 29.39
N THR C 121 12.03 -38.86 28.83
CA THR C 121 10.95 -38.17 29.52
C THR C 121 10.60 -38.90 30.82
N THR C 122 10.52 -38.14 31.91
CA THR C 122 10.20 -38.68 33.22
C THR C 122 8.92 -38.03 33.74
N PRO C 123 7.92 -38.81 34.16
CA PRO C 123 6.70 -38.21 34.70
C PRO C 123 6.99 -37.46 35.99
N PRO C 124 6.25 -36.41 36.27
CA PRO C 124 6.52 -35.60 37.48
C PRO C 124 6.12 -36.33 38.75
N SER C 125 6.78 -35.95 39.84
CA SER C 125 6.43 -36.41 41.18
C SER C 125 5.89 -35.23 41.96
N VAL C 126 4.64 -35.34 42.41
CA VAL C 126 3.92 -34.24 43.03
C VAL C 126 3.80 -34.51 44.52
N TYR C 127 4.17 -33.52 45.32
CA TYR C 127 4.11 -33.60 46.78
C TYR C 127 3.42 -32.36 47.32
N PRO C 128 2.72 -32.49 48.45
CA PRO C 128 2.12 -31.31 49.09
C PRO C 128 3.08 -30.64 50.06
N LEU C 129 2.73 -29.42 50.44
CA LEU C 129 3.49 -28.65 51.41
C LEU C 129 2.48 -27.91 52.29
N ALA C 130 2.20 -28.47 53.47
CA ALA C 130 1.29 -27.95 54.47
C ALA C 130 2.07 -27.20 55.55
N PRO C 131 1.45 -26.22 56.21
CA PRO C 131 2.14 -25.54 57.31
C PRO C 131 2.48 -26.51 58.44
N GLY C 132 3.61 -26.25 59.09
CA GLY C 132 4.07 -27.09 60.18
C GLY C 132 3.12 -27.09 61.37
N SER C 133 2.44 -28.21 61.57
CA SER C 133 1.41 -28.39 62.62
C SER C 133 0.36 -27.30 62.40
N ALA C 134 -0.03 -26.53 63.42
CA ALA C 134 -1.00 -25.45 63.26
C ALA C 134 -0.45 -24.12 63.75
N ALA C 135 0.85 -24.02 64.00
CA ALA C 135 1.43 -22.77 64.49
C ALA C 135 1.40 -21.69 63.42
N GLN C 136 1.29 -20.44 63.88
CA GLN C 136 1.25 -19.27 63.00
C GLN C 136 0.11 -19.36 61.99
N THR C 137 -1.08 -19.64 62.49
CA THR C 137 -2.25 -19.73 61.63
C THR C 137 -2.60 -18.37 61.01
N ASN C 138 -2.68 -17.34 61.85
CA ASN C 138 -2.94 -15.96 61.44
C ASN C 138 -4.22 -15.82 60.63
N SER C 139 -4.36 -14.71 59.91
CA SER C 139 -5.48 -14.55 58.99
C SER C 139 -5.20 -15.18 57.64
N MET C 140 -3.91 -15.24 57.29
CA MET C 140 -3.50 -15.83 55.99
C MET C 140 -2.67 -17.09 56.23
N VAL C 141 -2.77 -18.07 55.33
CA VAL C 141 -2.04 -19.32 55.42
C VAL C 141 -1.50 -19.67 54.04
N THR C 142 -0.24 -20.08 54.00
CA THR C 142 0.42 -20.48 52.77
C THR C 142 0.39 -22.00 52.61
N LEU C 143 0.22 -22.44 51.36
CA LEU C 143 0.25 -23.84 50.99
C LEU C 143 1.14 -23.98 49.76
N GLY C 144 1.65 -25.18 49.55
CA GLY C 144 2.60 -25.39 48.46
C GLY C 144 2.35 -26.69 47.74
N CYS C 145 2.67 -26.68 46.44
CA CYS C 145 2.72 -27.87 45.61
C CYS C 145 4.12 -27.97 45.03
N LEU C 146 4.79 -29.09 45.29
CA LEU C 146 6.19 -29.27 44.94
C LEU C 146 6.30 -30.37 43.89
N VAL C 147 6.94 -30.06 42.77
CA VAL C 147 7.09 -30.98 41.66
C VAL C 147 8.57 -31.31 41.50
N LYS C 148 8.89 -32.59 41.51
CA LYS C 148 10.27 -33.05 41.41
C LYS C 148 10.40 -34.09 40.30
N GLY C 149 11.55 -34.09 39.65
CA GLY C 149 11.92 -35.18 38.77
C GLY C 149 11.06 -35.33 37.52
N TYR C 150 10.78 -34.23 36.84
CA TYR C 150 10.10 -34.27 35.55
C TYR C 150 11.04 -33.75 34.47
N PHE C 151 10.84 -34.25 33.24
CA PHE C 151 11.67 -33.86 32.13
C PHE C 151 10.92 -34.14 30.85
N PRO C 152 10.93 -33.23 29.87
CA PRO C 152 11.52 -31.89 29.89
C PRO C 152 10.50 -30.82 30.25
N GLU C 153 10.82 -29.54 30.06
CA GLU C 153 9.87 -28.47 30.27
C GLU C 153 8.77 -28.53 29.22
N PRO C 154 7.58 -27.97 29.51
CA PRO C 154 7.14 -27.35 30.76
C PRO C 154 6.09 -28.16 31.51
N VAL C 155 5.65 -27.66 32.67
CA VAL C 155 4.55 -28.24 33.41
C VAL C 155 3.61 -27.11 33.82
N THR C 156 2.31 -27.36 33.73
CA THR C 156 1.29 -26.38 34.08
C THR C 156 0.79 -26.69 35.49
N VAL C 157 0.89 -25.71 36.39
CA VAL C 157 0.46 -25.85 37.77
C VAL C 157 -0.66 -24.86 38.01
N THR C 158 -1.81 -25.37 38.45
CA THR C 158 -2.96 -24.53 38.77
C THR C 158 -3.51 -24.93 40.13
N TRP C 159 -4.45 -24.12 40.63
CA TRP C 159 -5.09 -24.34 41.92
C TRP C 159 -6.60 -24.33 41.73
N ASN C 160 -7.26 -25.41 42.12
CA ASN C 160 -8.71 -25.58 42.00
C ASN C 160 -9.18 -25.35 40.56
N SER C 161 -8.45 -25.95 39.62
CA SER C 161 -8.77 -25.90 38.19
C SER C 161 -8.83 -24.47 37.66
N GLY C 162 -7.98 -23.59 38.19
CA GLY C 162 -7.90 -22.23 37.74
C GLY C 162 -8.91 -21.28 38.33
N SER C 163 -9.83 -21.77 39.18
CA SER C 163 -10.79 -20.87 39.83
C SER C 163 -10.08 -19.90 40.77
N LEU C 164 -9.08 -20.39 41.51
CA LEU C 164 -8.31 -19.56 42.41
C LEU C 164 -7.05 -19.10 41.68
N SER C 165 -6.91 -17.78 41.52
CA SER C 165 -5.78 -17.22 40.79
C SER C 165 -4.93 -16.26 41.63
N SER C 166 -5.53 -15.51 42.54
CA SER C 166 -4.77 -14.58 43.37
C SER C 166 -3.90 -15.32 44.37
N GLY C 167 -2.73 -14.75 44.65
CA GLY C 167 -1.82 -15.32 45.61
C GLY C 167 -0.99 -16.48 45.11
N VAL C 168 -1.11 -16.84 43.84
CA VAL C 168 -0.37 -17.96 43.26
C VAL C 168 1.00 -17.47 42.83
N HIS C 169 2.04 -18.15 43.30
CA HIS C 169 3.43 -17.81 42.98
C HIS C 169 4.14 -19.08 42.51
N THR C 170 4.09 -19.32 41.20
CA THR C 170 4.83 -20.43 40.60
C THR C 170 6.25 -19.97 40.29
N PHE C 171 7.21 -20.79 40.63
CA PHE C 171 8.60 -20.39 40.52
C PHE C 171 9.25 -21.01 39.30
N PRO C 172 10.28 -20.37 38.75
CA PRO C 172 11.04 -21.00 37.66
C PRO C 172 11.70 -22.30 38.13
N ALA C 173 11.71 -23.29 37.24
CA ALA C 173 12.27 -24.59 37.57
C ALA C 173 13.80 -24.53 37.57
N VAL C 174 14.40 -25.56 38.14
CA VAL C 174 15.85 -25.66 38.21
C VAL C 174 16.28 -27.06 37.78
N LEU C 175 17.34 -27.13 36.97
CA LEU C 175 17.94 -28.38 36.54
C LEU C 175 18.97 -28.87 37.53
N GLN C 176 18.88 -30.16 37.86
CA GLN C 176 19.95 -30.89 38.53
C GLN C 176 19.85 -32.35 38.12
N SER C 177 20.98 -32.94 37.75
CA SER C 177 21.05 -34.34 37.31
C SER C 177 20.08 -34.63 36.17
N ASP C 178 19.96 -33.68 35.24
CA ASP C 178 19.06 -33.74 34.09
C ASP C 178 17.60 -33.89 34.50
N LEU C 179 17.22 -33.43 35.69
CA LEU C 179 15.84 -33.43 36.13
C LEU C 179 15.46 -32.04 36.64
N TYR C 180 14.17 -31.76 36.63
CA TYR C 180 13.64 -30.44 36.94
C TYR C 180 12.99 -30.43 38.32
N THR C 181 13.16 -29.31 39.02
CA THR C 181 12.51 -29.06 40.30
C THR C 181 11.71 -27.77 40.21
N LEU C 182 10.47 -27.81 40.69
CA LEU C 182 9.51 -26.72 40.61
C LEU C 182 8.77 -26.57 41.93
N SER C 183 8.52 -25.32 42.32
CA SER C 183 7.74 -25.02 43.51
C SER C 183 6.58 -24.11 43.15
N SER C 184 5.45 -24.30 43.84
CA SER C 184 4.31 -23.41 43.69
C SER C 184 3.75 -23.09 45.06
N SER C 185 3.45 -21.80 45.30
CA SER C 185 2.95 -21.35 46.58
C SER C 185 1.64 -20.61 46.40
N VAL C 186 0.79 -20.68 47.41
CA VAL C 186 -0.52 -20.04 47.38
C VAL C 186 -0.84 -19.52 48.77
N THR C 187 -1.39 -18.30 48.82
CA THR C 187 -1.84 -17.69 50.07
C THR C 187 -3.36 -17.66 50.08
N VAL C 188 -3.96 -18.21 51.13
CA VAL C 188 -5.41 -18.28 51.23
C VAL C 188 -5.85 -17.79 52.61
N PRO C 189 -7.06 -17.23 52.70
CA PRO C 189 -7.60 -16.88 54.01
C PRO C 189 -7.71 -18.09 54.93
N SER C 190 -7.48 -17.86 56.21
CA SER C 190 -7.52 -18.95 57.20
C SER C 190 -8.91 -19.55 57.32
N SER C 191 -9.95 -18.77 57.02
CA SER C 191 -11.31 -19.31 57.03
C SER C 191 -11.59 -20.23 55.84
N THR C 192 -10.68 -20.25 54.85
CA THR C 192 -10.86 -21.09 53.66
C THR C 192 -10.20 -22.46 53.81
N TRP C 193 -9.14 -22.57 54.61
CA TRP C 193 -8.43 -23.81 54.78
C TRP C 193 -8.27 -24.15 56.25
N PRO C 194 -8.47 -25.41 56.64
CA PRO C 194 -8.88 -26.55 55.82
C PRO C 194 -10.40 -26.73 55.79
N SER C 195 -11.17 -25.65 55.84
CA SER C 195 -12.63 -25.79 55.93
C SER C 195 -13.22 -26.29 54.62
N GLU C 196 -12.83 -25.70 53.50
CA GLU C 196 -13.20 -26.24 52.19
C GLU C 196 -11.97 -26.76 51.47
N THR C 197 -12.21 -27.34 50.29
CA THR C 197 -11.18 -28.09 49.57
C THR C 197 -10.25 -27.18 48.80
N VAL C 198 -8.95 -27.40 48.97
CA VAL C 198 -7.90 -26.77 48.17
C VAL C 198 -7.07 -27.87 47.54
N THR C 199 -6.70 -27.70 46.27
CA THR C 199 -5.94 -28.72 45.56
C THR C 199 -4.97 -28.06 44.58
N CYS C 200 -3.94 -28.80 44.22
CA CYS C 200 -2.98 -28.39 43.21
C CYS C 200 -3.03 -29.36 42.04
N ASN C 201 -3.20 -28.82 40.83
CA ASN C 201 -3.32 -29.61 39.62
C ASN C 201 -2.05 -29.42 38.79
N VAL C 202 -1.40 -30.53 38.45
CA VAL C 202 -0.13 -30.52 37.72
C VAL C 202 -0.34 -31.27 36.41
N ALA C 203 -0.03 -30.62 35.31
CA ALA C 203 -0.13 -31.20 33.97
C ALA C 203 1.24 -31.23 33.33
N HIS C 204 1.64 -32.41 32.85
CA HIS C 204 2.91 -32.62 32.15
C HIS C 204 2.57 -33.20 30.79
N PRO C 205 2.39 -32.35 29.77
CA PRO C 205 2.00 -32.86 28.44
C PRO C 205 3.06 -33.73 27.78
N ALA C 206 4.33 -33.59 28.15
CA ALA C 206 5.37 -34.42 27.56
C ALA C 206 5.16 -35.89 27.90
N SER C 207 4.81 -36.19 29.15
CA SER C 207 4.45 -37.53 29.57
C SER C 207 2.95 -37.72 29.70
N SER C 208 2.16 -36.68 29.40
CA SER C 208 0.70 -36.71 29.50
C SER C 208 0.24 -37.13 30.89
N THR C 209 0.84 -36.51 31.91
CA THR C 209 0.56 -36.84 33.29
C THR C 209 -0.31 -35.76 33.92
N LYS C 210 -1.44 -36.16 34.51
CA LYS C 210 -2.35 -35.25 35.19
C LYS C 210 -2.43 -35.66 36.65
N VAL C 211 -2.12 -34.74 37.55
CA VAL C 211 -2.15 -34.97 38.99
C VAL C 211 -3.10 -33.94 39.61
N ASP C 212 -3.92 -34.41 40.55
CA ASP C 212 -4.95 -33.57 41.17
C ASP C 212 -4.77 -33.57 42.68
N LYS C 213 -3.56 -33.27 43.14
CA LYS C 213 -3.16 -33.54 44.52
C LYS C 213 -3.97 -32.69 45.51
N LYS C 214 -4.41 -33.35 46.57
CA LYS C 214 -5.21 -32.73 47.63
C LYS C 214 -4.28 -32.33 48.77
N ILE C 215 -4.16 -31.03 49.02
CA ILE C 215 -3.33 -30.52 50.11
C ILE C 215 -4.10 -30.67 51.42
N VAL C 216 -3.47 -31.33 52.39
CA VAL C 216 -4.13 -31.63 53.66
C VAL C 216 -3.25 -31.18 54.82
N PRO C 217 -3.83 -30.80 55.96
CA PRO C 217 -3.00 -30.43 57.11
C PRO C 217 -2.26 -31.63 57.68
N ARG C 218 -1.11 -31.35 58.29
CA ARG C 218 -0.27 -32.40 58.87
C ARG C 218 -0.92 -32.96 60.14
N ILE D 36 12.68 -14.44 -53.71
CA ILE D 36 12.85 -13.81 -55.01
C ILE D 36 11.75 -14.26 -55.96
N SER D 37 11.58 -15.59 -56.06
CA SER D 37 10.55 -16.15 -56.94
C SER D 37 9.13 -15.94 -56.42
N GLY D 38 8.98 -15.55 -55.14
CA GLY D 38 7.65 -15.32 -54.60
C GLY D 38 6.99 -14.05 -55.09
N TRP D 39 7.77 -13.13 -55.66
CA TRP D 39 7.20 -11.90 -56.19
C TRP D 39 6.49 -12.08 -57.52
N PHE D 40 6.57 -13.27 -58.12
CA PHE D 40 5.90 -13.51 -59.40
C PHE D 40 4.39 -13.41 -59.25
N ARG D 41 3.84 -13.93 -58.16
CA ARG D 41 2.41 -13.88 -57.93
C ARG D 41 1.96 -12.68 -57.12
N SER D 42 2.87 -12.03 -56.41
CA SER D 42 2.50 -10.84 -55.63
C SER D 42 2.15 -9.68 -56.55
N ILE D 43 2.84 -9.55 -57.69
CA ILE D 43 2.61 -8.44 -58.60
C ILE D 43 1.28 -8.54 -59.34
N LEU D 44 0.60 -9.68 -59.26
CA LEU D 44 -0.65 -9.88 -59.99
C LEU D 44 -1.89 -9.68 -59.13
N SER D 45 -1.83 -10.06 -57.85
CA SER D 45 -2.99 -10.01 -56.98
C SER D 45 -3.17 -8.68 -56.26
N ASP D 46 -2.26 -7.74 -56.46
CA ASP D 46 -2.28 -6.50 -55.70
C ASP D 46 -3.20 -5.47 -56.36
N LYS D 47 -3.81 -4.62 -55.52
CA LYS D 47 -4.47 -3.41 -56.00
C LYS D 47 -3.80 -2.16 -55.45
N THR D 48 -3.75 -1.99 -54.13
CA THR D 48 -3.06 -0.84 -53.56
C THR D 48 -1.55 -1.02 -53.66
N SER D 49 -1.06 -2.23 -53.41
CA SER D 49 0.34 -2.52 -53.66
C SER D 49 0.65 -2.45 -55.16
N ARG D 50 -0.35 -2.70 -56.01
CA ARG D 50 -0.16 -2.48 -57.44
C ARG D 50 0.04 -1.00 -57.75
N ASN D 51 -0.77 -0.13 -57.14
CA ASN D 51 -0.58 1.30 -57.31
C ASN D 51 0.79 1.75 -56.82
N LEU D 52 1.20 1.24 -55.65
CA LEU D 52 2.52 1.57 -55.12
C LEU D 52 3.63 1.08 -56.04
N PHE D 53 3.50 -0.14 -56.57
CA PHE D 53 4.53 -0.72 -57.42
C PHE D 53 4.68 0.10 -58.70
N PHE D 54 3.56 0.47 -59.31
CA PHE D 54 3.62 1.29 -60.52
C PHE D 54 4.17 2.68 -60.22
N PHE D 55 3.82 3.25 -59.07
CA PHE D 55 4.31 4.56 -58.69
C PHE D 55 5.83 4.57 -58.54
N LEU D 56 6.36 3.63 -57.76
CA LEU D 56 7.81 3.57 -57.61
C LEU D 56 8.50 3.06 -58.87
N CYS D 57 7.78 2.40 -59.77
CA CYS D 57 8.39 1.99 -61.03
C CYS D 57 8.57 3.17 -61.97
N LEU D 58 7.58 4.04 -62.08
CA LEU D 58 7.76 5.16 -63.00
C LEU D 58 8.53 6.31 -62.38
N ASN D 59 8.39 6.56 -61.07
CA ASN D 59 9.04 7.71 -60.46
C ASN D 59 10.56 7.56 -60.45
N LEU D 60 11.06 6.40 -60.02
CA LEU D 60 12.50 6.18 -59.97
C LEU D 60 13.10 6.10 -61.37
N SER D 61 12.39 5.49 -62.31
CA SER D 61 12.88 5.43 -63.68
C SER D 61 13.00 6.83 -64.28
N PHE D 62 11.98 7.68 -64.06
CA PHE D 62 12.08 9.03 -64.62
C PHE D 62 13.07 9.88 -63.84
N ALA D 63 13.30 9.58 -62.56
CA ALA D 63 14.38 10.24 -61.83
C ALA D 63 15.73 9.91 -62.44
N PHE D 64 15.93 8.65 -62.81
CA PHE D 64 17.16 8.26 -63.50
C PHE D 64 17.27 8.96 -64.85
N VAL D 65 16.17 9.05 -65.58
CA VAL D 65 16.18 9.71 -66.89
C VAL D 65 16.54 11.18 -66.74
N GLU D 66 15.94 11.86 -65.77
CA GLU D 66 16.21 13.27 -65.55
C GLU D 66 17.64 13.49 -65.08
N LEU D 67 18.16 12.61 -64.23
CA LEU D 67 19.57 12.72 -63.83
C LEU D 67 20.48 12.57 -65.04
N LEU D 68 20.22 11.57 -65.89
CA LEU D 68 21.07 11.35 -67.05
C LEU D 68 21.04 12.54 -68.00
N TYR D 69 19.85 13.09 -68.24
CA TYR D 69 19.75 14.24 -69.13
C TYR D 69 20.34 15.50 -68.53
N GLY D 70 20.27 15.65 -67.20
CA GLY D 70 20.91 16.77 -66.55
C GLY D 70 22.43 16.70 -66.62
N ILE D 71 22.99 15.51 -66.43
CA ILE D 71 24.45 15.36 -66.55
C ILE D 71 24.89 15.50 -68.00
N TRP D 72 24.09 15.01 -68.95
CA TRP D 72 24.43 15.19 -70.36
C TRP D 72 24.44 16.66 -70.74
N SER D 73 23.45 17.41 -70.29
CA SER D 73 23.45 18.85 -70.43
C SER D 73 24.29 19.45 -69.31
N ASN D 74 24.21 20.77 -69.13
CA ASN D 74 24.75 21.41 -67.95
C ASN D 74 23.67 22.02 -67.08
N CYS D 75 22.41 21.77 -67.40
CA CYS D 75 21.31 22.26 -66.57
C CYS D 75 21.35 21.59 -65.21
N LEU D 76 21.13 22.38 -64.16
CA LEU D 76 21.11 21.86 -62.81
C LEU D 76 19.72 21.79 -62.21
N GLY D 77 18.75 22.50 -62.78
CA GLY D 77 17.37 22.33 -62.36
C GLY D 77 16.86 20.93 -62.62
N LEU D 78 17.25 20.33 -63.75
CA LEU D 78 16.87 18.95 -64.01
C LEU D 78 17.47 17.99 -62.99
N ILE D 79 18.75 18.18 -62.67
CA ILE D 79 19.42 17.33 -61.69
C ILE D 79 18.76 17.48 -60.32
N SER D 80 18.44 18.71 -59.94
CA SER D 80 17.81 18.97 -58.64
C SER D 80 16.41 18.35 -58.58
N ASP D 81 15.64 18.45 -59.65
CA ASP D 81 14.32 17.82 -59.67
C ASP D 81 14.43 16.31 -59.59
N SER D 82 15.43 15.74 -60.28
CA SER D 82 15.66 14.30 -60.22
C SER D 82 16.00 13.86 -58.80
N PHE D 83 16.85 14.62 -58.11
CA PHE D 83 17.17 14.31 -56.72
C PHE D 83 15.93 14.40 -55.83
N HIS D 84 15.08 15.40 -56.09
CA HIS D 84 13.87 15.53 -55.28
C HIS D 84 12.96 14.32 -55.45
N MET D 85 12.72 13.89 -56.69
CA MET D 85 11.80 12.76 -56.86
C MET D 85 12.45 11.46 -56.41
N PHE D 86 13.78 11.35 -56.53
CA PHE D 86 14.47 10.18 -56.00
C PHE D 86 14.28 10.07 -54.50
N PHE D 87 14.38 11.19 -53.78
CA PHE D 87 14.18 11.12 -52.34
C PHE D 87 12.69 10.95 -51.99
N ASP D 88 11.80 11.44 -52.84
CA ASP D 88 10.38 11.16 -52.66
C ASP D 88 10.11 9.65 -52.71
N SER D 89 10.76 8.95 -53.63
CA SER D 89 10.57 7.50 -53.72
C SER D 89 11.32 6.75 -52.62
N THR D 90 12.51 7.24 -52.25
CA THR D 90 13.26 6.64 -51.15
C THR D 90 12.51 6.79 -49.83
N ALA D 91 11.68 7.84 -49.70
CA ALA D 91 10.83 7.95 -48.52
C ALA D 91 9.89 6.76 -48.41
N ILE D 92 9.25 6.39 -49.52
CA ILE D 92 8.32 5.26 -49.50
C ILE D 92 9.06 3.94 -49.27
N LEU D 93 10.23 3.78 -49.90
CA LEU D 93 11.00 2.56 -49.69
C LEU D 93 11.45 2.41 -48.24
N ALA D 94 11.94 3.51 -47.65
CA ALA D 94 12.32 3.49 -46.24
C ALA D 94 11.11 3.27 -45.34
N GLY D 95 9.93 3.78 -45.73
CA GLY D 95 8.74 3.52 -44.95
C GLY D 95 8.34 2.06 -44.94
N LEU D 96 8.44 1.41 -46.10
CA LEU D 96 8.16 -0.03 -46.16
C LEU D 96 9.17 -0.83 -45.34
N ALA D 97 10.46 -0.51 -45.49
CA ALA D 97 11.48 -1.20 -44.71
C ALA D 97 11.31 -0.97 -43.22
N ALA D 98 10.95 0.26 -42.83
CA ALA D 98 10.74 0.58 -41.43
C ALA D 98 9.51 -0.11 -40.87
N SER D 99 8.46 -0.30 -41.68
CA SER D 99 7.33 -1.08 -41.22
C SER D 99 7.71 -2.54 -40.99
N VAL D 100 8.51 -3.11 -41.89
CA VAL D 100 8.97 -4.48 -41.71
C VAL D 100 9.82 -4.61 -40.45
N ILE D 101 10.71 -3.64 -40.22
CA ILE D 101 11.53 -3.66 -39.01
C ILE D 101 10.68 -3.45 -37.76
N SER D 102 9.66 -2.59 -37.86
CA SER D 102 8.80 -2.31 -36.71
C SER D 102 8.00 -3.54 -36.31
N LYS D 103 7.68 -4.41 -37.26
CA LYS D 103 6.99 -5.64 -36.89
C LYS D 103 7.88 -6.65 -36.19
N TRP D 104 9.15 -6.34 -35.92
CA TRP D 104 10.02 -7.27 -35.23
C TRP D 104 9.67 -7.39 -33.76
N ARG D 105 9.86 -8.58 -33.22
CA ARG D 105 9.62 -8.88 -31.82
C ARG D 105 10.65 -8.19 -30.94
N ASP D 106 10.22 -7.75 -29.77
CA ASP D 106 11.09 -7.05 -28.84
C ASP D 106 12.03 -8.03 -28.15
N ASN D 107 13.07 -7.49 -27.53
CA ASN D 107 14.09 -8.30 -26.87
C ASN D 107 14.63 -7.51 -25.69
N ASP D 108 15.78 -7.93 -25.17
CA ASP D 108 16.35 -7.28 -24.00
C ASP D 108 16.91 -5.90 -24.34
N ALA D 109 17.65 -5.80 -25.45
CA ALA D 109 18.20 -4.51 -25.85
C ALA D 109 17.10 -3.55 -26.29
N PHE D 110 16.14 -4.05 -27.04
CA PHE D 110 15.03 -3.23 -27.52
C PHE D 110 13.77 -3.74 -26.85
N SER D 111 13.53 -3.25 -25.64
CA SER D 111 12.38 -3.67 -24.85
C SER D 111 11.09 -3.03 -25.33
N TYR D 112 11.17 -1.86 -25.97
CA TYR D 112 10.02 -1.25 -26.59
C TYR D 112 9.82 -1.73 -28.02
N GLY D 113 10.65 -2.67 -28.48
CA GLY D 113 10.61 -3.12 -29.85
C GLY D 113 11.46 -2.24 -30.75
N TYR D 114 11.17 -2.35 -32.04
CA TYR D 114 11.81 -1.53 -33.06
C TYR D 114 10.83 -0.54 -33.67
N VAL D 115 9.81 -0.18 -32.89
CA VAL D 115 8.72 0.65 -33.37
C VAL D 115 9.16 2.06 -33.71
N ARG D 116 10.28 2.53 -33.15
CA ARG D 116 10.76 3.86 -33.49
C ARG D 116 11.35 3.93 -34.88
N ALA D 117 11.64 2.78 -35.50
CA ALA D 117 12.30 2.74 -36.80
C ALA D 117 11.48 3.43 -37.88
N GLU D 118 10.17 3.56 -37.71
CA GLU D 118 9.40 4.37 -38.63
C GLU D 118 9.82 5.83 -38.55
N VAL D 119 9.69 6.43 -37.36
CA VAL D 119 9.90 7.87 -37.21
C VAL D 119 11.32 8.24 -37.63
N LEU D 120 12.30 7.51 -37.09
CA LEU D 120 13.70 7.71 -37.45
C LEU D 120 13.87 7.68 -38.96
N ALA D 121 13.32 6.65 -39.61
CA ALA D 121 13.46 6.54 -41.07
C ALA D 121 12.97 7.80 -41.76
N GLY D 122 11.76 8.24 -41.43
CA GLY D 122 11.25 9.45 -42.02
C GLY D 122 12.18 10.62 -41.75
N PHE D 123 12.58 10.76 -40.49
CA PHE D 123 13.51 11.81 -40.09
C PHE D 123 14.76 11.76 -40.97
N VAL D 124 15.33 10.56 -41.12
CA VAL D 124 16.58 10.44 -41.86
C VAL D 124 16.37 10.90 -43.29
N ASN D 125 15.28 10.45 -43.91
CA ASN D 125 15.03 10.84 -45.29
C ASN D 125 14.88 12.35 -45.38
N GLY D 126 14.15 12.94 -44.44
CA GLY D 126 13.99 14.38 -44.44
C GLY D 126 15.34 15.08 -44.39
N LEU D 127 16.21 14.62 -43.51
CA LEU D 127 17.53 15.23 -43.41
C LEU D 127 18.27 15.09 -44.72
N PHE D 128 18.22 13.90 -45.31
CA PHE D 128 18.94 13.68 -46.55
C PHE D 128 18.33 14.47 -47.69
N LEU D 129 17.07 14.87 -47.58
CA LEU D 129 16.52 15.80 -48.56
C LEU D 129 17.11 17.19 -48.33
N ILE D 130 17.06 17.67 -47.09
CA ILE D 130 17.44 19.05 -46.83
C ILE D 130 18.90 19.28 -47.20
N PHE D 131 19.78 18.36 -46.81
CA PHE D 131 21.19 18.43 -47.18
C PHE D 131 21.33 18.60 -48.68
N THR D 132 20.62 17.79 -49.47
CA THR D 132 20.73 17.88 -50.91
C THR D 132 20.30 19.25 -51.40
N ALA D 133 19.15 19.73 -50.90
CA ALA D 133 18.72 21.07 -51.26
C ALA D 133 19.77 22.07 -50.82
N PHE D 134 20.28 21.88 -49.61
CA PHE D 134 21.35 22.71 -49.09
C PHE D 134 22.57 22.67 -50.01
N PHE D 135 22.88 21.50 -50.57
CA PHE D 135 23.96 21.45 -51.56
C PHE D 135 23.56 22.13 -52.86
N ILE D 136 22.33 21.87 -53.34
CA ILE D 136 21.93 22.34 -54.66
C ILE D 136 22.02 23.85 -54.72
N PHE D 137 21.34 24.52 -53.78
CA PHE D 137 21.45 25.96 -53.56
C PHE D 137 22.87 26.44 -53.73
N SER D 138 23.80 25.82 -52.99
CA SER D 138 25.20 26.19 -53.07
C SER D 138 25.69 26.15 -54.51
N GLU D 139 25.66 24.97 -55.12
CA GLU D 139 26.11 24.86 -56.50
C GLU D 139 25.30 25.77 -57.41
N GLY D 140 24.01 25.93 -57.09
CA GLY D 140 23.16 26.80 -57.89
C GLY D 140 23.68 28.22 -57.90
N VAL D 141 24.00 28.76 -56.72
CA VAL D 141 24.45 30.14 -56.69
C VAL D 141 25.84 30.24 -57.28
N GLU D 142 26.58 29.11 -57.36
CA GLU D 142 27.80 29.09 -58.13
C GLU D 142 27.55 29.52 -59.56
N ARG D 143 26.55 28.91 -60.20
CA ARG D 143 26.22 29.27 -61.56
C ARG D 143 25.56 30.64 -61.64
N ALA D 144 25.22 31.24 -60.50
CA ALA D 144 24.83 32.64 -60.51
C ALA D 144 26.00 33.52 -60.90
N LEU D 145 27.20 33.19 -60.45
CA LEU D 145 28.37 34.02 -60.75
C LEU D 145 28.86 33.80 -62.17
N ALA D 146 29.01 32.55 -62.60
CA ALA D 146 29.51 32.20 -63.93
C ALA D 146 28.53 31.22 -64.56
N PRO D 147 27.49 31.71 -65.23
CA PRO D 147 26.46 30.82 -65.77
C PRO D 147 26.92 30.15 -67.06
N PRO D 148 26.95 28.83 -67.09
CA PRO D 148 27.20 28.13 -68.35
C PRO D 148 25.91 27.87 -69.11
N ASP D 149 26.07 27.57 -70.41
CA ASP D 149 24.92 27.38 -71.29
C ASP D 149 25.16 26.14 -72.14
N VAL D 150 24.42 25.07 -71.86
CA VAL D 150 24.42 23.85 -72.66
C VAL D 150 22.98 23.44 -72.89
N HIS D 151 22.64 23.12 -74.13
CA HIS D 151 21.31 22.67 -74.49
C HIS D 151 21.38 21.30 -75.16
N HIS D 152 20.30 20.52 -75.06
CA HIS D 152 20.33 19.14 -75.59
C HIS D 152 19.18 18.92 -76.58
N GLU D 153 18.45 19.98 -76.94
CA GLU D 153 17.31 19.89 -77.92
C GLU D 153 16.34 18.80 -77.46
N ARG D 154 16.15 18.66 -76.13
CA ARG D 154 15.23 17.64 -75.57
C ARG D 154 14.84 18.14 -74.17
N LEU D 155 15.51 19.21 -73.70
CA LEU D 155 15.25 19.76 -72.38
C LEU D 155 13.79 20.18 -72.24
N LEU D 156 13.22 20.75 -73.31
CA LEU D 156 11.80 21.06 -73.30
C LEU D 156 10.96 19.78 -73.24
N LEU D 157 11.42 18.72 -73.92
CA LEU D 157 10.65 17.49 -73.94
C LEU D 157 10.65 16.81 -72.57
N VAL D 158 11.81 16.74 -71.92
CA VAL D 158 11.90 15.98 -70.68
C VAL D 158 11.32 16.74 -69.49
N SER D 159 11.28 18.07 -69.52
CA SER D 159 10.68 18.81 -68.43
C SER D 159 9.16 18.68 -68.47
N ILE D 160 8.56 18.78 -69.66
CA ILE D 160 7.12 18.59 -69.79
C ILE D 160 6.74 17.17 -69.42
N LEU D 161 7.57 16.20 -69.81
CA LEU D 161 7.30 14.81 -69.46
C LEU D 161 7.44 14.58 -67.96
N GLY D 162 8.41 15.25 -67.31
CA GLY D 162 8.49 15.17 -65.87
C GLY D 162 7.27 15.76 -65.18
N PHE D 163 6.78 16.88 -65.71
CA PHE D 163 5.56 17.49 -65.18
C PHE D 163 4.36 16.54 -65.32
N VAL D 164 4.21 15.90 -66.48
CA VAL D 164 3.05 15.03 -66.67
C VAL D 164 3.21 13.77 -65.84
N VAL D 165 4.44 13.30 -65.63
CA VAL D 165 4.66 12.16 -64.74
C VAL D 165 4.25 12.51 -63.31
N ASN D 166 4.64 13.70 -62.84
CA ASN D 166 4.24 14.14 -61.52
C ASN D 166 2.73 14.26 -61.40
N LEU D 167 2.08 14.81 -62.44
CA LEU D 167 0.62 14.93 -62.42
C LEU D 167 -0.04 13.56 -62.36
N ILE D 168 0.46 12.61 -63.15
CA ILE D 168 -0.09 11.26 -63.14
C ILE D 168 0.04 10.64 -61.75
N GLY D 169 1.24 10.73 -61.17
CA GLY D 169 1.48 10.11 -59.88
C GLY D 169 0.75 10.80 -58.74
N ILE D 170 0.38 12.07 -58.91
CA ILE D 170 -0.32 12.76 -57.84
C ILE D 170 -1.84 12.67 -58.00
N PHE D 171 -2.34 12.42 -59.21
CA PHE D 171 -3.78 12.40 -59.42
C PHE D 171 -4.34 11.00 -59.60
N VAL D 172 -3.82 10.22 -60.56
CA VAL D 172 -4.39 8.90 -60.83
C VAL D 172 -3.69 7.80 -60.03
N PHE D 173 -2.78 8.18 -59.13
CA PHE D 173 -2.07 7.23 -58.29
C PHE D 173 -2.25 7.48 -56.81
N LYS D 174 -2.46 8.73 -56.41
CA LYS D 174 -2.72 9.20 -55.05
C LYS D 174 -1.55 8.99 -54.09
N HIS D 175 -0.40 8.53 -54.56
CA HIS D 175 0.79 8.46 -53.74
C HIS D 175 1.68 9.67 -54.01
N GLY D 176 2.76 9.76 -53.25
CA GLY D 176 3.71 10.83 -53.41
C GLY D 176 3.35 12.13 -52.72
N GLY D 177 2.32 12.15 -51.89
CA GLY D 177 1.95 13.34 -51.16
C GLY D 177 3.04 13.76 -50.19
N HIS D 178 3.72 14.87 -50.50
CA HIS D 178 4.85 15.35 -49.71
C HIS D 178 4.34 16.02 -48.44
N GLY D 179 3.82 15.20 -47.53
CA GLY D 179 3.29 15.68 -46.28
C GLY D 179 1.83 15.32 -46.07
N ILE D 247 -6.37 22.85 -46.04
CA ILE D 247 -6.51 24.22 -46.54
C ILE D 247 -5.34 24.58 -47.45
N LEU D 248 -4.91 25.84 -47.36
CA LEU D 248 -3.81 26.31 -48.22
C LEU D 248 -2.52 25.56 -47.93
N GLN D 249 -2.22 25.32 -46.64
CA GLN D 249 -1.02 24.57 -46.29
C GLN D 249 -1.12 23.12 -46.76
N GLY D 250 -2.32 22.54 -46.68
CA GLY D 250 -2.50 21.18 -47.17
C GLY D 250 -2.27 21.06 -48.66
N VAL D 251 -2.83 22.00 -49.44
CA VAL D 251 -2.62 21.98 -50.88
C VAL D 251 -1.15 22.26 -51.22
N PHE D 252 -0.51 23.15 -50.45
CA PHE D 252 0.91 23.43 -50.66
C PHE D 252 1.76 22.20 -50.43
N LEU D 253 1.46 21.43 -49.37
CA LEU D 253 2.23 20.22 -49.10
C LEU D 253 1.90 19.10 -50.09
N HIS D 254 0.68 19.07 -50.61
CA HIS D 254 0.25 17.95 -51.45
C HIS D 254 0.65 18.12 -52.91
N ILE D 255 0.25 19.23 -53.55
CA ILE D 255 0.41 19.36 -54.99
C ILE D 255 1.59 20.26 -55.30
N LEU D 256 1.58 21.47 -54.74
CA LEU D 256 2.51 22.51 -55.18
C LEU D 256 3.96 22.10 -54.94
N ALA D 257 4.23 21.45 -53.81
CA ALA D 257 5.60 21.12 -53.43
C ALA D 257 6.29 20.21 -54.43
N ASP D 258 5.54 19.48 -55.26
CA ASP D 258 6.14 18.61 -56.26
C ASP D 258 5.74 18.93 -57.69
N THR D 259 4.83 19.88 -57.92
CA THR D 259 4.64 20.37 -59.29
C THR D 259 5.36 21.68 -59.58
N LEU D 260 5.71 22.48 -58.56
CA LEU D 260 6.41 23.73 -58.83
C LEU D 260 7.84 23.51 -59.31
N GLY D 261 8.48 22.40 -58.92
CA GLY D 261 9.80 22.10 -59.47
C GLY D 261 9.74 21.84 -60.96
N SER D 262 8.74 21.08 -61.40
CA SER D 262 8.56 20.84 -62.83
C SER D 262 8.19 22.12 -63.56
N ILE D 263 7.34 22.95 -62.95
CA ILE D 263 7.02 24.24 -63.56
C ILE D 263 8.28 25.09 -63.71
N GLY D 264 9.15 25.07 -62.69
CA GLY D 264 10.36 25.85 -62.75
C GLY D 264 11.33 25.37 -63.82
N VAL D 265 11.49 24.05 -63.95
CA VAL D 265 12.39 23.56 -64.99
C VAL D 265 11.80 23.80 -66.38
N ILE D 266 10.47 23.75 -66.53
CA ILE D 266 9.85 24.10 -67.80
C ILE D 266 10.09 25.57 -68.12
N ALA D 267 9.93 26.45 -67.13
CA ALA D 267 10.16 27.87 -67.35
C ALA D 267 11.61 28.14 -67.69
N SER D 268 12.54 27.42 -67.06
CA SER D 268 13.95 27.56 -67.41
C SER D 268 14.21 27.11 -68.83
N ALA D 269 13.56 26.02 -69.26
CA ALA D 269 13.72 25.55 -70.64
C ALA D 269 13.21 26.58 -71.63
N ILE D 270 12.06 27.20 -71.35
CA ILE D 270 11.56 28.28 -72.21
C ILE D 270 12.53 29.45 -72.21
N MET D 271 13.01 29.84 -71.03
CA MET D 271 13.81 31.05 -70.90
C MET D 271 15.20 30.88 -71.50
N MET D 272 15.68 29.64 -71.63
CA MET D 272 17.02 29.39 -72.18
C MET D 272 17.03 29.36 -73.70
N GLN D 273 15.97 28.87 -74.32
CA GLN D 273 15.95 28.69 -75.77
C GLN D 273 15.19 29.78 -76.52
N ASN D 274 14.17 30.37 -75.92
CA ASN D 274 13.36 31.37 -76.63
C ASN D 274 13.90 32.77 -76.45
N PHE D 275 13.95 33.26 -75.20
CA PHE D 275 14.51 34.58 -74.95
C PHE D 275 16.03 34.54 -75.05
N GLY D 276 16.65 33.48 -74.54
CA GLY D 276 18.08 33.28 -74.68
C GLY D 276 18.94 33.72 -73.52
N LEU D 277 18.35 34.10 -72.38
CA LEU D 277 19.14 34.52 -71.25
C LEU D 277 19.84 33.31 -70.61
N MET D 278 20.93 33.60 -69.90
CA MET D 278 21.83 32.57 -69.41
C MET D 278 21.69 32.28 -67.92
N ILE D 279 20.82 33.00 -67.22
CA ILE D 279 20.72 32.92 -65.77
C ILE D 279 19.42 32.24 -65.34
N ALA D 280 18.76 31.51 -66.25
CA ALA D 280 17.49 30.89 -65.91
C ALA D 280 17.66 29.78 -64.87
N ASP D 281 18.55 28.81 -65.15
CA ASP D 281 18.63 27.66 -64.26
C ASP D 281 19.35 27.93 -62.92
N PRO D 282 20.30 28.88 -62.79
CA PRO D 282 20.85 29.09 -61.44
C PRO D 282 19.82 29.54 -60.41
N ILE D 283 18.84 30.33 -60.82
CA ILE D 283 17.81 30.76 -59.88
C ILE D 283 16.70 29.72 -59.77
N CYS D 284 16.47 28.93 -60.82
CA CYS D 284 15.52 27.84 -60.73
C CYS D 284 15.97 26.80 -59.73
N SER D 285 17.27 26.50 -59.70
CA SER D 285 17.81 25.57 -58.71
C SER D 285 17.64 26.10 -57.29
N ILE D 286 17.87 27.40 -57.10
CA ILE D 286 17.68 28.00 -55.78
C ILE D 286 16.21 27.91 -55.35
N LEU D 287 15.30 28.19 -56.28
CA LEU D 287 13.88 28.12 -55.96
C LEU D 287 13.45 26.70 -55.63
N ILE D 288 13.99 25.72 -56.37
CA ILE D 288 13.67 24.32 -56.10
C ILE D 288 14.19 23.91 -54.73
N ALA D 289 15.38 24.39 -54.36
CA ALA D 289 15.91 24.10 -53.02
C ALA D 289 15.02 24.68 -51.92
N ILE D 290 14.55 25.92 -52.13
CA ILE D 290 13.66 26.53 -51.14
C ILE D 290 12.36 25.72 -51.03
N LEU D 291 11.82 25.30 -52.17
CA LEU D 291 10.61 24.48 -52.15
C LEU D 291 10.82 23.16 -51.42
N ILE D 292 11.99 22.54 -51.63
CA ILE D 292 12.31 21.28 -50.95
C ILE D 292 12.32 21.48 -49.44
N VAL D 293 13.02 22.52 -48.97
CA VAL D 293 13.12 22.74 -47.53
C VAL D 293 11.75 23.02 -46.93
N VAL D 294 10.95 23.86 -47.60
CA VAL D 294 9.62 24.18 -47.12
C VAL D 294 8.76 22.92 -47.03
N SER D 295 8.85 22.05 -48.04
CA SER D 295 8.07 20.82 -48.02
C SER D 295 8.49 19.90 -46.88
N VAL D 296 9.79 19.81 -46.61
CA VAL D 296 10.29 18.87 -45.61
C VAL D 296 10.05 19.35 -44.18
N ILE D 297 9.88 20.66 -43.98
CA ILE D 297 9.78 21.21 -42.61
C ILE D 297 8.75 20.50 -41.72
N PRO D 298 7.51 20.25 -42.15
CA PRO D 298 6.54 19.68 -41.19
C PRO D 298 6.85 18.26 -40.73
N LEU D 299 7.34 17.40 -41.64
CA LEU D 299 7.74 16.06 -41.24
C LEU D 299 8.87 16.11 -40.22
N LEU D 300 9.85 17.00 -40.46
CA LEU D 300 10.95 17.17 -39.51
C LEU D 300 10.43 17.65 -38.16
N ARG D 301 9.44 18.54 -38.17
CA ARG D 301 8.88 19.05 -36.92
C ARG D 301 8.23 17.93 -36.11
N GLU D 302 7.38 17.14 -36.76
CA GLU D 302 6.71 16.05 -36.06
C GLU D 302 7.71 15.02 -35.54
N SER D 303 8.67 14.63 -36.39
CA SER D 303 9.66 13.64 -35.99
C SER D 303 10.52 14.13 -34.84
N VAL D 304 10.95 15.39 -34.90
CA VAL D 304 11.80 15.95 -33.86
C VAL D 304 11.03 16.02 -32.55
N GLY D 305 9.76 16.42 -32.60
CA GLY D 305 8.94 16.41 -31.40
C GLY D 305 8.85 15.04 -30.76
N ILE D 306 8.66 14.00 -31.58
CA ILE D 306 8.62 12.65 -31.01
C ILE D 306 9.98 12.26 -30.42
N LEU D 307 11.07 12.56 -31.13
CA LEU D 307 12.39 12.14 -30.69
C LEU D 307 12.95 13.00 -29.55
N MET D 308 12.33 14.12 -29.25
CA MET D 308 12.73 14.96 -28.12
C MET D 308 12.06 14.54 -26.82
N GLN D 309 11.32 13.42 -26.84
CA GLN D 309 10.52 12.94 -25.71
C GLN D 309 9.51 13.98 -25.25
N ARG D 310 8.90 14.65 -26.22
CA ARG D 310 7.91 15.68 -25.95
C ARG D 310 6.56 15.05 -25.59
N THR D 311 5.78 15.76 -24.79
CA THR D 311 4.42 15.37 -24.51
C THR D 311 3.63 15.27 -25.81
N PRO D 312 2.90 14.19 -26.06
CA PRO D 312 2.15 14.05 -27.31
C PRO D 312 1.17 15.17 -27.50
N PRO D 313 1.14 15.79 -28.67
CA PRO D 313 0.23 16.94 -28.88
C PRO D 313 -1.24 16.59 -28.76
N LEU D 314 -1.64 15.39 -29.17
CA LEU D 314 -3.02 14.96 -29.04
C LEU D 314 -3.39 14.57 -27.62
N LEU D 315 -2.40 14.51 -26.72
CA LEU D 315 -2.61 14.20 -25.32
C LEU D 315 -2.46 15.41 -24.42
N GLU D 316 -1.93 16.52 -24.93
CA GLU D 316 -1.48 17.61 -24.07
C GLU D 316 -2.65 18.38 -23.47
N ASN D 317 -3.72 18.56 -24.23
CA ASN D 317 -4.85 19.35 -23.78
C ASN D 317 -5.79 18.60 -22.85
N SER D 318 -5.65 17.28 -22.75
CA SER D 318 -6.46 16.49 -21.84
C SER D 318 -5.76 16.17 -20.54
N LEU D 319 -4.45 16.35 -20.47
CA LEU D 319 -3.70 16.05 -19.26
C LEU D 319 -4.09 16.88 -18.04
N PRO D 320 -4.35 18.20 -18.12
CA PRO D 320 -4.76 18.91 -16.90
C PRO D 320 -6.05 18.39 -16.28
N GLN D 321 -7.02 17.99 -17.10
CA GLN D 321 -8.23 17.38 -16.58
C GLN D 321 -7.93 16.03 -15.95
N CYS D 322 -6.99 15.29 -16.54
CA CYS D 322 -6.56 14.02 -15.95
C CYS D 322 -5.93 14.23 -14.58
N TYR D 323 -5.09 15.26 -14.45
CA TYR D 323 -4.43 15.56 -13.19
C TYR D 323 -5.43 16.01 -12.13
N GLN D 324 -6.42 16.80 -12.56
CA GLN D 324 -7.48 17.21 -11.66
C GLN D 324 -8.32 16.02 -11.19
N ARG D 325 -8.58 15.06 -12.09
CA ARG D 325 -9.34 13.88 -11.71
C ARG D 325 -8.55 12.95 -10.80
N VAL D 326 -7.24 12.84 -11.01
CA VAL D 326 -6.43 12.02 -10.13
C VAL D 326 -6.31 12.66 -8.74
N GLN D 327 -6.19 14.00 -8.70
CA GLN D 327 -6.17 14.67 -7.41
C GLN D 327 -7.52 14.56 -6.69
N GLN D 328 -8.61 14.41 -7.44
CA GLN D 328 -9.94 14.28 -6.85
C GLN D 328 -10.20 12.91 -6.23
N LEU D 329 -9.28 11.95 -6.38
CA LEU D 329 -9.44 10.66 -5.73
C LEU D 329 -9.14 10.77 -4.25
N GLN D 330 -9.96 10.10 -3.44
CA GLN D 330 -9.80 10.14 -1.99
C GLN D 330 -8.47 9.53 -1.56
N GLY D 331 -7.80 10.19 -0.63
CA GLY D 331 -6.55 9.71 -0.11
C GLY D 331 -5.35 10.11 -0.91
N VAL D 332 -5.52 10.77 -2.05
CA VAL D 332 -4.41 11.28 -2.82
C VAL D 332 -4.06 12.67 -2.30
N TYR D 333 -2.80 12.87 -1.97
CA TYR D 333 -2.29 14.15 -1.48
C TYR D 333 -1.77 15.00 -2.63
N SER D 334 -0.90 14.46 -3.47
CA SER D 334 -0.34 15.25 -4.55
C SER D 334 0.19 14.36 -5.66
N LEU D 335 0.40 14.97 -6.83
CA LEU D 335 0.99 14.34 -8.00
C LEU D 335 2.39 14.87 -8.24
N GLN D 336 3.23 14.05 -8.86
CA GLN D 336 4.64 14.39 -9.03
C GLN D 336 5.16 13.74 -10.29
N GLU D 337 6.08 14.45 -10.95
CA GLU D 337 7.01 13.88 -11.93
C GLU D 337 6.29 13.13 -13.04
N GLN D 338 5.26 13.77 -13.58
CA GLN D 338 4.50 13.20 -14.67
C GLN D 338 5.26 13.40 -15.98
N HIS D 339 5.36 12.31 -16.74
CA HIS D 339 6.08 12.30 -18.01
C HIS D 339 5.26 11.49 -18.99
N PHE D 340 4.83 12.12 -20.08
CA PHE D 340 4.09 11.45 -21.13
C PHE D 340 4.82 11.69 -22.45
N TRP D 341 5.01 10.63 -23.23
CA TRP D 341 5.72 10.78 -24.49
C TRP D 341 5.16 9.81 -25.51
N THR D 342 5.38 10.16 -26.78
CA THR D 342 5.00 9.32 -27.91
C THR D 342 6.07 8.27 -28.13
N LEU D 343 5.70 7.00 -28.06
CA LEU D 343 6.60 5.94 -28.47
C LEU D 343 6.60 5.79 -29.98
N CYS D 344 5.43 5.47 -30.53
CA CYS D 344 5.18 5.51 -31.96
C CYS D 344 3.80 6.10 -32.17
N SER D 345 3.35 6.12 -33.42
CA SER D 345 2.09 6.77 -33.76
C SER D 345 0.93 6.21 -32.95
N ASP D 346 0.32 7.07 -32.14
CA ASP D 346 -0.84 6.79 -31.30
C ASP D 346 -0.54 5.84 -30.13
N VAL D 347 0.73 5.64 -29.79
CA VAL D 347 1.10 4.79 -28.66
C VAL D 347 1.86 5.66 -27.66
N TYR D 348 1.25 5.93 -26.52
CA TYR D 348 1.77 6.88 -25.54
C TYR D 348 2.21 6.17 -24.27
N VAL D 349 3.36 6.57 -23.74
CA VAL D 349 3.90 6.07 -22.50
C VAL D 349 3.76 7.17 -21.46
N GLY D 350 3.16 6.84 -20.33
CA GLY D 350 3.05 7.79 -19.23
C GLY D 350 3.56 7.22 -17.93
N THR D 351 4.20 8.07 -17.14
CA THR D 351 4.67 7.72 -15.81
C THR D 351 4.34 8.85 -14.85
N LEU D 352 3.96 8.49 -13.64
CA LEU D 352 3.72 9.52 -12.62
C LEU D 352 3.91 8.91 -11.25
N LYS D 353 4.16 9.79 -10.28
CA LYS D 353 4.27 9.43 -8.88
C LYS D 353 3.17 10.12 -8.09
N LEU D 354 2.48 9.36 -7.25
CA LEU D 354 1.45 9.86 -6.36
C LEU D 354 1.96 9.80 -4.93
N ILE D 355 1.67 10.83 -4.16
CA ILE D 355 1.76 10.77 -2.72
C ILE D 355 0.34 10.58 -2.20
N VAL D 356 0.15 9.62 -1.31
CA VAL D 356 -1.17 9.31 -0.81
C VAL D 356 -1.15 9.31 0.71
N ALA D 357 -2.32 9.16 1.30
CA ALA D 357 -2.46 9.10 2.74
C ALA D 357 -1.71 7.88 3.31
N PRO D 358 -1.23 7.97 4.54
CA PRO D 358 -0.52 6.83 5.14
C PRO D 358 -1.36 5.57 5.29
N ASP D 359 -2.68 5.66 5.14
CA ASP D 359 -3.56 4.49 5.22
C ASP D 359 -4.43 4.34 3.97
N ALA D 360 -4.07 4.97 2.86
CA ALA D 360 -4.95 5.06 1.71
C ALA D 360 -5.09 3.73 0.97
N ASP D 361 -6.23 3.56 0.31
CA ASP D 361 -6.54 2.40 -0.52
C ASP D 361 -5.75 2.45 -1.81
N ALA D 362 -4.60 1.79 -1.84
CA ALA D 362 -3.70 1.84 -2.99
C ALA D 362 -4.21 1.03 -4.16
N ARG D 363 -4.88 -0.10 -3.91
CA ARG D 363 -5.48 -0.88 -4.99
C ARG D 363 -6.50 -0.05 -5.77
N TRP D 364 -7.39 0.61 -5.03
CA TRP D 364 -8.45 1.38 -5.67
C TRP D 364 -7.89 2.62 -6.37
N ILE D 365 -6.95 3.33 -5.73
CA ILE D 365 -6.35 4.50 -6.36
C ILE D 365 -5.63 4.10 -7.64
N LEU D 366 -4.93 2.96 -7.61
CA LEU D 366 -4.24 2.48 -8.80
C LEU D 366 -5.20 2.17 -9.94
N SER D 367 -6.30 1.47 -9.62
CA SER D 367 -7.28 1.15 -10.65
C SER D 367 -7.92 2.41 -11.22
N GLN D 368 -8.21 3.39 -10.38
CA GLN D 368 -8.85 4.62 -10.85
C GLN D 368 -7.91 5.47 -11.68
N THR D 369 -6.64 5.56 -11.29
CA THR D 369 -5.67 6.31 -12.09
C THR D 369 -5.49 5.67 -13.46
N HIS D 370 -5.40 4.34 -13.50
CA HIS D 370 -5.30 3.67 -14.79
C HIS D 370 -6.54 3.88 -15.64
N ASN D 371 -7.73 3.87 -15.03
CA ASN D 371 -8.95 4.18 -15.78
C ASN D 371 -8.90 5.60 -16.35
N ILE D 372 -8.49 6.57 -15.53
CA ILE D 372 -8.45 7.96 -15.97
C ILE D 372 -7.54 8.11 -17.19
N PHE D 373 -6.32 7.59 -17.09
CA PHE D 373 -5.38 7.79 -18.18
C PHE D 373 -5.64 6.89 -19.38
N THR D 374 -6.36 5.78 -19.19
CA THR D 374 -6.79 4.99 -20.33
C THR D 374 -7.90 5.70 -21.11
N GLN D 375 -8.80 6.39 -20.41
CA GLN D 375 -9.78 7.19 -21.12
C GLN D 375 -9.18 8.40 -21.82
N ALA D 376 -7.93 8.75 -21.51
CA ALA D 376 -7.22 9.79 -22.23
C ALA D 376 -6.46 9.27 -23.43
N GLY D 377 -6.30 7.96 -23.56
CA GLY D 377 -5.60 7.36 -24.66
C GLY D 377 -4.16 6.99 -24.41
N VAL D 378 -3.76 6.78 -23.16
CA VAL D 378 -2.40 6.40 -22.82
C VAL D 378 -2.33 4.88 -22.75
N ARG D 379 -1.45 4.29 -23.57
CA ARG D 379 -1.38 2.83 -23.66
C ARG D 379 -0.59 2.23 -22.51
N GLN D 380 0.59 2.78 -22.22
CA GLN D 380 1.48 2.28 -21.18
C GLN D 380 1.50 3.29 -20.06
N LEU D 381 1.13 2.86 -18.85
CA LEU D 381 1.12 3.76 -17.71
C LEU D 381 1.82 3.12 -16.53
N TYR D 382 2.67 3.91 -15.86
CA TYR D 382 3.39 3.49 -14.66
C TYR D 382 3.05 4.46 -13.54
N VAL D 383 2.31 3.97 -12.55
CA VAL D 383 1.96 4.77 -11.39
C VAL D 383 2.74 4.25 -10.19
N GLN D 384 3.67 5.05 -9.70
CA GLN D 384 4.32 4.76 -8.44
C GLN D 384 3.56 5.46 -7.33
N ILE D 385 3.29 4.75 -6.25
CA ILE D 385 2.52 5.26 -5.13
C ILE D 385 3.42 5.27 -3.90
N ASP D 386 3.54 6.45 -3.27
CA ASP D 386 4.29 6.63 -2.04
C ASP D 386 3.34 7.04 -0.94
N PHE D 387 3.43 6.37 0.20
CA PHE D 387 2.62 6.72 1.36
C PHE D 387 3.32 7.80 2.17
N ALA D 388 2.55 8.80 2.57
CA ALA D 388 3.09 9.92 3.33
C ALA D 388 3.28 9.53 4.79
N ALA D 389 4.05 10.35 5.51
CA ALA D 389 4.21 10.15 6.94
C ALA D 389 2.97 10.59 7.71
N MET D 390 2.40 11.74 7.35
CA MET D 390 1.26 12.30 8.07
C MET D 390 0.14 12.67 7.10
N GLU E 1 -8.16 -1.78 22.08
CA GLU E 1 -8.86 -0.72 22.80
C GLU E 1 -9.22 0.44 21.87
N VAL E 2 -9.30 0.15 20.57
CA VAL E 2 -9.74 1.15 19.62
C VAL E 2 -11.19 1.49 19.89
N GLN E 3 -11.47 2.76 20.17
CA GLN E 3 -12.80 3.18 20.59
C GLN E 3 -13.06 4.59 20.12
N LEU E 4 -14.29 4.86 19.69
CA LEU E 4 -14.72 6.18 19.25
C LEU E 4 -15.99 6.55 19.99
N GLN E 5 -16.03 7.77 20.55
CA GLN E 5 -17.21 8.28 21.22
C GLN E 5 -17.67 9.56 20.54
N GLU E 6 -18.97 9.64 20.23
CA GLU E 6 -19.56 10.86 19.68
C GLU E 6 -20.36 11.56 20.76
N SER E 7 -20.09 12.85 20.95
CA SER E 7 -20.85 13.70 21.86
C SER E 7 -21.50 14.81 21.04
N GLY E 8 -22.81 14.95 21.15
CA GLY E 8 -23.53 15.95 20.41
C GLY E 8 -24.91 16.21 20.98
N PRO E 9 -25.56 17.28 20.52
CA PRO E 9 -26.90 17.61 21.04
C PRO E 9 -27.94 16.66 20.49
N GLY E 10 -28.69 16.04 21.40
CA GLY E 10 -29.76 15.15 20.98
C GLY E 10 -30.89 15.87 20.29
N LEU E 11 -31.18 17.10 20.69
CA LEU E 11 -32.23 17.90 20.10
C LEU E 11 -31.63 19.14 19.45
N VAL E 12 -31.95 19.35 18.17
CA VAL E 12 -31.50 20.51 17.42
C VAL E 12 -32.72 21.18 16.82
N ALA E 13 -32.84 22.49 17.00
CA ALA E 13 -33.94 23.22 16.41
C ALA E 13 -33.78 23.25 14.88
N PRO E 14 -34.88 23.32 14.14
CA PRO E 14 -34.77 23.37 12.68
C PRO E 14 -34.08 24.63 12.21
N SER E 15 -33.40 24.51 11.06
CA SER E 15 -32.64 25.59 10.43
C SER E 15 -31.49 26.08 11.29
N GLN E 16 -31.01 25.25 12.21
CA GLN E 16 -29.85 25.55 13.02
C GLN E 16 -28.69 24.63 12.62
N SER E 17 -27.59 24.71 13.36
CA SER E 17 -26.38 23.96 13.05
C SER E 17 -26.15 22.87 14.10
N LEU E 18 -25.79 21.69 13.63
CA LEU E 18 -25.49 20.54 14.49
C LEU E 18 -23.98 20.38 14.57
N SER E 19 -23.46 20.25 15.79
CA SER E 19 -22.03 20.07 16.01
C SER E 19 -21.81 18.82 16.84
N ILE E 20 -21.09 17.85 16.27
CA ILE E 20 -20.76 16.60 16.94
C ILE E 20 -19.26 16.53 17.11
N THR E 21 -18.82 15.97 18.23
CA THR E 21 -17.40 15.83 18.53
C THR E 21 -17.10 14.36 18.79
N CYS E 22 -16.19 13.80 18.00
CA CYS E 22 -15.81 12.39 18.12
C CYS E 22 -14.41 12.33 18.72
N THR E 23 -14.29 11.66 19.86
CA THR E 23 -13.01 11.42 20.51
C THR E 23 -12.60 9.99 20.27
N VAL E 24 -11.35 9.78 19.88
CA VAL E 24 -10.84 8.47 19.54
C VAL E 24 -9.79 8.06 20.57
N SER E 25 -9.65 6.75 20.75
CA SER E 25 -8.61 6.20 21.60
C SER E 25 -8.17 4.87 21.03
N GLY E 26 -6.88 4.55 21.22
CA GLY E 26 -6.31 3.36 20.68
C GLY E 26 -5.68 3.51 19.31
N PHE E 27 -5.89 4.64 18.64
CA PHE E 27 -5.22 4.92 17.38
C PHE E 27 -5.05 6.43 17.23
N SER E 28 -3.97 6.81 16.55
CA SER E 28 -3.65 8.22 16.34
C SER E 28 -4.40 8.77 15.14
N LEU E 29 -4.64 10.07 15.17
CA LEU E 29 -5.25 10.77 14.03
C LEU E 29 -4.24 11.09 12.96
N THR E 30 -2.97 10.79 13.18
CA THR E 30 -1.90 11.12 12.26
C THR E 30 -1.72 10.08 11.17
N ASN E 31 -2.35 8.92 11.27
CA ASN E 31 -2.23 7.93 10.21
C ASN E 31 -3.53 7.22 9.87
N TYR E 32 -4.66 7.64 10.41
CA TYR E 32 -5.94 7.04 10.06
C TYR E 32 -6.89 8.12 9.57
N ALA E 33 -7.73 7.73 8.61
CA ALA E 33 -8.84 8.54 8.16
C ALA E 33 -10.05 8.25 9.02
N VAL E 34 -10.89 9.26 9.19
CA VAL E 34 -12.12 9.13 9.96
C VAL E 34 -13.29 9.45 9.04
N HIS E 35 -14.21 8.50 8.91
CA HIS E 35 -15.44 8.68 8.14
C HIS E 35 -16.58 9.09 9.06
N TRP E 36 -17.51 9.85 8.51
CA TRP E 36 -18.76 10.19 9.17
C TRP E 36 -19.90 9.63 8.34
N VAL E 37 -20.78 8.87 9.00
CA VAL E 37 -21.89 8.16 8.35
C VAL E 37 -23.12 8.29 9.23
N ARG E 38 -24.27 8.61 8.63
CA ARG E 38 -25.51 8.69 9.39
C ARG E 38 -26.52 7.63 8.93
N GLN E 39 -27.34 7.17 9.87
CA GLN E 39 -28.35 6.14 9.64
C GLN E 39 -29.70 6.61 10.14
N SER E 40 -30.72 6.52 9.29
CA SER E 40 -32.08 6.87 9.64
C SER E 40 -33.03 5.80 9.10
N PRO E 41 -34.22 5.65 9.70
CA PRO E 41 -35.17 4.64 9.20
C PRO E 41 -35.58 4.82 7.75
N GLY E 42 -35.61 6.05 7.24
CA GLY E 42 -36.12 6.29 5.90
C GLY E 42 -35.15 5.98 4.78
N LYS E 43 -33.99 6.63 4.80
CA LYS E 43 -32.99 6.50 3.76
C LYS E 43 -31.91 5.45 4.04
N GLY E 44 -32.00 4.73 5.16
CA GLY E 44 -30.97 3.75 5.45
C GLY E 44 -29.68 4.39 5.91
N LEU E 45 -28.57 3.80 5.47
CA LEU E 45 -27.25 4.35 5.77
C LEU E 45 -26.79 5.27 4.65
N GLU E 46 -26.41 6.50 4.98
CA GLU E 46 -25.75 7.38 4.03
C GLU E 46 -24.36 7.74 4.53
N TRP E 47 -23.40 7.74 3.61
CA TRP E 47 -22.04 8.19 3.86
C TRP E 47 -22.01 9.70 3.82
N LEU E 48 -21.53 10.32 4.90
CA LEU E 48 -21.46 11.78 4.94
C LEU E 48 -20.12 12.28 4.43
N GLY E 49 -19.02 11.70 4.89
CA GLY E 49 -17.74 12.17 4.42
C GLY E 49 -16.58 11.49 5.10
N VAL E 50 -15.39 11.98 4.81
CA VAL E 50 -14.15 11.45 5.39
C VAL E 50 -13.14 12.59 5.53
N ILE E 51 -12.41 12.58 6.64
CA ILE E 51 -11.25 13.46 6.83
C ILE E 51 -10.01 12.60 6.92
N TRP E 52 -8.95 13.04 6.25
CA TRP E 52 -7.69 12.31 6.19
C TRP E 52 -6.69 12.91 7.17
N SER E 53 -5.55 12.24 7.27
CA SER E 53 -4.59 12.56 8.32
C SER E 53 -3.91 13.90 8.10
N ASN E 54 -3.77 14.33 6.85
CA ASN E 54 -3.19 15.63 6.53
C ASN E 54 -4.20 16.76 6.60
N GLY E 55 -5.46 16.47 6.89
CA GLY E 55 -6.50 17.47 6.91
C GLY E 55 -7.33 17.53 5.66
N ARG E 56 -7.01 16.75 4.63
CA ARG E 56 -7.86 16.68 3.45
C ARG E 56 -9.21 16.08 3.81
N THR E 57 -10.28 16.65 3.26
CA THR E 57 -11.63 16.20 3.55
C THR E 57 -12.38 15.97 2.25
N ASP E 58 -12.97 14.79 2.13
CA ASP E 58 -13.81 14.41 0.99
C ASP E 58 -15.25 14.30 1.47
N TYR E 59 -16.15 15.05 0.85
CA TYR E 59 -17.54 15.10 1.30
C TYR E 59 -18.46 14.36 0.35
N ASN E 60 -19.65 14.05 0.84
CA ASN E 60 -20.74 13.64 -0.02
C ASN E 60 -21.20 14.84 -0.86
N ALA E 61 -21.57 14.57 -2.11
CA ALA E 61 -21.94 15.65 -3.02
C ALA E 61 -23.24 16.33 -2.58
N ALA E 62 -24.17 15.58 -2.00
CA ALA E 62 -25.45 16.15 -1.57
C ALA E 62 -25.33 17.03 -0.34
N PHE E 63 -24.20 17.00 0.36
CA PHE E 63 -24.00 17.79 1.57
C PHE E 63 -22.83 18.76 1.44
N ILE E 64 -22.30 18.97 0.24
CA ILE E 64 -21.09 19.77 0.07
C ILE E 64 -21.32 21.22 0.48
N SER E 65 -22.55 21.70 0.42
CA SER E 65 -22.86 23.09 0.71
C SER E 65 -23.17 23.33 2.19
N ARG E 66 -23.37 22.30 2.99
CA ARG E 66 -23.78 22.48 4.37
C ARG E 66 -23.07 21.53 5.32
N LEU E 67 -21.82 21.17 5.02
CA LEU E 67 -21.09 20.24 5.85
C LEU E 67 -19.65 20.69 6.01
N SER E 68 -19.07 20.40 7.16
CA SER E 68 -17.68 20.70 7.44
C SER E 68 -17.14 19.68 8.43
N ILE E 69 -15.92 19.23 8.21
CA ILE E 69 -15.24 18.33 9.12
C ILE E 69 -13.86 18.89 9.41
N SER E 70 -13.48 18.91 10.69
CA SER E 70 -12.16 19.35 11.12
C SER E 70 -11.65 18.36 12.15
N LYS E 71 -10.42 18.56 12.61
CA LYS E 71 -9.85 17.64 13.58
C LYS E 71 -8.73 18.32 14.36
N ASP E 72 -8.36 17.70 15.47
CA ASP E 72 -7.23 18.10 16.29
C ASP E 72 -6.50 16.83 16.71
N ASN E 73 -5.25 16.67 16.23
CA ASN E 73 -4.53 15.42 16.45
C ASN E 73 -4.00 15.32 17.86
N SER E 74 -3.55 16.45 18.44
CA SER E 74 -3.01 16.43 19.79
C SER E 74 -4.05 16.01 20.80
N LYS E 75 -5.26 16.54 20.68
CA LYS E 75 -6.35 16.18 21.57
C LYS E 75 -7.12 14.96 21.10
N SER E 76 -6.87 14.49 19.87
CA SER E 76 -7.56 13.33 19.28
C SER E 76 -9.07 13.57 19.18
N GLN E 77 -9.45 14.66 18.54
CA GLN E 77 -10.87 14.96 18.31
C GLN E 77 -11.14 15.22 16.84
N VAL E 78 -12.37 14.91 16.43
CA VAL E 78 -12.87 15.21 15.09
C VAL E 78 -14.19 15.95 15.25
N PHE E 79 -14.33 17.07 14.55
CA PHE E 79 -15.49 17.95 14.67
C PHE E 79 -16.32 17.90 13.40
N PHE E 80 -17.60 17.61 13.55
CA PHE E 80 -18.55 17.45 12.45
C PHE E 80 -19.60 18.55 12.58
N LYS E 81 -19.63 19.49 11.65
CA LYS E 81 -20.54 20.62 11.70
C LYS E 81 -21.45 20.58 10.48
N MET E 82 -22.75 20.62 10.72
CA MET E 82 -23.75 20.63 9.66
C MET E 82 -24.65 21.85 9.81
N ASN E 83 -25.08 22.41 8.69
CA ASN E 83 -25.86 23.64 8.68
C ASN E 83 -27.19 23.41 7.97
N SER E 84 -28.15 24.28 8.30
CA SER E 84 -29.51 24.24 7.73
C SER E 84 -30.16 22.87 8.00
N LEU E 85 -30.27 22.54 9.28
CA LEU E 85 -30.75 21.22 9.70
C LEU E 85 -32.25 21.14 9.46
N GLN E 86 -32.64 20.55 8.33
CA GLN E 86 -34.05 20.39 8.00
C GLN E 86 -34.57 19.08 8.59
N ALA E 87 -35.83 18.77 8.30
CA ALA E 87 -36.56 17.74 9.05
C ALA E 87 -35.96 16.35 8.86
N ASP E 88 -35.56 16.00 7.64
CA ASP E 88 -35.10 14.64 7.38
C ASP E 88 -33.66 14.38 7.84
N ASP E 89 -33.07 15.30 8.61
CA ASP E 89 -31.73 15.08 9.15
C ASP E 89 -31.74 14.33 10.47
N THR E 90 -32.91 13.96 10.98
CA THR E 90 -32.99 13.17 12.20
C THR E 90 -32.43 11.78 11.94
N ALA E 91 -31.32 11.44 12.60
CA ALA E 91 -30.62 10.20 12.33
C ALA E 91 -29.60 9.95 13.44
N ILE E 92 -29.04 8.75 13.43
CA ILE E 92 -27.93 8.37 14.31
C ILE E 92 -26.64 8.59 13.54
N TYR E 93 -25.73 9.36 14.10
CA TYR E 93 -24.48 9.74 13.44
C TYR E 93 -23.33 8.97 14.06
N TYR E 94 -22.52 8.34 13.20
CA TYR E 94 -21.37 7.54 13.60
C TYR E 94 -20.09 8.14 13.03
N CYS E 95 -19.06 8.17 13.86
CA CYS E 95 -17.69 8.36 13.41
C CYS E 95 -17.01 7.00 13.39
N ALA E 96 -16.46 6.64 12.24
CA ALA E 96 -15.87 5.32 12.02
C ALA E 96 -14.42 5.48 11.59
N ARG E 97 -13.54 4.71 12.21
CA ARG E 97 -12.17 4.65 11.71
C ARG E 97 -12.15 3.94 10.37
N LYS E 98 -11.30 4.40 9.47
CA LYS E 98 -11.17 3.75 8.18
C LYS E 98 -10.27 2.54 8.30
N LEU E 99 -10.71 1.41 7.76
CA LEU E 99 -9.85 0.25 7.66
C LEU E 99 -8.66 0.58 6.77
N ALA E 100 -7.47 0.31 7.27
CA ALA E 100 -6.26 0.75 6.61
C ALA E 100 -6.11 0.08 5.25
N TYR E 101 -5.70 0.88 4.26
CA TYR E 101 -5.44 0.45 2.88
C TYR E 101 -6.67 -0.15 2.21
N GLU E 102 -7.85 0.13 2.73
CA GLU E 102 -9.10 -0.36 2.18
C GLU E 102 -10.16 0.71 2.31
N GLY E 103 -11.23 0.56 1.54
CA GLY E 103 -12.33 1.49 1.52
C GLY E 103 -13.50 1.07 2.38
N ALA E 104 -13.25 0.21 3.35
CA ALA E 104 -14.25 -0.16 4.34
C ALA E 104 -13.99 0.56 5.66
N MET E 105 -14.95 0.46 6.57
CA MET E 105 -14.85 1.02 7.91
C MET E 105 -14.77 -0.13 8.91
N ASP E 106 -13.70 -0.15 9.71
CA ASP E 106 -13.42 -1.28 10.58
C ASP E 106 -14.00 -1.13 11.98
N TYR E 107 -13.94 0.07 12.56
CA TYR E 107 -14.47 0.33 13.89
C TYR E 107 -15.42 1.51 13.82
N TRP E 108 -16.55 1.39 14.52
CA TRP E 108 -17.56 2.43 14.55
C TRP E 108 -17.75 2.90 15.98
N GLY E 109 -18.13 4.16 16.13
CA GLY E 109 -18.60 4.64 17.41
C GLY E 109 -20.03 4.20 17.66
N GLN E 110 -20.47 4.36 18.91
CA GLN E 110 -21.82 3.98 19.27
C GLN E 110 -22.87 4.86 18.60
N GLY E 111 -22.51 6.08 18.22
CA GLY E 111 -23.41 6.95 17.51
C GLY E 111 -24.14 7.92 18.43
N THR E 112 -24.51 9.05 17.86
CA THR E 112 -25.33 10.05 18.55
C THR E 112 -26.63 10.21 17.80
N SER E 113 -27.75 10.03 18.50
CA SER E 113 -29.06 10.20 17.90
C SER E 113 -29.42 11.68 17.91
N VAL E 114 -29.66 12.24 16.73
CA VAL E 114 -30.01 13.65 16.58
C VAL E 114 -31.42 13.73 16.03
N THR E 115 -32.30 14.36 16.77
CA THR E 115 -33.68 14.60 16.36
C THR E 115 -33.88 16.09 16.18
N VAL E 116 -34.36 16.49 15.01
CA VAL E 116 -34.61 17.90 14.70
C VAL E 116 -36.11 18.14 14.76
N SER E 117 -36.52 19.08 15.62
CA SER E 117 -37.93 19.41 15.79
C SER E 117 -38.01 20.71 16.57
N SER E 118 -39.19 21.33 16.52
CA SER E 118 -39.46 22.52 17.33
C SER E 118 -39.95 22.17 18.72
N ALA E 119 -40.25 20.91 19.00
CA ALA E 119 -40.69 20.50 20.32
C ALA E 119 -39.53 20.61 21.32
N LYS E 120 -39.86 20.98 22.55
CA LYS E 120 -38.86 21.21 23.57
C LYS E 120 -38.57 19.92 24.34
N THR E 121 -37.45 19.92 25.04
CA THR E 121 -37.06 18.76 25.84
C THR E 121 -38.00 18.60 27.03
N THR E 122 -38.38 17.35 27.30
CA THR E 122 -39.29 17.03 28.39
C THR E 122 -38.64 16.00 29.31
N PRO E 123 -38.50 16.28 30.61
CA PRO E 123 -37.97 15.27 31.51
C PRO E 123 -38.92 14.10 31.62
N PRO E 124 -38.39 12.89 31.79
CA PRO E 124 -39.25 11.70 31.77
C PRO E 124 -40.04 11.54 33.06
N SER E 125 -41.11 10.74 32.95
CA SER E 125 -41.92 10.34 34.08
C SER E 125 -41.82 8.83 34.24
N VAL E 126 -41.36 8.37 35.40
CA VAL E 126 -41.05 6.97 35.63
C VAL E 126 -42.09 6.39 36.58
N TYR E 127 -42.73 5.29 36.16
CA TYR E 127 -43.70 4.58 36.96
C TYR E 127 -43.29 3.12 37.11
N PRO E 128 -43.20 2.60 38.33
CA PRO E 128 -42.93 1.18 38.52
C PRO E 128 -44.18 0.34 38.26
N LEU E 129 -43.97 -0.98 38.17
CA LEU E 129 -45.07 -1.90 37.95
C LEU E 129 -44.77 -3.21 38.66
N ALA E 130 -45.53 -3.49 39.71
CA ALA E 130 -45.64 -4.72 40.47
C ALA E 130 -46.88 -5.48 40.01
N PRO E 131 -46.85 -6.82 40.07
CA PRO E 131 -48.03 -7.59 39.67
C PRO E 131 -49.21 -7.30 40.59
N GLY E 132 -50.41 -7.37 40.01
CA GLY E 132 -51.63 -7.15 40.76
C GLY E 132 -51.84 -8.19 41.85
N SER E 133 -51.98 -7.73 43.10
CA SER E 133 -52.08 -8.58 44.27
C SER E 133 -50.91 -9.56 44.35
N ALA E 134 -51.19 -10.83 44.65
CA ALA E 134 -50.16 -11.85 44.70
C ALA E 134 -50.53 -13.08 43.87
N ALA E 135 -51.48 -12.94 42.95
CA ALA E 135 -51.92 -14.06 42.15
C ALA E 135 -50.85 -14.47 41.14
N GLN E 136 -50.79 -15.78 40.87
CA GLN E 136 -49.87 -16.38 39.90
C GLN E 136 -48.42 -16.06 40.26
N THR E 137 -48.04 -16.44 41.49
CA THR E 137 -46.67 -16.23 41.93
C THR E 137 -45.70 -17.10 41.15
N ASN E 138 -45.98 -18.40 41.07
CA ASN E 138 -45.17 -19.40 40.34
C ASN E 138 -43.74 -19.37 40.88
N SER E 139 -42.78 -19.77 40.05
CA SER E 139 -41.36 -19.57 40.33
C SER E 139 -40.80 -18.34 39.66
N MET E 140 -41.52 -17.79 38.68
CA MET E 140 -41.09 -16.65 37.90
C MET E 140 -42.07 -15.50 38.08
N VAL E 141 -41.54 -14.28 38.13
CA VAL E 141 -42.36 -13.09 38.32
C VAL E 141 -41.84 -11.97 37.42
N THR E 142 -42.76 -11.14 36.93
CA THR E 142 -42.47 -10.04 36.01
C THR E 142 -42.55 -8.72 36.76
N LEU E 143 -41.62 -7.81 36.47
CA LEU E 143 -41.77 -6.43 36.90
C LEU E 143 -41.65 -5.51 35.69
N GLY E 144 -42.27 -4.34 35.79
CA GLY E 144 -42.29 -3.40 34.69
C GLY E 144 -41.85 -2.02 35.11
N CYS E 145 -41.35 -1.27 34.12
CA CYS E 145 -40.99 0.12 34.31
C CYS E 145 -41.46 0.89 33.09
N LEU E 146 -42.33 1.87 33.29
CA LEU E 146 -42.77 2.75 32.22
C LEU E 146 -42.10 4.10 32.33
N VAL E 147 -41.49 4.52 31.23
CA VAL E 147 -40.91 5.85 31.08
C VAL E 147 -41.78 6.58 30.08
N LYS E 148 -42.73 7.37 30.57
CA LYS E 148 -43.68 8.08 29.73
C LYS E 148 -43.42 9.57 29.81
N GLY E 149 -43.64 10.26 28.69
CA GLY E 149 -43.55 11.70 28.70
C GLY E 149 -42.11 12.20 28.73
N TYR E 150 -41.33 11.83 27.72
CA TYR E 150 -39.97 12.34 27.57
C TYR E 150 -39.72 12.68 26.11
N PHE E 151 -38.78 13.59 25.88
CA PHE E 151 -38.42 14.01 24.54
C PHE E 151 -37.06 14.67 24.58
N PRO E 152 -36.16 14.38 23.63
CA PRO E 152 -36.28 13.38 22.56
C PRO E 152 -35.62 12.06 22.93
N GLU E 153 -35.47 11.16 21.97
CA GLU E 153 -34.74 9.91 22.20
C GLU E 153 -33.26 10.21 22.42
N PRO E 154 -32.54 9.33 23.13
CA PRO E 154 -32.99 8.11 23.80
C PRO E 154 -32.98 8.20 25.33
N VAL E 155 -33.41 7.13 25.99
CA VAL E 155 -33.33 7.00 27.43
C VAL E 155 -32.73 5.64 27.75
N THR E 156 -31.80 5.60 28.70
CA THR E 156 -31.15 4.36 29.10
C THR E 156 -31.85 3.80 30.33
N VAL E 157 -32.32 2.56 30.22
CA VAL E 157 -33.02 1.88 31.31
C VAL E 157 -32.17 0.71 31.77
N THR E 158 -31.81 0.71 33.04
CA THR E 158 -31.03 -0.36 33.64
C THR E 158 -31.72 -0.85 34.91
N TRP E 159 -31.25 -1.98 35.41
CA TRP E 159 -31.86 -2.67 36.53
C TRP E 159 -30.78 -3.05 37.52
N ASN E 160 -30.87 -2.51 38.74
CA ASN E 160 -29.85 -2.67 39.78
C ASN E 160 -28.48 -2.24 39.28
N SER E 161 -28.44 -1.07 38.64
CA SER E 161 -27.21 -0.49 38.10
C SER E 161 -26.53 -1.43 37.10
N GLY E 162 -27.34 -2.16 36.34
CA GLY E 162 -26.83 -3.07 35.33
C GLY E 162 -26.31 -4.38 35.86
N SER E 163 -26.44 -4.66 37.16
CA SER E 163 -25.95 -5.92 37.71
C SER E 163 -26.71 -7.11 37.12
N LEU E 164 -28.03 -6.99 36.99
CA LEU E 164 -28.83 -8.05 36.39
C LEU E 164 -29.09 -7.71 34.93
N SER E 165 -28.88 -8.69 34.05
CA SER E 165 -29.02 -8.47 32.61
C SER E 165 -29.94 -9.50 31.98
N SER E 166 -30.02 -10.68 32.59
CA SER E 166 -30.85 -11.75 32.04
C SER E 166 -32.34 -11.45 32.27
N GLY E 167 -33.16 -11.77 31.27
CA GLY E 167 -34.59 -11.60 31.39
C GLY E 167 -35.10 -10.20 31.17
N VAL E 168 -34.23 -9.26 30.82
CA VAL E 168 -34.64 -7.88 30.57
C VAL E 168 -35.05 -7.73 29.13
N HIS E 169 -36.19 -7.06 28.90
CA HIS E 169 -36.70 -6.82 27.56
C HIS E 169 -37.13 -5.37 27.45
N THR E 170 -36.24 -4.51 26.95
CA THR E 170 -36.55 -3.11 26.74
C THR E 170 -37.13 -2.93 25.34
N PHE E 171 -38.36 -2.48 25.27
CA PHE E 171 -39.16 -2.33 24.06
C PHE E 171 -38.86 -1.02 23.35
N PRO E 172 -39.06 -0.94 22.04
CA PRO E 172 -38.89 0.33 21.34
C PRO E 172 -39.91 1.36 21.80
N ALA E 173 -39.50 2.62 21.77
CA ALA E 173 -40.36 3.71 22.20
C ALA E 173 -41.49 3.94 21.18
N VAL E 174 -42.57 4.52 21.65
CA VAL E 174 -43.72 4.86 20.81
C VAL E 174 -43.95 6.36 20.91
N LEU E 175 -44.16 7.01 19.76
CA LEU E 175 -44.34 8.45 19.68
C LEU E 175 -45.81 8.77 19.50
N GLN E 176 -46.38 9.53 20.43
CA GLN E 176 -47.72 10.06 20.30
C GLN E 176 -47.79 11.41 21.00
N SER E 177 -48.58 12.32 20.43
CA SER E 177 -48.68 13.70 20.90
C SER E 177 -47.29 14.33 21.01
N ASP E 178 -46.45 14.03 20.01
CA ASP E 178 -45.02 14.42 19.92
C ASP E 178 -44.25 14.18 21.22
N LEU E 179 -44.71 13.21 22.02
CA LEU E 179 -44.00 12.74 23.20
C LEU E 179 -43.76 11.24 23.08
N TYR E 180 -42.94 10.70 23.97
CA TYR E 180 -42.45 9.34 23.85
C TYR E 180 -42.82 8.49 25.07
N THR E 181 -43.19 7.24 24.81
CA THR E 181 -43.46 6.24 25.84
C THR E 181 -42.52 5.05 25.66
N LEU E 182 -42.11 4.46 26.77
CA LEU E 182 -41.19 3.33 26.77
C LEU E 182 -41.58 2.36 27.87
N SER E 183 -41.49 1.06 27.58
CA SER E 183 -41.80 0.01 28.53
C SER E 183 -40.62 -0.93 28.68
N SER E 184 -40.36 -1.37 29.92
CA SER E 184 -39.31 -2.33 30.20
C SER E 184 -39.84 -3.42 31.11
N SER E 185 -39.46 -4.67 30.83
CA SER E 185 -39.95 -5.83 31.55
C SER E 185 -38.78 -6.70 32.02
N VAL E 186 -38.88 -7.21 33.24
CA VAL E 186 -37.85 -8.06 33.83
C VAL E 186 -38.47 -9.34 34.36
N THR E 187 -37.85 -10.48 34.01
CA THR E 187 -38.20 -11.81 34.50
C THR E 187 -37.24 -12.17 35.62
N VAL E 188 -37.78 -12.54 36.78
CA VAL E 188 -36.92 -12.79 37.95
C VAL E 188 -37.51 -13.89 38.78
N PRO E 189 -36.65 -14.70 39.43
CA PRO E 189 -37.16 -15.75 40.32
C PRO E 189 -38.02 -15.20 41.46
N SER E 190 -39.02 -15.98 41.84
CA SER E 190 -39.99 -15.54 42.84
C SER E 190 -39.39 -15.45 44.24
N SER E 191 -38.39 -16.28 44.54
CA SER E 191 -37.78 -16.23 45.86
C SER E 191 -36.97 -14.95 46.07
N THR E 192 -36.67 -14.24 45.01
CA THR E 192 -35.87 -13.02 45.04
C THR E 192 -36.70 -11.74 45.03
N TRP E 193 -38.03 -11.85 45.12
CA TRP E 193 -38.90 -10.68 45.23
C TRP E 193 -40.13 -11.04 46.05
N PRO E 194 -40.51 -10.21 47.03
CA PRO E 194 -39.88 -8.96 47.45
C PRO E 194 -38.84 -9.16 48.54
N SER E 195 -37.97 -10.17 48.42
CA SER E 195 -36.98 -10.44 49.46
C SER E 195 -35.91 -9.35 49.47
N GLU E 196 -35.25 -9.12 48.34
CA GLU E 196 -34.28 -8.04 48.20
C GLU E 196 -34.86 -6.93 47.34
N THR E 197 -34.04 -5.92 47.07
CA THR E 197 -34.47 -4.71 46.39
C THR E 197 -34.11 -4.77 44.90
N VAL E 198 -35.07 -4.48 44.05
CA VAL E 198 -34.85 -4.30 42.62
C VAL E 198 -35.30 -2.90 42.24
N THR E 199 -34.46 -2.19 41.49
CA THR E 199 -34.72 -0.79 41.15
C THR E 199 -34.55 -0.57 39.65
N CYS E 200 -35.28 0.42 39.15
CA CYS E 200 -35.28 0.79 37.74
C CYS E 200 -34.58 2.13 37.61
N ASN E 201 -33.44 2.12 36.93
CA ASN E 201 -32.63 3.33 36.72
C ASN E 201 -32.91 3.85 35.32
N VAL E 202 -33.40 5.09 35.24
CA VAL E 202 -33.73 5.72 33.98
C VAL E 202 -32.86 6.96 33.82
N ALA E 203 -32.08 6.99 32.75
CA ALA E 203 -31.18 8.10 32.46
C ALA E 203 -31.65 8.79 31.18
N HIS E 204 -31.91 10.09 31.28
CA HIS E 204 -32.30 10.91 30.13
C HIS E 204 -31.24 11.97 29.93
N PRO E 205 -30.31 11.78 28.98
CA PRO E 205 -29.23 12.75 28.82
C PRO E 205 -29.68 14.09 28.28
N ALA E 206 -30.81 14.15 27.56
CA ALA E 206 -31.29 15.41 27.03
C ALA E 206 -31.67 16.38 28.15
N SER E 207 -32.39 15.88 29.15
CA SER E 207 -32.73 16.66 30.34
C SER E 207 -31.82 16.35 31.52
N SER E 208 -30.84 15.46 31.34
CA SER E 208 -29.93 15.01 32.40
C SER E 208 -30.69 14.57 33.64
N THR E 209 -31.69 13.73 33.44
CA THR E 209 -32.56 13.26 34.52
C THR E 209 -32.16 11.83 34.89
N LYS E 210 -31.86 11.62 36.16
CA LYS E 210 -31.48 10.31 36.69
C LYS E 210 -32.52 9.89 37.71
N VAL E 211 -33.32 8.87 37.36
CA VAL E 211 -34.35 8.34 38.23
C VAL E 211 -33.93 6.96 38.70
N ASP E 212 -34.14 6.68 39.98
CA ASP E 212 -33.75 5.42 40.61
C ASP E 212 -34.96 4.77 41.27
N LYS E 213 -36.03 4.62 40.51
CA LYS E 213 -37.32 4.23 41.06
C LYS E 213 -37.26 2.84 41.68
N LYS E 214 -38.02 2.64 42.75
CA LYS E 214 -38.07 1.37 43.47
C LYS E 214 -39.37 0.66 43.11
N ILE E 215 -39.26 -0.60 42.71
CA ILE E 215 -40.43 -1.42 42.43
C ILE E 215 -40.93 -1.97 43.76
N VAL E 216 -42.01 -1.40 44.27
CA VAL E 216 -42.55 -1.82 45.56
C VAL E 216 -43.74 -2.76 45.32
N PRO E 217 -43.98 -3.73 46.21
CA PRO E 217 -45.12 -4.63 46.01
C PRO E 217 -46.45 -3.89 46.11
N ARG E 218 -47.44 -4.38 45.37
CA ARG E 218 -48.76 -3.77 45.36
C ARG E 218 -49.56 -4.16 46.60
N ASP F 1 -24.97 8.25 -8.56
CA ASP F 1 -24.05 7.35 -7.86
C ASP F 1 -24.35 5.90 -8.20
N ILE F 2 -23.79 4.98 -7.41
CA ILE F 2 -23.99 3.55 -7.59
C ILE F 2 -25.13 3.10 -6.68
N VAL F 3 -26.09 2.40 -7.24
CA VAL F 3 -27.26 1.92 -6.50
C VAL F 3 -27.08 0.44 -6.21
N LEU F 4 -27.13 0.07 -4.94
CA LEU F 4 -27.00 -1.30 -4.51
C LEU F 4 -28.36 -1.83 -4.10
N THR F 5 -28.78 -2.94 -4.70
CA THR F 5 -30.05 -3.58 -4.42
C THR F 5 -29.78 -4.89 -3.70
N GLN F 6 -30.36 -5.05 -2.52
CA GLN F 6 -30.18 -6.25 -1.71
C GLN F 6 -31.43 -7.12 -1.82
N SER F 7 -31.23 -8.39 -2.18
CA SER F 7 -32.33 -9.33 -2.32
C SER F 7 -32.01 -10.61 -1.57
N PRO F 8 -32.93 -11.12 -0.74
CA PRO F 8 -34.25 -10.56 -0.42
C PRO F 8 -34.16 -9.50 0.68
N ALA F 9 -35.23 -8.70 0.86
CA ALA F 9 -35.23 -7.72 1.96
C ALA F 9 -35.26 -8.42 3.31
N SER F 10 -35.94 -9.55 3.41
CA SER F 10 -35.94 -10.37 4.61
C SER F 10 -35.80 -11.83 4.22
N LEU F 11 -35.14 -12.61 5.07
CA LEU F 11 -34.90 -14.02 4.78
C LEU F 11 -34.87 -14.80 6.09
N ALA F 12 -35.50 -15.96 6.09
CA ALA F 12 -35.61 -16.81 7.26
C ALA F 12 -34.84 -18.11 7.04
N VAL F 13 -33.99 -18.46 7.99
CA VAL F 13 -33.13 -19.64 7.89
C VAL F 13 -33.07 -20.32 9.25
N SER F 14 -33.18 -21.65 9.26
CA SER F 14 -33.19 -22.43 10.48
C SER F 14 -31.78 -22.56 11.06
N LEU F 15 -31.71 -23.20 12.23
CA LEU F 15 -30.42 -23.39 12.90
C LEU F 15 -29.55 -24.36 12.10
N ARG F 16 -28.23 -24.12 12.17
CA ARG F 16 -27.23 -24.94 11.49
C ARG F 16 -27.47 -25.04 10.00
N ARG F 17 -27.97 -23.97 9.39
CA ARG F 17 -28.27 -23.92 7.96
C ARG F 17 -27.43 -22.83 7.29
N ARG F 18 -27.67 -22.66 5.99
CA ARG F 18 -26.95 -21.71 5.18
C ARG F 18 -27.88 -20.59 4.73
N ALA F 19 -27.39 -19.35 4.76
CA ALA F 19 -28.15 -18.18 4.37
C ALA F 19 -27.35 -17.42 3.33
N THR F 20 -28.02 -17.07 2.22
CA THR F 20 -27.39 -16.39 1.10
C THR F 20 -28.04 -15.03 0.89
N ILE F 21 -27.24 -13.98 0.89
CA ILE F 21 -27.69 -12.61 0.67
C ILE F 21 -27.01 -12.10 -0.60
N SER F 22 -27.80 -11.52 -1.49
CA SER F 22 -27.30 -11.06 -2.78
C SER F 22 -27.35 -9.54 -2.83
N CYS F 23 -26.24 -8.94 -3.25
CA CYS F 23 -26.16 -7.51 -3.51
C CYS F 23 -25.84 -7.31 -4.98
N ARG F 24 -26.68 -6.51 -5.66
CA ARG F 24 -26.52 -6.22 -7.07
C ARG F 24 -26.22 -4.74 -7.25
N ALA F 25 -25.14 -4.44 -7.95
CA ALA F 25 -24.70 -3.07 -8.18
C ALA F 25 -25.18 -2.59 -9.54
N SER F 26 -25.54 -1.31 -9.62
CA SER F 26 -26.01 -0.75 -10.88
C SER F 26 -24.91 -0.76 -11.93
N GLU F 27 -23.69 -0.40 -11.55
CA GLU F 27 -22.53 -0.49 -12.41
C GLU F 27 -21.46 -1.35 -11.74
N SER F 28 -20.42 -1.66 -12.51
CA SER F 28 -19.34 -2.49 -11.98
C SER F 28 -18.55 -1.74 -10.91
N VAL F 29 -18.21 -2.44 -9.83
CA VAL F 29 -17.46 -1.85 -8.73
C VAL F 29 -16.07 -2.46 -8.68
N ASP F 30 -15.54 -2.84 -9.83
CA ASP F 30 -14.31 -3.58 -9.94
C ASP F 30 -13.19 -2.72 -10.52
N GLY F 31 -11.97 -3.01 -10.11
CA GLY F 31 -10.81 -2.50 -10.79
C GLY F 31 -9.60 -3.40 -10.62
N TYR F 32 -9.00 -3.82 -11.75
CA TYR F 32 -7.74 -4.56 -11.77
C TYR F 32 -7.76 -5.81 -10.89
N GLY F 33 -8.81 -6.61 -11.04
CA GLY F 33 -8.92 -7.85 -10.31
C GLY F 33 -9.41 -7.73 -8.90
N HIS F 34 -9.67 -6.52 -8.42
CA HIS F 34 -10.19 -6.29 -7.08
C HIS F 34 -11.60 -5.72 -7.18
N SER F 35 -12.52 -6.29 -6.42
CA SER F 35 -13.86 -5.75 -6.26
C SER F 35 -13.91 -5.00 -4.93
N PHE F 36 -14.31 -3.74 -4.96
CA PHE F 36 -14.30 -2.89 -3.77
C PHE F 36 -15.68 -2.86 -3.13
N MET F 37 -16.09 -4.03 -2.68
CA MET F 37 -17.41 -4.29 -2.10
C MET F 37 -17.22 -4.89 -0.72
N HIS F 38 -17.98 -4.39 0.25
CA HIS F 38 -17.78 -4.74 1.65
C HIS F 38 -19.12 -5.11 2.26
N TRP F 39 -19.10 -6.01 3.23
CA TRP F 39 -20.28 -6.50 3.93
C TRP F 39 -20.19 -6.17 5.40
N TYR F 40 -21.21 -5.49 5.92
CA TYR F 40 -21.33 -5.14 7.33
C TYR F 40 -22.53 -5.86 7.95
N GLN F 41 -22.44 -6.10 9.25
CA GLN F 41 -23.53 -6.65 10.04
C GLN F 41 -23.87 -5.68 11.16
N GLN F 42 -25.15 -5.34 11.27
CA GLN F 42 -25.65 -4.46 12.33
C GLN F 42 -26.69 -5.21 13.15
N LYS F 43 -26.37 -5.46 14.42
CA LYS F 43 -27.33 -6.03 15.35
C LYS F 43 -28.23 -4.92 15.90
N SER F 44 -29.19 -5.30 16.72
CA SER F 44 -30.14 -4.33 17.25
C SER F 44 -29.47 -3.43 18.28
N GLY F 45 -29.66 -2.12 18.12
CA GLY F 45 -29.11 -1.16 19.06
C GLY F 45 -27.60 -1.04 19.04
N GLN F 46 -26.96 -1.45 17.95
CA GLN F 46 -25.51 -1.42 17.85
C GLN F 46 -25.08 -0.81 16.52
N PRO F 47 -23.90 -0.22 16.47
CA PRO F 47 -23.36 0.25 15.19
C PRO F 47 -23.05 -0.92 14.27
N PRO F 48 -23.01 -0.70 12.95
CA PRO F 48 -22.67 -1.79 12.03
C PRO F 48 -21.26 -2.30 12.28
N LYS F 49 -21.07 -3.59 12.04
CA LYS F 49 -19.80 -4.25 12.26
C LYS F 49 -19.33 -4.87 10.95
N LEU F 50 -18.10 -4.56 10.57
CA LEU F 50 -17.57 -5.00 9.28
C LEU F 50 -17.28 -6.50 9.31
N LEU F 51 -17.89 -7.22 8.38
CA LEU F 51 -17.63 -8.65 8.22
C LEU F 51 -16.62 -8.93 7.12
N ILE F 52 -16.90 -8.44 5.92
CA ILE F 52 -16.10 -8.73 4.73
C ILE F 52 -15.65 -7.42 4.13
N TYR F 53 -14.39 -7.35 3.71
CA TYR F 53 -13.92 -6.23 2.91
C TYR F 53 -13.42 -6.77 1.58
N ARG F 54 -13.68 -6.00 0.52
CA ARG F 54 -13.30 -6.35 -0.85
C ARG F 54 -13.88 -7.71 -1.27
N ALA F 55 -15.07 -8.02 -0.76
CA ALA F 55 -15.99 -9.05 -1.26
C ALA F 55 -15.55 -10.48 -1.01
N SER F 56 -14.31 -10.69 -0.57
CA SER F 56 -13.88 -12.05 -0.26
C SER F 56 -13.01 -12.19 0.98
N ASN F 57 -12.47 -11.10 1.52
CA ASN F 57 -11.46 -11.17 2.57
C ASN F 57 -12.15 -11.03 3.92
N LEU F 58 -11.96 -12.01 4.79
CA LEU F 58 -12.59 -12.01 6.10
C LEU F 58 -11.90 -11.01 7.01
N GLU F 59 -12.69 -10.22 7.72
CA GLU F 59 -12.14 -9.27 8.66
C GLU F 59 -11.48 -10.00 9.82
N SER F 60 -10.39 -9.44 10.33
CA SER F 60 -9.65 -10.08 11.41
C SER F 60 -10.49 -10.07 12.68
N GLY F 61 -10.91 -11.25 13.12
CA GLY F 61 -11.69 -11.40 14.32
C GLY F 61 -13.16 -11.72 14.14
N VAL F 62 -13.56 -12.25 12.98
CA VAL F 62 -14.96 -12.63 12.75
C VAL F 62 -15.02 -14.14 12.58
N PRO F 63 -16.14 -14.79 12.90
CA PRO F 63 -16.22 -16.24 12.76
C PRO F 63 -16.09 -16.69 11.31
N ALA F 64 -15.52 -17.88 11.13
CA ALA F 64 -15.24 -18.42 9.81
C ALA F 64 -16.49 -18.84 9.06
N ARG F 65 -17.65 -18.88 9.72
CA ARG F 65 -18.88 -19.26 9.03
C ARG F 65 -19.38 -18.20 8.07
N PHE F 66 -18.85 -16.99 8.14
CA PHE F 66 -19.15 -15.94 7.17
C PHE F 66 -18.23 -16.06 5.96
N SER F 67 -18.80 -15.87 4.78
CA SER F 67 -18.03 -15.98 3.55
C SER F 67 -18.58 -14.99 2.54
N GLY F 68 -17.70 -14.53 1.65
CA GLY F 68 -18.09 -13.63 0.59
C GLY F 68 -17.65 -14.15 -0.75
N SER F 69 -18.39 -13.77 -1.79
CA SER F 69 -18.06 -14.17 -3.14
C SER F 69 -18.70 -13.19 -4.11
N GLY F 70 -18.27 -13.26 -5.35
CA GLY F 70 -18.85 -12.45 -6.41
C GLY F 70 -17.81 -11.57 -7.09
N SER F 71 -18.26 -10.92 -8.17
CA SER F 71 -17.42 -10.03 -8.94
C SER F 71 -18.31 -9.13 -9.78
N ARG F 72 -17.72 -8.07 -10.32
CA ARG F 72 -18.38 -7.11 -11.20
C ARG F 72 -19.60 -6.48 -10.53
N THR F 73 -20.79 -7.03 -10.78
CA THR F 73 -22.03 -6.43 -10.29
C THR F 73 -22.81 -7.30 -9.32
N ASP F 74 -22.50 -8.60 -9.21
CA ASP F 74 -23.25 -9.51 -8.35
C ASP F 74 -22.34 -10.00 -7.24
N PHE F 75 -22.83 -9.92 -5.99
CA PHE F 75 -22.06 -10.38 -4.85
C PHE F 75 -22.96 -11.15 -3.90
N THR F 76 -22.37 -12.12 -3.21
CA THR F 76 -23.09 -13.03 -2.34
C THR F 76 -22.38 -13.14 -1.00
N LEU F 77 -23.13 -12.90 0.07
CA LEU F 77 -22.66 -13.16 1.43
C LEU F 77 -23.35 -14.42 1.94
N THR F 78 -22.55 -15.37 2.41
CA THR F 78 -23.03 -16.68 2.82
C THR F 78 -22.69 -16.94 4.27
N ILE F 79 -23.69 -17.33 5.06
CA ILE F 79 -23.51 -17.74 6.44
C ILE F 79 -23.77 -19.23 6.52
N ASP F 80 -22.78 -19.99 6.98
CA ASP F 80 -22.88 -21.43 7.03
C ASP F 80 -21.92 -22.00 8.06
N PRO F 81 -22.42 -22.60 9.15
CA PRO F 81 -23.82 -22.77 9.53
C PRO F 81 -24.41 -21.55 10.22
N VAL F 82 -25.68 -21.26 10.02
CA VAL F 82 -26.29 -20.09 10.67
C VAL F 82 -26.51 -20.40 12.14
N GLU F 83 -26.05 -19.50 13.00
CA GLU F 83 -26.21 -19.62 14.43
C GLU F 83 -27.33 -18.69 14.92
N ALA F 84 -27.56 -18.71 16.23
CA ALA F 84 -28.60 -17.86 16.80
C ALA F 84 -28.16 -16.41 16.88
N ASP F 85 -26.86 -16.16 16.92
CA ASP F 85 -26.33 -14.80 17.02
C ASP F 85 -26.35 -14.06 15.69
N ASP F 86 -26.69 -14.73 14.60
CA ASP F 86 -26.71 -14.10 13.28
C ASP F 86 -27.97 -13.28 13.03
N ALA F 87 -28.87 -13.17 14.02
CA ALA F 87 -30.09 -12.39 13.83
C ALA F 87 -29.76 -10.90 13.81
N ALA F 88 -29.56 -10.36 12.62
CA ALA F 88 -29.17 -8.95 12.46
C ALA F 88 -29.52 -8.51 11.05
N THR F 89 -29.21 -7.26 10.74
CA THR F 89 -29.33 -6.72 9.39
C THR F 89 -27.97 -6.76 8.72
N TYR F 90 -27.96 -7.07 7.43
CA TYR F 90 -26.73 -7.19 6.67
C TYR F 90 -26.74 -6.18 5.54
N TYR F 91 -25.66 -5.40 5.45
CA TYR F 91 -25.55 -4.34 4.45
C TYR F 91 -24.35 -4.59 3.55
N CYS F 92 -24.49 -4.18 2.29
CA CYS F 92 -23.40 -4.14 1.34
C CYS F 92 -23.06 -2.68 1.05
N GLN F 93 -21.77 -2.37 1.04
CA GLN F 93 -21.25 -1.03 0.78
C GLN F 93 -20.25 -1.11 -0.35
N GLN F 94 -20.38 -0.23 -1.34
CA GLN F 94 -19.38 -0.12 -2.39
C GLN F 94 -18.45 1.04 -2.09
N SER F 95 -17.20 0.93 -2.56
CA SER F 95 -16.24 2.01 -2.44
C SER F 95 -15.47 2.24 -3.74
N ASN F 96 -16.02 1.78 -4.86
CA ASN F 96 -15.36 1.99 -6.14
C ASN F 96 -15.53 3.41 -6.66
N GLU F 97 -16.63 4.06 -6.31
CA GLU F 97 -16.88 5.43 -6.75
C GLU F 97 -17.29 6.27 -5.57
N ASP F 98 -16.82 7.51 -5.54
CA ASP F 98 -17.35 8.49 -4.61
C ASP F 98 -18.74 8.93 -5.07
N PRO F 99 -19.70 9.06 -4.16
CA PRO F 99 -19.63 8.84 -2.72
C PRO F 99 -19.82 7.38 -2.34
N TYR F 100 -19.44 7.00 -1.13
CA TYR F 100 -19.71 5.64 -0.66
C TYR F 100 -21.22 5.45 -0.51
N THR F 101 -21.72 4.31 -0.96
CA THR F 101 -23.14 4.00 -0.85
C THR F 101 -23.31 2.62 -0.24
N PHE F 102 -24.36 2.47 0.57
CA PHE F 102 -24.69 1.21 1.21
C PHE F 102 -25.88 0.55 0.52
N GLY F 103 -26.13 -0.69 0.89
CA GLY F 103 -27.32 -1.38 0.43
C GLY F 103 -28.54 -0.97 1.23
N SER F 104 -29.71 -1.46 0.78
CA SER F 104 -30.95 -1.16 1.49
C SER F 104 -31.04 -1.94 2.79
N GLY F 105 -30.42 -3.10 2.86
CA GLY F 105 -30.45 -3.92 4.05
C GLY F 105 -31.15 -5.24 3.81
N THR F 106 -30.76 -6.25 4.59
CA THR F 106 -31.43 -7.54 4.57
C THR F 106 -31.49 -8.07 6.00
N LYS F 107 -32.71 -8.27 6.50
CA LYS F 107 -32.90 -8.77 7.85
C LYS F 107 -32.90 -10.29 7.84
N LEU F 108 -32.05 -10.88 8.69
CA LEU F 108 -31.98 -12.32 8.85
C LEU F 108 -32.74 -12.69 10.12
N GLU F 109 -33.90 -13.32 9.94
CA GLU F 109 -34.68 -13.83 11.05
C GLU F 109 -34.37 -15.31 11.24
N ILE F 110 -34.09 -15.69 12.47
CA ILE F 110 -33.69 -17.06 12.80
C ILE F 110 -34.95 -17.88 13.04
N LYS F 111 -35.09 -18.98 12.30
CA LYS F 111 -36.26 -19.84 12.43
C LYS F 111 -36.01 -20.89 13.50
N ARG F 112 -36.92 -20.95 14.48
CA ARG F 112 -36.77 -21.81 15.64
C ARG F 112 -38.09 -22.52 15.90
N ALA F 113 -38.15 -23.27 17.00
CA ALA F 113 -39.38 -23.93 17.39
C ALA F 113 -40.39 -22.91 17.90
N ASP F 114 -41.67 -23.22 17.67
CA ASP F 114 -42.74 -22.33 18.09
C ASP F 114 -42.85 -22.30 19.60
N ALA F 115 -43.17 -21.13 20.15
CA ALA F 115 -43.27 -20.93 21.59
C ALA F 115 -44.54 -20.15 21.91
N ALA F 116 -45.06 -20.37 23.13
CA ALA F 116 -46.25 -19.70 23.61
C ALA F 116 -45.87 -18.49 24.45
N PRO F 117 -46.52 -17.34 24.26
CA PRO F 117 -46.14 -16.15 25.01
C PRO F 117 -46.46 -16.26 26.49
N THR F 118 -45.63 -15.61 27.30
CA THR F 118 -45.92 -15.40 28.72
C THR F 118 -46.54 -14.02 28.86
N VAL F 119 -47.78 -13.97 29.36
CA VAL F 119 -48.58 -12.76 29.38
C VAL F 119 -48.68 -12.24 30.81
N SER F 120 -48.38 -10.96 30.98
CA SER F 120 -48.49 -10.29 32.28
C SER F 120 -49.24 -8.98 32.12
N ILE F 121 -50.17 -8.73 33.04
CA ILE F 121 -50.91 -7.47 33.10
C ILE F 121 -50.40 -6.68 34.29
N PHE F 122 -50.08 -5.41 34.04
CA PHE F 122 -49.69 -4.50 35.11
C PHE F 122 -50.69 -3.34 35.16
N PRO F 123 -51.38 -3.15 36.28
CA PRO F 123 -52.33 -2.05 36.40
C PRO F 123 -51.61 -0.73 36.54
N PRO F 124 -52.31 0.40 36.32
CA PRO F 124 -51.69 1.71 36.52
C PRO F 124 -51.25 1.88 37.97
N SER F 125 -50.07 2.48 38.14
CA SER F 125 -49.50 2.65 39.47
C SER F 125 -50.19 3.81 40.20
N SER F 126 -50.04 3.81 41.52
CA SER F 126 -50.65 4.85 42.34
C SER F 126 -50.09 6.22 42.01
N GLU F 127 -48.77 6.31 41.78
CA GLU F 127 -48.16 7.58 41.38
C GLU F 127 -48.69 8.04 40.04
N GLN F 128 -48.90 7.11 39.10
CA GLN F 128 -49.49 7.46 37.82
C GLN F 128 -50.92 7.96 37.99
N LEU F 129 -51.68 7.34 38.90
CA LEU F 129 -53.03 7.79 39.17
C LEU F 129 -53.03 9.20 39.76
N THR F 130 -52.08 9.49 40.66
CA THR F 130 -51.98 10.83 41.23
C THR F 130 -51.54 11.84 40.19
N SER F 131 -50.77 11.41 39.18
CA SER F 131 -50.37 12.33 38.12
C SER F 131 -51.57 12.83 37.32
N GLY F 132 -52.51 11.94 37.03
CA GLY F 132 -53.72 12.33 36.32
C GLY F 132 -54.08 11.40 35.18
N GLY F 133 -53.31 10.33 35.00
CA GLY F 133 -53.57 9.36 33.95
C GLY F 133 -53.53 7.94 34.48
N ALA F 134 -53.82 7.01 33.57
CA ALA F 134 -53.77 5.59 33.88
C ALA F 134 -53.22 4.84 32.68
N SER F 135 -52.33 3.89 32.93
CA SER F 135 -51.72 3.10 31.87
C SER F 135 -51.67 1.65 32.30
N VAL F 136 -52.43 0.79 31.63
CA VAL F 136 -52.40 -0.64 31.87
C VAL F 136 -51.50 -1.28 30.81
N VAL F 137 -50.65 -2.21 31.24
CA VAL F 137 -49.57 -2.73 30.40
C VAL F 137 -49.73 -4.24 30.25
N CYS F 138 -49.53 -4.72 29.03
CA CYS F 138 -49.56 -6.14 28.71
C CYS F 138 -48.21 -6.53 28.13
N PHE F 139 -47.50 -7.40 28.83
CA PHE F 139 -46.19 -7.88 28.41
C PHE F 139 -46.30 -9.33 27.96
N LEU F 140 -45.82 -9.61 26.74
CA LEU F 140 -45.88 -10.94 26.15
C LEU F 140 -44.45 -11.33 25.81
N ASN F 141 -43.88 -12.23 26.59
CA ASN F 141 -42.46 -12.55 26.51
C ASN F 141 -42.25 -13.96 25.96
N ASN F 142 -41.17 -14.12 25.19
CA ASN F 142 -40.64 -15.42 24.78
C ASN F 142 -41.65 -16.21 23.95
N PHE F 143 -42.04 -15.63 22.81
CA PHE F 143 -42.96 -16.27 21.89
C PHE F 143 -42.41 -16.22 20.48
N TYR F 144 -42.80 -17.21 19.68
CA TYR F 144 -42.41 -17.35 18.29
C TYR F 144 -43.60 -18.00 17.59
N PRO F 145 -43.92 -17.60 16.34
CA PRO F 145 -43.25 -16.60 15.48
C PRO F 145 -43.61 -15.15 15.78
N LYS F 146 -43.36 -14.29 14.79
CA LYS F 146 -43.60 -12.85 14.92
C LYS F 146 -45.08 -12.56 15.12
N ASP F 147 -45.95 -13.20 14.34
CA ASP F 147 -47.35 -12.80 14.29
C ASP F 147 -48.07 -13.18 15.58
N ILE F 148 -48.73 -12.18 16.17
CA ILE F 148 -49.54 -12.38 17.37
C ILE F 148 -50.53 -11.23 17.44
N ASN F 149 -51.64 -11.45 18.15
CA ASN F 149 -52.67 -10.43 18.29
C ASN F 149 -52.98 -10.22 19.76
N VAL F 150 -53.16 -8.97 20.14
CA VAL F 150 -53.47 -8.59 21.52
C VAL F 150 -54.76 -7.78 21.53
N LYS F 151 -55.72 -8.20 22.35
CA LYS F 151 -56.98 -7.48 22.49
C LYS F 151 -57.23 -7.16 23.96
N TRP F 152 -57.71 -5.94 24.19
CA TRP F 152 -58.05 -5.44 25.51
C TRP F 152 -59.56 -5.44 25.67
N LYS F 153 -60.06 -6.02 26.76
CA LYS F 153 -61.48 -6.02 27.04
C LYS F 153 -61.73 -5.38 28.40
N ILE F 154 -62.68 -4.45 28.43
CA ILE F 154 -63.02 -3.66 29.61
C ILE F 154 -64.37 -4.17 30.09
N ASP F 155 -64.38 -5.02 31.11
CA ASP F 155 -65.58 -5.71 31.58
C ASP F 155 -66.25 -6.47 30.43
N GLY F 156 -65.43 -7.06 29.56
CA GLY F 156 -65.92 -7.76 28.40
C GLY F 156 -66.22 -6.88 27.20
N SER F 157 -65.90 -5.60 27.25
CA SER F 157 -66.14 -4.68 26.15
C SER F 157 -64.84 -4.37 25.44
N GLU F 158 -64.84 -4.52 24.12
CA GLU F 158 -63.63 -4.32 23.32
C GLU F 158 -63.22 -2.85 23.32
N ARG F 159 -61.91 -2.63 23.29
CA ARG F 159 -61.34 -1.27 23.28
C ARG F 159 -60.14 -1.28 22.34
N GLN F 160 -60.30 -0.66 21.18
CA GLN F 160 -59.25 -0.62 20.15
C GLN F 160 -58.90 0.82 19.78
N ASN F 161 -58.85 1.70 20.78
CA ASN F 161 -58.56 3.12 20.54
C ASN F 161 -57.25 3.55 21.17
N GLY F 162 -57.07 3.33 22.47
CA GLY F 162 -55.88 3.77 23.16
C GLY F 162 -54.79 2.72 23.25
N VAL F 163 -54.87 1.70 22.40
CA VAL F 163 -53.92 0.60 22.41
C VAL F 163 -52.71 0.98 21.57
N LEU F 164 -51.53 0.97 22.20
CA LEU F 164 -50.27 1.22 21.53
C LEU F 164 -49.40 -0.03 21.58
N ASN F 165 -48.73 -0.32 20.46
CA ASN F 165 -48.03 -1.58 20.25
C ASN F 165 -46.54 -1.31 20.13
N SER F 166 -45.74 -2.14 20.80
CA SER F 166 -44.28 -2.07 20.71
C SER F 166 -43.73 -3.47 20.58
N TRP F 167 -42.82 -3.67 19.62
CA TRP F 167 -42.30 -4.99 19.30
C TRP F 167 -40.78 -4.94 19.34
N THR F 168 -40.18 -5.82 20.15
CA THR F 168 -38.73 -5.92 20.18
C THR F 168 -38.23 -6.72 18.98
N ASP F 169 -36.94 -6.58 18.70
CA ASP F 169 -36.29 -7.39 17.69
C ASP F 169 -35.98 -8.78 18.24
N GLN F 170 -35.58 -9.67 17.35
CA GLN F 170 -35.35 -11.05 17.72
C GLN F 170 -34.16 -11.16 18.68
N ASP F 171 -34.31 -11.98 19.71
CA ASP F 171 -33.25 -12.18 20.67
C ASP F 171 -32.08 -12.93 20.04
N SER F 172 -30.87 -12.56 20.46
CA SER F 172 -29.66 -13.17 19.93
C SER F 172 -29.30 -14.49 20.60
N LYS F 173 -30.04 -14.89 21.64
CA LYS F 173 -29.75 -16.14 22.34
C LYS F 173 -30.76 -17.23 22.01
N ASP F 174 -32.05 -16.97 22.20
CA ASP F 174 -33.08 -17.97 21.99
C ASP F 174 -34.06 -17.65 20.86
N SER F 175 -33.83 -16.56 20.14
CA SER F 175 -34.58 -16.23 18.92
C SER F 175 -36.07 -16.06 19.19
N THR F 176 -36.41 -15.55 20.36
CA THR F 176 -37.80 -15.32 20.72
C THR F 176 -38.14 -13.85 20.55
N TYR F 177 -39.33 -13.45 20.97
CA TYR F 177 -39.78 -12.08 20.80
C TYR F 177 -40.51 -11.60 22.05
N SER F 178 -40.54 -10.28 22.22
CA SER F 178 -41.28 -9.65 23.30
C SER F 178 -42.19 -8.58 22.72
N MET F 179 -43.38 -8.45 23.32
CA MET F 179 -44.42 -7.56 22.82
C MET F 179 -44.98 -6.78 23.99
N SER F 180 -45.19 -5.47 23.77
CA SER F 180 -45.74 -4.59 24.78
C SER F 180 -46.99 -3.93 24.23
N SER F 181 -48.11 -4.10 24.90
CA SER F 181 -49.38 -3.47 24.52
C SER F 181 -49.84 -2.60 25.67
N THR F 182 -49.84 -1.29 25.47
CA THR F 182 -50.21 -0.37 26.53
C THR F 182 -51.53 0.32 26.21
N LEU F 183 -52.34 0.53 27.24
CA LEU F 183 -53.62 1.21 27.12
C LEU F 183 -53.61 2.41 28.06
N THR F 184 -53.81 3.60 27.50
CA THR F 184 -53.78 4.85 28.24
C THR F 184 -55.19 5.40 28.36
N LEU F 185 -55.58 5.78 29.57
CA LEU F 185 -56.91 6.29 29.86
C LEU F 185 -56.80 7.43 30.87
N THR F 186 -57.87 8.21 30.97
CA THR F 186 -57.95 9.23 31.99
C THR F 186 -58.36 8.62 33.33
N LYS F 187 -58.29 9.43 34.38
CA LYS F 187 -58.59 8.94 35.72
C LYS F 187 -60.05 8.52 35.84
N ASP F 188 -60.98 9.31 35.31
CA ASP F 188 -62.39 8.96 35.39
C ASP F 188 -62.70 7.71 34.59
N GLU F 189 -62.07 7.56 33.42
CA GLU F 189 -62.28 6.36 32.61
C GLU F 189 -61.76 5.11 33.31
N TYR F 190 -60.61 5.23 34.00
CA TYR F 190 -60.10 4.11 34.76
C TYR F 190 -61.01 3.77 35.94
N GLU F 191 -61.51 4.79 36.64
CA GLU F 191 -62.34 4.56 37.82
C GLU F 191 -63.75 4.10 37.46
N ARG F 192 -64.19 4.31 36.22
CA ARG F 192 -65.53 3.88 35.83
C ARG F 192 -65.66 2.36 35.83
N HIS F 193 -64.64 1.66 35.37
CA HIS F 193 -64.70 0.22 35.18
C HIS F 193 -63.85 -0.49 36.22
N ASN F 194 -64.09 -1.80 36.36
CA ASN F 194 -63.45 -2.60 37.39
C ASN F 194 -62.52 -3.66 36.82
N SER F 195 -63.01 -4.53 35.94
CA SER F 195 -62.24 -5.67 35.46
C SER F 195 -61.67 -5.37 34.08
N TYR F 196 -60.35 -5.51 33.95
CA TYR F 196 -59.66 -5.33 32.68
C TYR F 196 -58.96 -6.65 32.34
N THR F 197 -59.07 -7.08 31.09
CA THR F 197 -58.44 -8.32 30.67
C THR F 197 -57.69 -8.17 29.36
N CYS F 198 -56.56 -8.85 29.28
CA CYS F 198 -55.72 -8.92 28.09
C CYS F 198 -55.82 -10.33 27.52
N GLU F 199 -56.10 -10.42 26.22
CA GLU F 199 -56.22 -11.69 25.53
C GLU F 199 -55.23 -11.72 24.38
N ALA F 200 -54.44 -12.79 24.31
CA ALA F 200 -53.37 -12.94 23.33
C ALA F 200 -53.68 -14.13 22.42
N THR F 201 -53.90 -13.85 21.15
CA THR F 201 -54.14 -14.88 20.14
C THR F 201 -52.85 -15.15 19.40
N HIS F 202 -52.37 -16.39 19.47
CA HIS F 202 -51.11 -16.79 18.87
C HIS F 202 -51.32 -18.05 18.06
N LYS F 203 -50.36 -18.33 17.16
CA LYS F 203 -50.44 -19.50 16.31
C LYS F 203 -50.26 -20.79 17.10
N THR F 204 -49.48 -20.73 18.19
CA THR F 204 -49.08 -21.96 18.89
C THR F 204 -50.28 -22.71 19.45
N SER F 205 -51.23 -22.00 20.03
CA SER F 205 -52.42 -22.62 20.61
C SER F 205 -53.67 -22.07 19.94
N THR F 206 -54.79 -22.75 20.17
CA THR F 206 -56.09 -22.32 19.65
C THR F 206 -56.84 -21.44 20.64
N SER F 207 -56.76 -21.75 21.93
CA SER F 207 -57.37 -20.90 22.94
C SER F 207 -56.44 -19.73 23.26
N PRO F 208 -56.88 -18.49 23.07
CA PRO F 208 -56.01 -17.36 23.40
C PRO F 208 -55.68 -17.31 24.90
N ILE F 209 -54.48 -16.86 25.20
CA ILE F 209 -54.04 -16.73 26.59
C ILE F 209 -54.69 -15.50 27.20
N VAL F 210 -55.43 -15.70 28.28
CA VAL F 210 -56.21 -14.65 28.92
C VAL F 210 -55.64 -14.38 30.31
N LYS F 211 -55.37 -13.11 30.61
CA LYS F 211 -55.12 -12.73 31.98
C LYS F 211 -55.98 -11.53 32.32
N SER F 212 -56.29 -11.37 33.61
CA SER F 212 -57.29 -10.42 34.05
C SER F 212 -56.86 -9.78 35.36
N PHE F 213 -57.46 -8.63 35.66
CA PHE F 213 -57.35 -8.06 36.99
C PHE F 213 -58.57 -7.19 37.25
N ASN F 214 -58.83 -6.92 38.52
CA ASN F 214 -60.00 -6.17 38.96
C ASN F 214 -59.58 -4.85 39.57
N ARG F 215 -60.50 -3.88 39.51
CA ARG F 215 -60.28 -2.51 39.99
C ARG F 215 -59.04 -1.88 39.38
ZN ZN G . 8.71 15.53 -53.13
#